data_5GW1
#
_entry.id   5GW1
#
_cell.length_a   75.670
_cell.length_b   133.060
_cell.length_c   215.370
_cell.angle_alpha   90.000
_cell.angle_beta   90.000
_cell.angle_gamma   90.000
#
_symmetry.space_group_name_H-M   'P 21 21 21'
#
_entity_poly.entity_id   1
_entity_poly.type   'polypeptide(L)'
_entity_poly.pdbx_seq_one_letter_code
;TVNWEDRPSTPTILGYEV(MSE)EERAKFTVYKILVKKTPEESWVVFRRYTDFSRLNDKLKE(MSE)FPGFRLALPPKRW
FKDNYNADFLEDRQLGLQAFLQNLVAHKDIANCLAVREFLCLDDPPGPFDSLEESRAFCETLEETNYRLQKELLEKQKE
(MSE)ESLKKLLSEKQLHIDTLENRIRTLSLE
;
_entity_poly.pdbx_strand_id   A,B,C,D,E,F,G,H
#
# COMPACT_ATOMS: atom_id res chain seq x y z
N GLU A 5 1.54 -70.49 -63.26
CA GLU A 5 0.81 -71.26 -62.26
C GLU A 5 1.81 -71.90 -61.28
N ASP A 6 2.21 -71.10 -60.28
CA ASP A 6 3.21 -71.47 -59.28
C ASP A 6 3.25 -70.43 -58.16
N ARG A 7 4.22 -70.58 -57.26
CA ARG A 7 4.45 -69.63 -56.17
C ARG A 7 4.72 -68.18 -56.59
N PRO A 8 3.80 -67.28 -56.24
CA PRO A 8 3.96 -65.83 -56.43
C PRO A 8 5.07 -65.30 -55.52
N SER A 9 6.00 -64.52 -56.03
CA SER A 9 7.16 -64.15 -55.23
C SER A 9 6.62 -63.16 -54.23
N THR A 10 7.36 -62.88 -53.17
CA THR A 10 6.92 -61.91 -52.18
C THR A 10 6.76 -60.51 -52.78
N PRO A 11 5.49 -60.03 -52.86
CA PRO A 11 5.17 -58.68 -53.35
C PRO A 11 5.96 -57.66 -52.54
N THR A 12 6.52 -56.69 -53.22
CA THR A 12 7.33 -55.69 -52.55
C THR A 12 6.56 -54.41 -52.27
N ILE A 13 6.73 -53.87 -51.07
CA ILE A 13 6.14 -52.60 -50.74
C ILE A 13 7.23 -51.60 -50.95
N LEU A 14 7.04 -50.68 -51.88
CA LEU A 14 8.13 -49.77 -52.22
C LEU A 14 8.24 -48.69 -51.17
N GLY A 15 7.09 -48.13 -50.85
CA GLY A 15 6.98 -47.11 -49.84
C GLY A 15 5.54 -46.65 -49.84
N TYR A 16 5.29 -45.49 -49.26
CA TYR A 16 3.95 -44.93 -49.23
C TYR A 16 3.94 -43.46 -49.59
N GLU A 17 2.78 -42.95 -49.93
CA GLU A 17 2.63 -41.52 -50.11
C GLU A 17 1.21 -41.09 -49.70
N VAL A 18 1.12 -39.89 -49.17
CA VAL A 18 -0.17 -39.35 -48.76
C VAL A 18 -0.93 -38.78 -49.94
N GLU A 20 -5.18 -38.03 -51.72
CA GLU A 20 -6.41 -37.40 -51.32
C GLU A 20 -7.69 -37.76 -52.05
N GLU A 21 -8.76 -37.85 -51.24
CA GLU A 21 -10.14 -37.54 -51.59
C GLU A 21 -10.38 -36.16 -51.00
N ARG A 22 -9.28 -35.46 -50.66
CA ARG A 22 -9.27 -34.18 -49.94
C ARG A 22 -9.73 -34.43 -48.53
N ALA A 23 -9.60 -35.71 -48.21
CA ALA A 23 -9.38 -36.18 -46.89
C ALA A 23 -7.97 -36.72 -47.09
N LYS A 24 -7.05 -36.48 -46.17
CA LYS A 24 -5.69 -36.93 -46.39
C LYS A 24 -5.59 -38.38 -45.97
N PHE A 25 -5.14 -39.24 -46.88
CA PHE A 25 -4.93 -40.67 -46.57
C PHE A 25 -3.51 -41.12 -46.82
N THR A 26 -3.02 -42.09 -46.06
CA THR A 26 -1.70 -42.66 -46.38
C THR A 26 -1.93 -43.92 -47.23
N VAL A 27 -1.32 -43.93 -48.41
CA VAL A 27 -1.45 -45.09 -49.28
C VAL A 27 -0.10 -45.77 -49.53
N TYR A 28 -0.11 -47.10 -49.66
CA TYR A 28 1.08 -47.89 -49.84
C TYR A 28 1.20 -48.37 -51.26
N LYS A 29 2.39 -48.18 -51.83
CA LYS A 29 2.73 -48.64 -53.17
C LYS A 29 3.27 -50.05 -53.06
N ILE A 30 2.55 -51.01 -53.64
CA ILE A 30 2.96 -52.40 -53.62
C ILE A 30 3.31 -52.84 -55.04
N LEU A 31 4.57 -53.22 -55.26
CA LEU A 31 4.94 -53.74 -56.56
C LEU A 31 4.77 -55.24 -56.48
N VAL A 32 4.03 -55.80 -57.43
CA VAL A 32 3.80 -57.24 -57.48
C VAL A 32 4.21 -57.75 -58.87
N LYS A 33 4.97 -58.84 -58.85
CA LYS A 33 5.60 -59.44 -60.01
C LYS A 33 4.99 -60.80 -60.29
N LYS A 34 4.46 -60.95 -61.51
CA LYS A 34 3.93 -62.22 -62.00
C LYS A 34 5.05 -63.11 -62.55
N THR A 35 5.55 -62.76 -63.72
CA THR A 35 6.71 -63.40 -64.30
C THR A 35 7.78 -62.31 -64.45
N PRO A 36 9.05 -62.67 -64.70
CA PRO A 36 10.12 -61.68 -64.84
C PRO A 36 9.83 -60.60 -65.91
N GLU A 37 8.77 -60.82 -66.68
CA GLU A 37 8.29 -59.89 -67.70
C GLU A 37 7.16 -59.02 -67.16
N GLU A 38 6.02 -59.65 -66.86
CA GLU A 38 4.84 -58.96 -66.32
C GLU A 38 4.92 -58.53 -64.84
N SER A 39 4.82 -57.22 -64.59
CA SER A 39 4.77 -56.70 -63.21
C SER A 39 3.96 -55.40 -63.15
N TRP A 40 3.34 -55.15 -62.00
CA TRP A 40 2.57 -53.92 -61.81
C TRP A 40 2.58 -53.37 -60.38
N VAL A 41 1.97 -52.21 -60.20
CA VAL A 41 1.94 -51.58 -58.89
C VAL A 41 0.51 -51.32 -58.45
N VAL A 42 0.19 -51.66 -57.20
CA VAL A 42 -1.12 -51.38 -56.64
C VAL A 42 -1.05 -50.45 -55.42
N PHE A 43 -2.07 -49.64 -55.26
CA PHE A 43 -2.15 -48.73 -54.14
C PHE A 43 -3.13 -49.30 -53.10
N ARG A 44 -2.70 -49.41 -51.85
CA ARG A 44 -3.58 -49.94 -50.81
C ARG A 44 -3.44 -49.13 -49.53
N ARG A 45 -4.55 -48.83 -48.86
CA ARG A 45 -4.56 -48.17 -47.54
C ARG A 45 -4.42 -49.22 -46.47
N TYR A 46 -3.98 -48.83 -45.27
CA TYR A 46 -3.96 -49.75 -44.14
C TYR A 46 -5.30 -50.46 -43.92
N THR A 47 -6.35 -49.69 -44.15
CA THR A 47 -7.73 -50.15 -44.06
C THR A 47 -8.06 -51.30 -45.03
N ASP A 48 -7.51 -51.26 -46.24
CA ASP A 48 -7.80 -52.29 -47.24
C ASP A 48 -7.16 -53.58 -46.78
N PHE A 49 -5.96 -53.43 -46.20
CA PHE A 49 -5.25 -54.53 -45.57
C PHE A 49 -6.12 -55.12 -44.48
N SER A 50 -6.67 -54.24 -43.65
CA SER A 50 -7.51 -54.70 -42.56
C SER A 50 -8.73 -55.48 -43.05
N ARG A 51 -9.40 -54.95 -44.06
CA ARG A 51 -10.57 -55.64 -44.62
C ARG A 51 -10.23 -57.00 -45.19
N LEU A 52 -9.18 -57.05 -46.01
CA LEU A 52 -8.73 -58.32 -46.59
C LEU A 52 -8.46 -59.32 -45.49
N ASN A 53 -7.77 -58.85 -44.45
CA ASN A 53 -7.44 -59.71 -43.34
C ASN A 53 -8.64 -60.23 -42.59
N ASP A 54 -9.64 -59.38 -42.40
CA ASP A 54 -10.87 -59.80 -41.74
C ASP A 54 -11.56 -60.89 -42.56
N LYS A 55 -11.58 -60.70 -43.88
CA LYS A 55 -12.11 -61.73 -44.77
C LYS A 55 -11.28 -63.01 -44.65
N LEU A 56 -9.98 -62.87 -44.42
CA LEU A 56 -9.12 -64.03 -44.24
C LEU A 56 -9.39 -64.77 -42.94
N LYS A 57 -9.68 -64.04 -41.87
CA LYS A 57 -9.99 -64.65 -40.59
C LYS A 57 -11.29 -65.39 -40.77
N GLU A 58 -12.14 -64.85 -41.64
CA GLU A 58 -13.42 -65.46 -41.93
C GLU A 58 -13.31 -66.74 -42.75
N PHE A 60 -10.25 -68.54 -43.65
CA PHE A 60 -9.31 -69.51 -43.12
C PHE A 60 -9.10 -69.17 -41.67
N PRO A 61 -9.91 -69.77 -40.80
CA PRO A 61 -9.72 -69.63 -39.36
C PRO A 61 -8.45 -70.37 -38.95
N GLY A 62 -8.26 -71.55 -39.53
CA GLY A 62 -7.11 -72.41 -39.28
C GLY A 62 -5.74 -71.74 -39.26
N PHE A 63 -5.56 -70.74 -40.12
CA PHE A 63 -4.31 -69.99 -40.16
C PHE A 63 -4.66 -68.51 -39.98
N ARG A 64 -4.07 -67.84 -38.99
CA ARG A 64 -4.44 -66.44 -38.77
C ARG A 64 -3.26 -65.45 -38.80
N LEU A 65 -3.40 -64.37 -39.55
CA LEU A 65 -2.31 -63.44 -39.83
C LEU A 65 -2.22 -62.20 -38.97
N ALA A 66 -0.99 -61.81 -38.63
CA ALA A 66 -0.71 -60.57 -37.90
C ALA A 66 -0.70 -59.30 -38.79
N LEU A 67 -1.00 -58.16 -38.19
CA LEU A 67 -0.96 -56.86 -38.85
C LEU A 67 -0.54 -55.88 -37.78
N PRO A 68 0.24 -54.87 -38.14
CA PRO A 68 0.69 -53.89 -37.14
C PRO A 68 -0.50 -53.21 -36.45
N PRO A 69 -0.28 -52.66 -35.25
CA PRO A 69 -1.37 -52.08 -34.44
C PRO A 69 -2.14 -50.99 -35.19
N LYS A 70 -3.46 -51.09 -35.21
CA LYS A 70 -4.35 -50.03 -35.70
C LYS A 70 -4.09 -48.64 -35.06
N ARG A 71 -4.33 -47.57 -35.81
CA ARG A 71 -4.20 -46.20 -35.28
C ARG A 71 -5.16 -45.99 -34.13
N TRP A 72 -6.29 -46.70 -34.18
CA TRP A 72 -7.43 -46.51 -33.28
C TRP A 72 -8.12 -45.17 -33.53
N PHE A 73 -7.97 -44.71 -34.77
CA PHE A 73 -8.53 -43.46 -35.29
C PHE A 73 -7.79 -42.21 -34.86
N LYS A 74 -6.97 -42.33 -33.81
CA LYS A 74 -6.22 -41.17 -33.32
C LYS A 74 -4.90 -41.15 -34.07
N ASP A 75 -4.72 -40.14 -34.91
CA ASP A 75 -3.71 -40.22 -35.95
C ASP A 75 -2.31 -39.84 -35.52
N ASN A 76 -1.33 -40.56 -36.07
CA ASN A 76 0.08 -40.36 -35.72
C ASN A 76 0.96 -40.01 -36.91
N TYR A 77 1.54 -38.82 -36.87
CA TYR A 77 2.55 -38.50 -37.86
C TYR A 77 3.89 -38.38 -37.10
N ASN A 78 4.70 -39.42 -37.25
CA ASN A 78 5.58 -39.82 -36.16
C ASN A 78 6.83 -40.62 -36.55
N ALA A 79 7.90 -40.47 -35.77
CA ALA A 79 9.13 -41.28 -35.89
C ALA A 79 8.77 -42.77 -35.77
N ASP A 80 9.54 -43.67 -36.39
CA ASP A 80 9.25 -45.11 -36.28
C ASP A 80 7.80 -45.34 -36.68
N PHE A 81 7.11 -46.24 -35.96
CA PHE A 81 5.67 -46.47 -36.20
C PHE A 81 5.37 -46.72 -37.68
N LEU A 82 5.07 -45.63 -38.39
CA LEU A 82 4.85 -45.66 -39.84
C LEU A 82 5.88 -46.55 -40.55
N GLU A 83 7.17 -46.36 -40.25
CA GLU A 83 8.16 -47.32 -40.71
C GLU A 83 7.86 -48.72 -40.16
N ASP A 84 7.63 -48.80 -38.85
CA ASP A 84 7.29 -50.08 -38.22
C ASP A 84 6.03 -50.65 -38.88
N ARG A 85 5.05 -49.79 -39.18
CA ARG A 85 3.83 -50.24 -39.84
C ARG A 85 4.17 -50.88 -41.17
N GLN A 86 4.93 -50.17 -42.01
CA GLN A 86 5.33 -50.73 -43.30
C GLN A 86 6.06 -52.07 -43.20
N LEU A 87 6.92 -52.20 -42.19
CA LEU A 87 7.62 -53.45 -41.99
C LEU A 87 6.60 -54.54 -41.72
N GLY A 88 5.63 -54.22 -40.86
CA GLY A 88 4.60 -55.16 -40.48
C GLY A 88 3.75 -55.60 -41.65
N LEU A 89 3.36 -54.65 -42.48
CA LEU A 89 2.56 -54.92 -43.66
C LEU A 89 3.34 -55.77 -44.66
N GLN A 90 4.63 -55.47 -44.78
CA GLN A 90 5.51 -56.24 -45.63
C GLN A 90 5.53 -57.69 -45.17
N ALA A 91 5.66 -57.87 -43.87
CA ALA A 91 5.62 -59.21 -43.30
C ALA A 91 4.29 -59.86 -43.63
N PHE A 92 3.22 -59.10 -43.48
CA PHE A 92 1.87 -59.56 -43.79
C PHE A 92 1.80 -60.13 -45.22
N LEU A 93 2.28 -59.35 -46.18
CA LEU A 93 2.30 -59.81 -47.56
C LEU A 93 3.13 -61.09 -47.71
N GLN A 94 4.33 -61.11 -47.15
CA GLN A 94 5.21 -62.27 -47.26
C GLN A 94 4.57 -63.56 -46.80
N ASN A 95 4.06 -63.53 -45.58
CA ASN A 95 3.34 -64.66 -44.99
C ASN A 95 2.07 -64.97 -45.76
N LEU A 96 1.47 -63.95 -46.37
CA LEU A 96 0.20 -64.11 -47.08
C LEU A 96 0.35 -64.87 -48.40
N VAL A 97 1.45 -64.64 -49.11
CA VAL A 97 1.71 -65.39 -50.36
C VAL A 97 2.52 -66.64 -50.07
N ALA A 98 3.08 -66.75 -48.87
CA ALA A 98 3.84 -67.93 -48.47
C ALA A 98 2.94 -69.13 -48.15
N HIS A 99 1.68 -68.83 -47.84
CA HIS A 99 0.74 -69.87 -47.45
C HIS A 99 0.01 -70.38 -48.69
N LYS A 100 0.36 -71.60 -49.09
CA LYS A 100 -0.15 -72.26 -50.29
C LYS A 100 -1.63 -72.01 -50.64
N ASP A 101 -2.52 -72.15 -49.66
CA ASP A 101 -3.95 -71.98 -49.89
C ASP A 101 -4.50 -70.56 -49.82
N ILE A 102 -3.80 -69.66 -49.13
CA ILE A 102 -4.33 -68.33 -48.99
C ILE A 102 -3.84 -67.41 -50.09
N ALA A 103 -2.87 -67.88 -50.85
CA ALA A 103 -2.30 -67.09 -51.94
C ALA A 103 -3.15 -67.15 -53.19
N ASN A 104 -3.53 -68.34 -53.62
CA ASN A 104 -4.41 -68.45 -54.77
C ASN A 104 -5.85 -68.18 -54.37
N CYS A 105 -6.01 -67.79 -53.11
CA CYS A 105 -7.30 -67.32 -52.62
C CYS A 105 -7.83 -66.18 -53.49
N LEU A 106 -9.16 -66.10 -53.61
CA LEU A 106 -9.79 -65.20 -54.57
C LEU A 106 -9.68 -63.75 -54.13
N ALA A 107 -10.08 -63.46 -52.89
CA ALA A 107 -10.05 -62.08 -52.37
C ALA A 107 -8.64 -61.54 -52.45
N VAL A 108 -7.67 -62.39 -52.17
CA VAL A 108 -6.28 -62.01 -52.24
C VAL A 108 -5.95 -61.65 -53.67
N ARG A 109 -6.44 -62.42 -54.62
CA ARG A 109 -6.15 -62.16 -56.01
C ARG A 109 -6.76 -60.83 -56.41
N GLU A 110 -7.88 -60.52 -55.79
CA GLU A 110 -8.54 -59.27 -56.07
C GLU A 110 -7.75 -58.12 -55.47
N PHE A 111 -7.11 -58.41 -54.35
CA PHE A 111 -6.37 -57.43 -53.58
C PHE A 111 -5.11 -57.02 -54.33
N LEU A 112 -4.36 -58.02 -54.82
CA LEU A 112 -3.12 -57.77 -55.54
C LEU A 112 -3.30 -57.65 -57.04
N CYS A 113 -4.55 -57.69 -57.49
CA CYS A 113 -4.89 -57.70 -58.91
C CYS A 113 -4.07 -58.72 -59.67
N LEU A 114 -4.10 -59.97 -59.23
CA LEU A 114 -3.37 -61.02 -59.93
C LEU A 114 -4.06 -61.33 -61.25
N ASP A 115 -5.37 -61.17 -61.30
CA ASP A 115 -6.12 -61.52 -62.50
C ASP A 115 -6.12 -60.43 -63.59
N ASP A 116 -6.73 -59.28 -63.32
CA ASP A 116 -6.76 -58.17 -64.28
C ASP A 116 -5.97 -56.96 -63.79
N PRO A 117 -4.64 -57.05 -63.87
CA PRO A 117 -3.72 -56.04 -63.35
C PRO A 117 -3.83 -54.71 -64.11
N PRO A 118 -3.61 -53.61 -63.39
CA PRO A 118 -3.62 -52.25 -63.89
C PRO A 118 -2.40 -52.00 -64.75
N GLY A 119 -2.45 -50.99 -65.60
CA GLY A 119 -1.33 -50.73 -66.46
C GLY A 119 -0.38 -49.77 -65.78
N PRO A 120 0.73 -49.47 -66.45
CA PRO A 120 1.77 -48.62 -65.88
C PRO A 120 1.22 -47.24 -65.55
N PHE A 121 0.51 -46.65 -66.50
CA PHE A 121 0.05 -45.28 -66.35
C PHE A 121 -1.26 -45.14 -65.61
N ASP A 122 -1.81 -46.25 -65.13
CA ASP A 122 -3.07 -46.15 -64.43
C ASP A 122 -2.89 -46.10 -62.91
N SER A 123 -2.89 -47.27 -62.27
CA SER A 123 -2.67 -47.44 -60.84
C SER A 123 -3.58 -46.60 -59.94
N LEU A 124 -3.91 -45.41 -60.39
CA LEU A 124 -4.75 -44.48 -59.65
C LEU A 124 -6.17 -44.88 -59.89
N GLU A 125 -6.45 -45.22 -61.14
CA GLU A 125 -7.80 -45.58 -61.54
C GLU A 125 -8.19 -46.80 -60.75
N GLU A 126 -7.34 -47.82 -60.86
CA GLU A 126 -7.49 -49.04 -60.09
C GLU A 126 -7.71 -48.70 -58.62
N SER A 127 -6.80 -47.91 -58.05
CA SER A 127 -6.94 -47.44 -56.67
C SER A 127 -8.36 -47.03 -56.32
N ARG A 128 -8.80 -45.95 -56.94
CA ARG A 128 -10.12 -45.39 -56.67
C ARG A 128 -11.28 -46.39 -56.82
N ALA A 129 -11.05 -47.42 -57.63
CA ALA A 129 -12.04 -48.48 -57.90
C ALA A 129 -11.96 -49.66 -56.93
N PHE A 130 -11.15 -49.52 -55.91
CA PHE A 130 -10.98 -50.61 -54.96
C PHE A 130 -11.34 -50.17 -53.55
N CYS A 131 -10.79 -49.04 -53.12
CA CYS A 131 -11.00 -48.53 -51.78
C CYS A 131 -12.38 -47.87 -51.74
N GLU A 132 -12.95 -47.79 -50.56
CA GLU A 132 -14.25 -47.17 -50.32
C GLU A 132 -14.22 -45.62 -50.34
N THR A 133 -15.04 -44.99 -51.15
CA THR A 133 -15.13 -43.54 -51.12
C THR A 133 -15.84 -43.13 -49.85
N LEU A 134 -15.56 -41.91 -49.37
CA LEU A 134 -16.12 -41.42 -48.13
C LEU A 134 -17.62 -41.67 -47.97
N GLU A 135 -18.40 -41.38 -49.02
CA GLU A 135 -19.84 -41.59 -48.93
C GLU A 135 -20.17 -43.03 -48.66
N GLU A 136 -19.55 -43.95 -49.38
CA GLU A 136 -19.83 -45.35 -49.19
C GLU A 136 -19.53 -45.79 -47.76
N THR A 137 -18.44 -45.28 -47.21
CA THR A 137 -18.08 -45.62 -45.85
C THR A 137 -19.16 -45.11 -44.92
N ASN A 138 -19.57 -43.86 -45.12
CA ASN A 138 -20.60 -43.24 -44.31
C ASN A 138 -21.93 -44.02 -44.34
N TYR A 139 -22.35 -44.40 -45.54
CA TYR A 139 -23.49 -45.24 -45.73
C TYR A 139 -23.39 -46.52 -44.90
N ARG A 140 -22.28 -47.22 -45.13
CA ARG A 140 -21.99 -48.49 -44.50
C ARG A 140 -22.14 -48.36 -43.00
N LEU A 141 -21.58 -47.28 -42.48
CA LEU A 141 -21.60 -46.98 -41.05
C LEU A 141 -23.02 -46.81 -40.52
N GLN A 142 -23.85 -46.07 -41.27
CA GLN A 142 -25.23 -45.83 -40.83
C GLN A 142 -26.03 -47.13 -40.82
N LYS A 143 -25.77 -47.96 -41.82
CA LYS A 143 -26.35 -49.29 -41.83
C LYS A 143 -25.97 -50.04 -40.57
N GLU A 144 -24.69 -50.08 -40.27
CA GLU A 144 -24.21 -50.81 -39.10
C GLU A 144 -24.84 -50.33 -37.78
N LEU A 145 -24.89 -49.00 -37.56
CA LEU A 145 -25.48 -48.47 -36.33
C LEU A 145 -26.98 -48.75 -36.21
N LEU A 146 -27.70 -48.60 -37.30
CA LEU A 146 -29.12 -48.93 -37.29
C LEU A 146 -29.38 -50.41 -36.97
N GLU A 147 -28.75 -51.28 -37.78
CA GLU A 147 -28.90 -52.73 -37.62
C GLU A 147 -28.58 -53.12 -36.18
N LYS A 148 -27.50 -52.56 -35.63
CA LYS A 148 -27.17 -52.79 -34.24
C LYS A 148 -28.31 -52.34 -33.32
N GLN A 149 -28.94 -51.21 -33.61
CA GLN A 149 -30.02 -50.76 -32.71
C GLN A 149 -31.21 -51.72 -32.70
N LYS A 150 -31.66 -52.12 -33.89
CA LYS A 150 -32.78 -53.07 -33.98
C LYS A 150 -32.44 -54.40 -33.30
N GLU A 151 -31.31 -54.98 -33.69
CA GLU A 151 -30.84 -56.24 -33.14
C GLU A 151 -30.71 -56.24 -31.62
N GLU A 153 -32.13 -54.26 -29.54
CA GLU A 153 -33.52 -54.23 -29.06
C GLU A 153 -34.11 -55.66 -28.97
N SER A 154 -33.93 -56.44 -30.04
CA SER A 154 -34.39 -57.83 -30.06
C SER A 154 -33.77 -58.67 -28.94
N LEU A 155 -32.48 -58.45 -28.72
CA LEU A 155 -31.75 -59.13 -27.67
C LEU A 155 -32.35 -58.82 -26.30
N LYS A 156 -32.68 -57.55 -26.09
CA LYS A 156 -33.27 -57.14 -24.80
C LYS A 156 -34.62 -57.82 -24.57
N LYS A 157 -35.43 -57.89 -25.63
CA LYS A 157 -36.69 -58.63 -25.54
C LYS A 157 -36.47 -60.08 -25.13
N LEU A 158 -35.54 -60.74 -25.80
CA LEU A 158 -35.23 -62.13 -25.45
C LEU A 158 -34.75 -62.26 -24.00
N LEU A 159 -34.01 -61.26 -23.53
CA LEU A 159 -33.52 -61.27 -22.16
C LEU A 159 -34.68 -61.31 -21.15
N SER A 160 -35.66 -60.42 -21.33
CA SER A 160 -36.82 -60.42 -20.43
C SER A 160 -37.55 -61.74 -20.43
N GLU A 161 -37.85 -62.24 -21.63
CA GLU A 161 -38.60 -63.49 -21.75
C GLU A 161 -37.88 -64.69 -21.11
N LYS A 162 -36.58 -64.80 -21.38
CA LYS A 162 -35.78 -65.90 -20.86
C LYS A 162 -35.66 -65.87 -19.32
N GLN A 163 -35.55 -64.66 -18.74
CA GLN A 163 -35.51 -64.56 -17.27
C GLN A 163 -36.84 -64.96 -16.59
N LEU A 164 -37.97 -64.53 -17.18
CA LEU A 164 -39.26 -65.00 -16.65
C LEU A 164 -39.43 -66.52 -16.78
N HIS A 165 -38.95 -67.08 -17.88
CA HIS A 165 -38.92 -68.53 -17.99
C HIS A 165 -38.11 -69.11 -16.83
N ILE A 166 -37.00 -68.46 -16.48
CA ILE A 166 -36.23 -68.94 -15.33
C ILE A 166 -37.09 -68.96 -14.06
N ASP A 167 -37.89 -67.93 -13.85
CA ASP A 167 -38.77 -67.93 -12.66
C ASP A 167 -39.77 -69.12 -12.67
N THR A 168 -40.35 -69.39 -13.84
CA THR A 168 -41.25 -70.53 -13.98
C THR A 168 -40.56 -71.87 -13.67
N LEU A 169 -39.37 -72.05 -14.22
CA LEU A 169 -38.62 -73.29 -14.01
C LEU A 169 -38.29 -73.48 -12.54
N GLU A 170 -37.85 -72.40 -11.90
CA GLU A 170 -37.51 -72.44 -10.49
C GLU A 170 -38.70 -72.86 -9.62
N ASN A 171 -39.87 -72.28 -9.88
CA ASN A 171 -41.02 -72.65 -9.06
C ASN A 171 -41.51 -74.07 -9.30
N ARG A 172 -41.49 -74.56 -10.54
CA ARG A 172 -41.89 -75.95 -10.76
C ARG A 172 -40.86 -76.87 -10.10
N ILE A 173 -39.60 -76.47 -10.07
CA ILE A 173 -38.58 -77.27 -9.40
C ILE A 173 -38.82 -77.30 -7.88
N ARG A 174 -39.33 -76.20 -7.33
CA ARG A 174 -39.70 -76.24 -5.92
C ARG A 174 -40.87 -77.21 -5.71
N THR A 175 -41.80 -77.20 -6.67
CA THR A 175 -43.00 -77.99 -6.53
C THR A 175 -42.68 -79.47 -6.58
N LEU A 176 -41.79 -79.90 -7.47
CA LEU A 176 -41.46 -81.32 -7.45
C LEU A 176 -40.28 -81.59 -6.54
N SER A 177 -39.85 -80.56 -5.82
CA SER A 177 -38.79 -80.71 -4.84
C SER A 177 -39.45 -81.22 -3.56
N LEU A 178 -40.64 -80.72 -3.24
CA LEU A 178 -41.34 -81.25 -2.05
C LEU A 178 -42.01 -82.61 -2.28
N GLU A 179 -42.52 -82.85 -3.48
CA GLU A 179 -43.20 -84.12 -3.70
C GLU A 179 -42.29 -85.13 -4.39
N ASP B 6 -39.41 -8.85 -32.26
CA ASP B 6 -38.89 -9.30 -30.98
C ASP B 6 -37.60 -10.12 -31.12
N ARG B 7 -37.55 -11.26 -30.42
CA ARG B 7 -36.44 -12.21 -30.51
C ARG B 7 -36.38 -12.88 -31.89
N PRO B 8 -35.21 -13.45 -32.28
CA PRO B 8 -34.99 -13.71 -33.72
C PRO B 8 -36.07 -14.56 -34.38
N SER B 9 -36.58 -14.06 -35.51
CA SER B 9 -37.92 -14.42 -35.95
C SER B 9 -38.04 -15.70 -36.75
N THR B 10 -37.80 -15.61 -38.05
CA THR B 10 -37.83 -16.78 -38.93
C THR B 10 -36.63 -16.85 -39.86
N PRO B 11 -35.62 -17.65 -39.50
CA PRO B 11 -34.52 -17.72 -40.46
C PRO B 11 -35.05 -18.25 -41.76
N THR B 12 -34.82 -17.51 -42.83
CA THR B 12 -35.23 -17.93 -44.14
C THR B 12 -33.96 -18.34 -44.82
N ILE B 13 -34.01 -19.38 -45.64
CA ILE B 13 -32.80 -19.83 -46.30
C ILE B 13 -32.64 -19.15 -47.65
N LEU B 14 -31.46 -18.57 -47.85
CA LEU B 14 -31.18 -17.80 -49.05
C LEU B 14 -30.89 -18.76 -50.18
N GLY B 15 -30.02 -19.75 -49.95
CA GLY B 15 -29.75 -20.66 -51.07
C GLY B 15 -28.72 -21.74 -50.89
N TYR B 16 -28.25 -22.34 -51.98
CA TYR B 16 -27.26 -23.38 -51.83
C TYR B 16 -26.09 -23.20 -52.77
N GLU B 17 -24.98 -23.85 -52.42
CA GLU B 17 -23.81 -23.89 -53.30
C GLU B 17 -23.10 -25.23 -53.19
N VAL B 18 -22.64 -25.74 -54.34
CA VAL B 18 -21.95 -27.02 -54.38
C VAL B 18 -20.46 -26.81 -54.12
N GLU B 20 -16.62 -28.47 -52.19
CA GLU B 20 -15.85 -29.70 -52.14
C GLU B 20 -14.76 -29.70 -51.07
N GLU B 21 -14.55 -30.84 -50.41
CA GLU B 21 -13.20 -31.39 -50.37
C GLU B 21 -13.22 -32.76 -51.06
N ARG B 22 -12.93 -32.78 -52.37
CA ARG B 22 -12.94 -33.99 -53.24
C ARG B 22 -14.01 -35.03 -52.84
N ALA B 23 -15.02 -34.54 -52.12
CA ALA B 23 -16.28 -35.20 -51.88
C ALA B 23 -17.16 -33.97 -51.92
N LYS B 24 -18.24 -34.02 -52.69
CA LYS B 24 -18.97 -32.80 -52.99
C LYS B 24 -20.03 -32.44 -51.96
N PHE B 25 -19.89 -31.25 -51.37
CA PHE B 25 -20.85 -30.71 -50.41
C PHE B 25 -21.98 -29.96 -51.07
N THR B 26 -23.16 -30.06 -50.47
CA THR B 26 -24.20 -29.07 -50.68
C THR B 26 -24.24 -28.22 -49.42
N VAL B 27 -24.02 -26.91 -49.51
CA VAL B 27 -24.20 -26.11 -48.29
C VAL B 27 -25.31 -25.08 -48.46
N TYR B 28 -26.04 -24.83 -47.37
CA TYR B 28 -27.14 -23.87 -47.37
C TYR B 28 -26.81 -22.59 -46.61
N LYS B 29 -27.00 -21.48 -47.33
CA LYS B 29 -26.81 -20.14 -46.82
C LYS B 29 -28.12 -19.70 -46.21
N ILE B 30 -28.05 -19.48 -44.89
CA ILE B 30 -29.17 -19.16 -44.03
C ILE B 30 -29.09 -17.73 -43.57
N LEU B 31 -30.13 -16.95 -43.87
CA LEU B 31 -30.17 -15.57 -43.41
C LEU B 31 -30.79 -15.50 -42.03
N VAL B 32 -30.08 -14.87 -41.10
CA VAL B 32 -30.51 -14.74 -39.71
C VAL B 32 -30.55 -13.27 -39.26
N LYS B 33 -31.73 -12.84 -38.79
CA LYS B 33 -31.99 -11.44 -38.36
C LYS B 33 -32.33 -11.34 -36.87
N LYS B 34 -32.09 -10.17 -36.27
CA LYS B 34 -32.47 -9.95 -34.88
C LYS B 34 -33.40 -8.74 -34.69
N THR B 35 -32.86 -7.54 -34.84
CA THR B 35 -33.61 -6.28 -34.80
C THR B 35 -33.76 -5.82 -36.25
N PRO B 36 -34.46 -4.69 -36.52
CA PRO B 36 -34.62 -4.32 -37.93
C PRO B 36 -33.31 -4.28 -38.71
N GLU B 37 -32.21 -3.88 -38.07
CA GLU B 37 -30.88 -3.90 -38.69
C GLU B 37 -30.05 -5.09 -38.17
N GLU B 38 -28.76 -5.10 -38.53
CA GLU B 38 -27.81 -6.12 -38.10
C GLU B 38 -28.21 -7.50 -38.60
N SER B 39 -28.11 -7.71 -39.91
CA SER B 39 -28.40 -9.01 -40.51
C SER B 39 -27.12 -9.84 -40.72
N TRP B 40 -27.22 -11.15 -40.56
CA TRP B 40 -26.06 -12.01 -40.79
C TRP B 40 -26.38 -13.35 -41.43
N VAL B 41 -25.33 -14.05 -41.80
CA VAL B 41 -25.41 -15.30 -42.54
C VAL B 41 -24.78 -16.47 -41.81
N VAL B 42 -25.47 -17.61 -41.80
CA VAL B 42 -24.92 -18.85 -41.25
C VAL B 42 -24.83 -19.93 -42.34
N PHE B 43 -23.76 -20.72 -42.35
CA PHE B 43 -23.64 -21.79 -43.33
C PHE B 43 -23.86 -23.13 -42.68
N ARG B 44 -24.81 -23.89 -43.20
CA ARG B 44 -25.10 -25.20 -42.62
C ARG B 44 -25.35 -26.25 -43.70
N ARG B 45 -24.97 -27.48 -43.43
CA ARG B 45 -25.25 -28.53 -44.40
C ARG B 45 -26.25 -29.50 -43.81
N TYR B 46 -26.83 -30.28 -44.69
CA TYR B 46 -27.86 -31.26 -44.37
C TYR B 46 -27.45 -32.07 -43.13
N THR B 47 -26.16 -32.36 -43.00
CA THR B 47 -25.61 -33.04 -41.83
C THR B 47 -25.94 -32.39 -40.49
N ASP B 48 -25.71 -31.08 -40.41
CA ASP B 48 -25.90 -30.35 -39.15
C ASP B 48 -27.38 -30.21 -38.79
N PHE B 49 -28.21 -29.99 -39.80
CA PHE B 49 -29.65 -29.96 -39.62
C PHE B 49 -30.10 -31.27 -39.00
N SER B 50 -29.60 -32.38 -39.56
CA SER B 50 -29.92 -33.70 -39.03
C SER B 50 -29.42 -33.87 -37.60
N ARG B 51 -28.23 -33.37 -37.32
CA ARG B 51 -27.68 -33.41 -35.96
C ARG B 51 -28.54 -32.69 -34.93
N LEU B 52 -28.91 -31.46 -35.26
CA LEU B 52 -29.79 -30.66 -34.43
C LEU B 52 -31.10 -31.42 -34.19
N ASN B 53 -31.63 -32.01 -35.26
CA ASN B 53 -32.85 -32.79 -35.18
C ASN B 53 -32.71 -33.99 -34.23
N ASP B 54 -31.56 -34.63 -34.25
CA ASP B 54 -31.28 -35.70 -33.29
C ASP B 54 -31.28 -35.18 -31.87
N LYS B 55 -30.69 -34.00 -31.67
CA LYS B 55 -30.68 -33.41 -30.33
C LYS B 55 -32.10 -33.11 -29.82
N LEU B 56 -32.97 -32.59 -30.69
CA LEU B 56 -34.33 -32.32 -30.25
C LEU B 56 -35.06 -33.63 -29.95
N LYS B 57 -34.87 -34.63 -30.80
CA LYS B 57 -35.50 -35.93 -30.59
C LYS B 57 -34.90 -36.62 -29.35
N GLU B 58 -33.73 -36.14 -28.93
CA GLU B 58 -33.06 -36.59 -27.72
C GLU B 58 -33.76 -36.05 -26.49
N PHE B 60 -36.25 -33.71 -26.22
CA PHE B 60 -37.67 -33.43 -26.28
C PHE B 60 -38.33 -34.42 -27.23
N PRO B 61 -38.79 -35.55 -26.70
CA PRO B 61 -39.47 -36.50 -27.60
C PRO B 61 -40.81 -35.95 -28.09
N GLY B 62 -41.49 -35.18 -27.24
CA GLY B 62 -42.84 -34.71 -27.50
C GLY B 62 -43.22 -34.19 -28.88
N PHE B 63 -42.34 -33.46 -29.53
CA PHE B 63 -42.62 -32.98 -30.88
C PHE B 63 -41.51 -33.39 -31.83
N ARG B 64 -41.88 -33.96 -32.98
CA ARG B 64 -40.91 -34.39 -33.98
C ARG B 64 -41.05 -33.58 -35.27
N LEU B 65 -39.90 -33.11 -35.75
CA LEU B 65 -39.81 -32.18 -36.89
C LEU B 65 -39.46 -32.83 -38.24
N ALA B 66 -40.05 -32.32 -39.32
CA ALA B 66 -39.81 -32.87 -40.64
C ALA B 66 -38.46 -32.50 -41.24
N LEU B 67 -37.94 -33.38 -42.09
CA LEU B 67 -36.72 -33.17 -42.87
C LEU B 67 -36.88 -33.94 -44.17
N PRO B 68 -36.47 -33.35 -45.30
CA PRO B 68 -36.62 -33.99 -46.62
C PRO B 68 -35.89 -35.34 -46.68
N PRO B 69 -36.31 -36.22 -47.61
CA PRO B 69 -35.76 -37.58 -47.63
C PRO B 69 -34.25 -37.61 -47.88
N LYS B 70 -33.51 -38.26 -46.99
CA LYS B 70 -32.11 -38.58 -47.24
C LYS B 70 -32.03 -39.50 -48.46
N ARG B 71 -31.20 -39.18 -49.44
CA ARG B 71 -31.08 -40.01 -50.63
C ARG B 71 -29.63 -40.42 -50.80
N TRP B 72 -29.36 -41.68 -51.09
CA TRP B 72 -27.97 -42.08 -51.21
C TRP B 72 -27.42 -42.22 -52.61
N PHE B 73 -27.74 -43.33 -53.24
CA PHE B 73 -27.06 -43.70 -54.47
C PHE B 73 -27.55 -42.90 -55.68
N LYS B 74 -28.85 -42.65 -55.75
CA LYS B 74 -29.42 -41.91 -56.88
C LYS B 74 -28.76 -40.53 -56.85
N ASP B 75 -28.78 -39.82 -57.98
CA ASP B 75 -27.96 -38.63 -58.15
C ASP B 75 -28.26 -37.60 -57.05
N ASN B 76 -27.22 -37.25 -56.30
CA ASN B 76 -27.36 -36.39 -55.14
C ASN B 76 -27.74 -34.97 -55.53
N TYR B 77 -27.44 -34.59 -56.77
CA TYR B 77 -27.80 -33.27 -57.24
C TYR B 77 -28.79 -33.27 -58.42
N ASN B 78 -30.08 -33.09 -58.14
CA ASN B 78 -31.15 -33.04 -59.15
C ASN B 78 -32.04 -31.84 -58.93
N ALA B 79 -32.71 -31.41 -59.99
CA ALA B 79 -33.68 -30.32 -59.92
C ALA B 79 -34.70 -30.48 -58.77
N ASP B 80 -35.61 -31.43 -58.92
CA ASP B 80 -36.61 -31.76 -57.91
C ASP B 80 -36.01 -32.07 -56.54
N PHE B 81 -34.97 -32.89 -56.51
CA PHE B 81 -34.38 -33.32 -55.25
C PHE B 81 -33.88 -32.14 -54.42
N LEU B 82 -33.05 -31.31 -55.04
CA LEU B 82 -32.52 -30.09 -54.43
C LEU B 82 -33.64 -29.11 -54.03
N GLU B 83 -34.60 -28.90 -54.93
CA GLU B 83 -35.70 -27.98 -54.67
C GLU B 83 -36.47 -28.38 -53.42
N ASP B 84 -36.89 -29.63 -53.38
CA ASP B 84 -37.60 -30.14 -52.21
C ASP B 84 -36.75 -30.02 -50.98
N ARG B 85 -35.46 -30.35 -51.08
CA ARG B 85 -34.57 -30.25 -49.93
C ARG B 85 -34.64 -28.85 -49.33
N GLN B 86 -34.38 -27.86 -50.18
CA GLN B 86 -34.40 -26.49 -49.71
C GLN B 86 -35.75 -26.11 -49.11
N LEU B 87 -36.83 -26.57 -49.73
CA LEU B 87 -38.16 -26.25 -49.24
C LEU B 87 -38.44 -26.84 -47.85
N GLY B 88 -38.13 -28.11 -47.70
CA GLY B 88 -38.35 -28.85 -46.47
C GLY B 88 -37.52 -28.28 -45.36
N LEU B 89 -36.28 -27.95 -45.67
CA LEU B 89 -35.40 -27.40 -44.67
C LEU B 89 -35.95 -26.07 -44.22
N GLN B 90 -36.51 -25.33 -45.18
CA GLN B 90 -37.12 -24.05 -44.87
C GLN B 90 -38.23 -24.29 -43.84
N ALA B 91 -39.06 -25.29 -44.10
CA ALA B 91 -40.14 -25.66 -43.18
C ALA B 91 -39.62 -26.01 -41.78
N PHE B 92 -38.56 -26.83 -41.74
CA PHE B 92 -37.92 -27.24 -40.49
C PHE B 92 -37.54 -26.00 -39.70
N LEU B 93 -36.97 -25.02 -40.38
CA LEU B 93 -36.60 -23.77 -39.74
C LEU B 93 -37.82 -23.02 -39.19
N GLN B 94 -38.88 -22.92 -39.99
CA GLN B 94 -40.10 -22.22 -39.53
C GLN B 94 -40.58 -22.83 -38.22
N ASN B 95 -40.67 -24.15 -38.21
CA ASN B 95 -41.04 -24.88 -37.00
C ASN B 95 -40.04 -24.72 -35.87
N LEU B 96 -38.77 -24.56 -36.23
CA LEU B 96 -37.69 -24.57 -35.26
C LEU B 96 -37.70 -23.30 -34.45
N VAL B 97 -38.01 -22.18 -35.10
CA VAL B 97 -38.15 -20.94 -34.37
C VAL B 97 -39.55 -20.59 -33.89
N ALA B 98 -40.56 -21.26 -34.43
CA ALA B 98 -41.93 -20.91 -34.07
C ALA B 98 -42.29 -21.41 -32.69
N HIS B 99 -41.60 -22.43 -32.23
CA HIS B 99 -41.97 -23.08 -30.98
C HIS B 99 -41.24 -22.53 -29.77
N LYS B 100 -41.95 -22.48 -28.65
CA LYS B 100 -41.39 -22.01 -27.40
C LYS B 100 -40.41 -23.05 -26.90
N ASP B 101 -39.26 -22.58 -26.39
CA ASP B 101 -38.16 -23.41 -25.92
C ASP B 101 -37.34 -24.03 -27.05
N ILE B 102 -37.90 -24.09 -28.25
CA ILE B 102 -37.14 -24.56 -29.40
C ILE B 102 -36.51 -23.34 -30.09
N ALA B 103 -36.98 -22.16 -29.72
CA ALA B 103 -36.37 -20.92 -30.18
C ALA B 103 -35.20 -20.62 -29.25
N ASN B 104 -35.41 -20.89 -27.96
CA ASN B 104 -34.35 -20.79 -26.98
C ASN B 104 -34.02 -22.15 -26.36
N CYS B 105 -32.93 -22.74 -26.83
CA CYS B 105 -32.39 -24.00 -26.34
C CYS B 105 -30.93 -23.96 -26.72
N LEU B 106 -30.08 -24.72 -26.03
CA LEU B 106 -28.64 -24.53 -26.18
C LEU B 106 -28.19 -24.90 -27.59
N ALA B 107 -28.54 -26.09 -28.03
CA ALA B 107 -28.16 -26.54 -29.36
C ALA B 107 -28.72 -25.58 -30.40
N VAL B 108 -29.94 -25.09 -30.18
CA VAL B 108 -30.57 -24.19 -31.14
C VAL B 108 -29.87 -22.83 -31.28
N ARG B 109 -29.48 -22.21 -30.18
CA ARG B 109 -28.77 -20.94 -30.28
C ARG B 109 -27.33 -21.11 -30.74
N GLU B 110 -26.72 -22.25 -30.40
CA GLU B 110 -25.33 -22.52 -30.81
C GLU B 110 -25.32 -22.70 -32.31
N PHE B 111 -26.44 -23.21 -32.81
CA PHE B 111 -26.67 -23.48 -34.22
C PHE B 111 -26.89 -22.23 -35.07
N LEU B 112 -27.80 -21.37 -34.63
CA LEU B 112 -28.24 -20.21 -35.40
C LEU B 112 -27.39 -18.96 -35.16
N CYS B 113 -26.31 -19.12 -34.41
CA CYS B 113 -25.42 -18.04 -34.01
C CYS B 113 -26.12 -16.74 -33.59
N LEU B 114 -26.87 -16.84 -32.49
CA LEU B 114 -27.57 -15.73 -31.84
C LEU B 114 -26.60 -14.80 -31.10
N ASP B 115 -25.58 -15.39 -30.44
CA ASP B 115 -24.60 -14.64 -29.64
C ASP B 115 -23.45 -14.03 -30.44
N ASP B 116 -22.65 -14.86 -31.10
CA ASP B 116 -21.53 -14.36 -31.91
C ASP B 116 -21.74 -14.67 -33.39
N PRO B 117 -22.71 -13.99 -34.03
CA PRO B 117 -22.98 -14.26 -35.44
C PRO B 117 -21.93 -13.71 -36.39
N PRO B 118 -21.56 -14.47 -37.43
CA PRO B 118 -20.66 -13.87 -38.41
C PRO B 118 -21.37 -12.88 -39.32
N GLY B 119 -20.96 -11.62 -39.30
CA GLY B 119 -21.50 -10.64 -40.24
C GLY B 119 -20.70 -10.55 -41.53
N PRO B 120 -19.39 -10.26 -41.39
CA PRO B 120 -18.38 -10.16 -42.45
C PRO B 120 -18.09 -11.50 -43.08
N PHE B 121 -16.94 -11.60 -43.75
CA PHE B 121 -16.49 -12.82 -44.42
C PHE B 121 -16.37 -14.00 -43.43
N ASP B 122 -16.55 -13.69 -42.14
CA ASP B 122 -16.46 -14.64 -41.03
C ASP B 122 -17.30 -15.87 -41.34
N SER B 123 -18.30 -15.67 -42.18
CA SER B 123 -19.23 -16.73 -42.53
C SER B 123 -18.50 -17.97 -43.04
N LEU B 124 -17.56 -17.79 -43.97
CA LEU B 124 -16.90 -18.97 -44.52
C LEU B 124 -16.11 -19.61 -43.39
N GLU B 125 -15.50 -18.76 -42.56
CA GLU B 125 -14.78 -19.25 -41.40
C GLU B 125 -15.70 -20.06 -40.50
N GLU B 126 -16.82 -19.46 -40.10
CA GLU B 126 -17.72 -20.16 -39.18
C GLU B 126 -18.07 -21.54 -39.69
N SER B 127 -18.25 -21.67 -41.01
CA SER B 127 -18.51 -22.98 -41.60
C SER B 127 -17.57 -24.02 -41.02
N ARG B 128 -16.29 -23.90 -41.39
CA ARG B 128 -15.27 -24.88 -41.02
C ARG B 128 -15.21 -25.08 -39.51
N ALA B 129 -15.68 -24.11 -38.74
CA ALA B 129 -15.64 -24.21 -37.29
C ALA B 129 -16.80 -25.00 -36.65
N PHE B 130 -18.01 -24.85 -37.17
CA PHE B 130 -19.16 -25.53 -36.53
C PHE B 130 -19.45 -26.97 -36.98
N CYS B 131 -19.30 -27.22 -38.28
CA CYS B 131 -19.78 -28.45 -38.91
C CYS B 131 -18.87 -29.67 -38.82
N GLU B 132 -19.46 -30.86 -38.81
CA GLU B 132 -18.67 -32.07 -38.96
C GLU B 132 -18.52 -32.44 -40.41
N THR B 133 -17.28 -32.48 -40.87
CA THR B 133 -16.99 -32.96 -42.20
C THR B 133 -17.00 -34.49 -42.23
N LEU B 134 -17.26 -35.06 -43.40
CA LEU B 134 -17.36 -36.51 -43.57
C LEU B 134 -16.29 -37.31 -42.83
N GLU B 135 -15.06 -36.80 -42.80
CA GLU B 135 -14.05 -37.49 -42.01
C GLU B 135 -14.48 -37.48 -40.57
N GLU B 136 -14.82 -36.30 -40.07
CA GLU B 136 -15.23 -36.20 -38.68
C GLU B 136 -16.49 -36.99 -38.44
N THR B 137 -17.42 -36.96 -39.39
CA THR B 137 -18.67 -37.68 -39.21
C THR B 137 -18.40 -39.17 -39.10
N ASN B 138 -17.64 -39.71 -40.05
CA ASN B 138 -17.29 -41.12 -40.04
C ASN B 138 -16.52 -41.53 -38.80
N TYR B 139 -15.58 -40.68 -38.39
CA TYR B 139 -14.82 -40.88 -37.17
C TYR B 139 -15.78 -41.09 -35.99
N ARG B 140 -16.66 -40.12 -35.77
CA ARG B 140 -17.65 -40.22 -34.70
C ARG B 140 -18.51 -41.46 -34.81
N LEU B 141 -19.01 -41.73 -36.01
CA LEU B 141 -19.88 -42.87 -36.24
C LEU B 141 -19.18 -44.16 -35.86
N GLN B 142 -17.90 -44.28 -36.18
CA GLN B 142 -17.15 -45.47 -35.79
C GLN B 142 -16.93 -45.52 -34.29
N LYS B 143 -16.70 -44.37 -33.66
CA LYS B 143 -16.61 -44.35 -32.21
C LYS B 143 -17.89 -44.94 -31.61
N GLU B 144 -19.04 -44.42 -32.05
CA GLU B 144 -20.33 -44.89 -31.57
C GLU B 144 -20.50 -46.39 -31.78
N LEU B 145 -20.15 -46.85 -32.97
CA LEU B 145 -20.28 -48.25 -33.33
C LEU B 145 -19.48 -49.13 -32.41
N LEU B 146 -18.29 -48.65 -32.06
CA LEU B 146 -17.48 -49.36 -31.09
C LEU B 146 -18.23 -49.48 -29.79
N GLU B 147 -18.65 -48.35 -29.23
CA GLU B 147 -19.35 -48.40 -27.93
C GLU B 147 -20.55 -49.36 -27.95
N LYS B 148 -21.34 -49.30 -29.02
CA LYS B 148 -22.47 -50.23 -29.16
C LYS B 148 -22.00 -51.68 -29.16
N GLN B 149 -20.91 -51.96 -29.85
CA GLN B 149 -20.42 -53.34 -29.88
C GLN B 149 -20.03 -53.74 -28.46
N LYS B 150 -19.54 -52.80 -27.68
CA LYS B 150 -19.26 -53.04 -26.26
C LYS B 150 -20.53 -53.46 -25.53
N GLU B 151 -21.57 -52.63 -25.65
CA GLU B 151 -22.87 -52.86 -25.01
C GLU B 151 -23.45 -54.25 -25.35
N GLU B 153 -21.71 -56.84 -26.48
CA GLU B 153 -20.83 -57.80 -25.83
C GLU B 153 -21.35 -58.16 -24.45
N SER B 154 -21.66 -57.10 -23.68
CA SER B 154 -22.17 -57.28 -22.33
C SER B 154 -23.52 -58.03 -22.32
N LEU B 155 -24.42 -57.65 -23.23
CA LEU B 155 -25.73 -58.30 -23.34
C LEU B 155 -25.69 -59.78 -23.74
N LYS B 156 -24.87 -60.11 -24.73
CA LYS B 156 -24.74 -61.49 -25.16
C LYS B 156 -24.17 -62.30 -24.03
N LYS B 157 -23.27 -61.70 -23.25
CA LYS B 157 -22.77 -62.33 -22.02
C LYS B 157 -23.93 -62.70 -21.06
N LEU B 158 -24.79 -61.73 -20.76
CA LEU B 158 -25.94 -62.03 -19.88
C LEU B 158 -26.93 -63.07 -20.43
N LEU B 159 -27.20 -63.02 -21.73
CA LEU B 159 -28.07 -64.00 -22.38
C LEU B 159 -27.46 -65.39 -22.30
N SER B 160 -26.16 -65.49 -22.52
CA SER B 160 -25.47 -66.75 -22.36
C SER B 160 -25.63 -67.28 -20.93
N GLU B 161 -25.44 -66.42 -19.93
CA GLU B 161 -25.58 -66.86 -18.53
C GLU B 161 -26.98 -67.41 -18.27
N LYS B 162 -27.98 -66.64 -18.72
CA LYS B 162 -29.37 -66.98 -18.49
C LYS B 162 -29.73 -68.28 -19.17
N GLN B 163 -29.21 -68.50 -20.36
CA GLN B 163 -29.51 -69.70 -21.12
C GLN B 163 -28.84 -70.94 -20.53
N LEU B 164 -27.64 -70.74 -20.03
CA LEU B 164 -26.93 -71.79 -19.32
C LEU B 164 -27.74 -72.23 -18.08
N HIS B 165 -28.20 -71.23 -17.31
CA HIS B 165 -29.03 -71.52 -16.16
C HIS B 165 -30.31 -72.24 -16.57
N ILE B 166 -30.92 -71.78 -17.66
CA ILE B 166 -32.15 -72.40 -18.16
C ILE B 166 -31.98 -73.88 -18.50
N ASP B 167 -30.89 -74.23 -19.15
CA ASP B 167 -30.64 -75.64 -19.38
C ASP B 167 -30.38 -76.40 -18.08
N THR B 168 -29.71 -75.77 -17.12
CA THR B 168 -29.50 -76.43 -15.82
C THR B 168 -30.83 -76.78 -15.15
N LEU B 169 -31.73 -75.80 -15.08
CA LEU B 169 -33.01 -76.02 -14.46
C LEU B 169 -33.79 -77.08 -15.21
N GLU B 170 -33.85 -76.99 -16.54
CA GLU B 170 -34.61 -77.98 -17.31
C GLU B 170 -34.09 -79.40 -17.18
N ASN B 171 -32.77 -79.57 -17.06
CA ASN B 171 -32.26 -80.90 -16.77
C ASN B 171 -32.66 -81.36 -15.37
N ARG B 172 -32.71 -80.43 -14.41
CA ARG B 172 -33.17 -80.79 -13.05
C ARG B 172 -34.63 -81.22 -13.06
N ILE B 173 -35.45 -80.55 -13.87
CA ILE B 173 -36.86 -80.89 -13.99
C ILE B 173 -36.99 -82.26 -14.65
N ARG B 174 -36.11 -82.54 -15.61
CA ARG B 174 -36.13 -83.84 -16.26
C ARG B 174 -35.74 -84.96 -15.29
N THR B 175 -34.80 -84.66 -14.41
CA THR B 175 -34.35 -85.66 -13.44
C THR B 175 -35.34 -85.85 -12.30
N LEU B 176 -36.08 -84.80 -11.96
CA LEU B 176 -37.05 -84.90 -10.90
C LEU B 176 -38.42 -85.27 -11.42
N SER B 177 -38.47 -85.62 -12.70
CA SER B 177 -39.71 -86.03 -13.33
C SER B 177 -39.92 -87.48 -12.99
N LEU B 178 -38.85 -88.25 -13.10
CA LEU B 178 -38.87 -89.64 -12.70
C LEU B 178 -38.67 -89.74 -11.20
N TRP C 4 24.86 42.43 -17.24
CA TRP C 4 26.08 42.48 -18.05
C TRP C 4 26.76 43.84 -17.99
N GLU C 5 27.96 43.86 -17.42
CA GLU C 5 28.74 45.08 -17.20
C GLU C 5 27.96 45.97 -16.23
N ASP C 6 27.16 45.29 -15.42
CA ASP C 6 26.38 45.91 -14.37
C ASP C 6 25.43 47.02 -14.79
N ARG C 7 25.04 47.09 -16.06
CA ARG C 7 23.93 47.97 -16.43
C ARG C 7 22.56 47.39 -16.02
N PRO C 8 22.25 46.11 -16.38
CA PRO C 8 21.05 45.49 -15.81
C PRO C 8 21.27 45.31 -14.30
N SER C 9 20.33 44.78 -13.50
CA SER C 9 18.98 44.36 -13.84
C SER C 9 18.19 44.64 -12.57
N THR C 10 16.94 44.20 -12.54
CA THR C 10 16.15 44.35 -11.34
C THR C 10 16.01 43.01 -10.64
N PRO C 11 16.65 42.88 -9.47
CA PRO C 11 16.54 41.65 -8.70
C PRO C 11 15.07 41.39 -8.48
N THR C 12 14.66 40.18 -8.79
CA THR C 12 13.29 39.77 -8.71
C THR C 12 13.15 38.98 -7.44
N ILE C 13 12.25 39.41 -6.56
CA ILE C 13 12.06 38.69 -5.30
C ILE C 13 11.20 37.48 -5.57
N LEU C 14 11.73 36.32 -5.21
CA LEU C 14 11.08 35.05 -5.48
C LEU C 14 9.99 34.89 -4.45
N GLY C 15 10.33 35.12 -3.18
CA GLY C 15 9.33 34.96 -2.15
C GLY C 15 9.85 35.14 -0.75
N TYR C 16 9.08 34.69 0.22
CA TYR C 16 9.47 34.82 1.63
C TYR C 16 9.32 33.52 2.40
N GLU C 17 10.01 33.45 3.53
CA GLU C 17 9.89 32.32 4.44
C GLU C 17 9.96 32.74 5.90
N VAL C 18 9.02 32.25 6.70
CA VAL C 18 9.01 32.54 8.12
C VAL C 18 9.86 31.49 8.81
N GLU C 20 12.75 30.10 12.02
CA GLU C 20 13.30 30.23 13.35
C GLU C 20 14.74 29.79 13.47
N GLU C 21 14.85 28.49 13.65
CA GLU C 21 16.05 27.75 14.00
C GLU C 21 16.70 28.27 15.30
N ARG C 22 16.85 29.59 15.45
CA ARG C 22 17.04 30.20 16.78
C ARG C 22 16.12 31.36 17.20
N ALA C 23 15.29 31.90 16.31
CA ALA C 23 14.35 32.97 16.72
C ALA C 23 13.27 33.22 15.69
N LYS C 24 12.20 33.90 16.04
CA LYS C 24 11.17 34.16 15.04
C LYS C 24 11.61 35.34 14.16
N PHE C 25 11.80 35.08 12.87
CA PHE C 25 12.11 36.16 11.91
C PHE C 25 11.68 35.79 10.49
N THR C 26 11.25 36.76 9.70
CA THR C 26 10.90 36.46 8.32
C THR C 26 12.00 36.86 7.32
N VAL C 27 12.40 35.92 6.48
CA VAL C 27 13.48 36.13 5.52
C VAL C 27 12.95 36.21 4.08
N TYR C 28 13.59 37.03 3.25
CA TYR C 28 13.18 37.20 1.87
C TYR C 28 14.20 36.61 0.92
N LYS C 29 13.71 35.73 0.05
CA LYS C 29 14.51 35.10 -0.99
C LYS C 29 14.43 35.92 -2.27
N ILE C 30 15.59 36.48 -2.63
CA ILE C 30 15.78 37.37 -3.77
C ILE C 30 16.65 36.71 -4.82
N LEU C 31 16.15 36.67 -6.05
CA LEU C 31 16.91 36.15 -7.16
C LEU C 31 17.70 37.25 -7.87
N VAL C 32 18.99 36.99 -8.09
CA VAL C 32 19.90 37.95 -8.72
C VAL C 32 20.55 37.35 -9.96
N LYS C 33 20.40 38.07 -11.08
CA LYS C 33 20.82 37.66 -12.42
C LYS C 33 21.91 38.57 -12.96
N LYS C 34 23.12 38.04 -13.10
CA LYS C 34 24.23 38.78 -13.69
C LYS C 34 24.71 38.18 -15.01
N THR C 35 25.40 37.06 -14.87
CA THR C 35 25.93 36.27 -15.97
C THR C 35 24.82 35.77 -16.90
N PRO C 36 25.18 35.34 -18.12
CA PRO C 36 24.13 34.91 -19.04
C PRO C 36 23.26 33.81 -18.47
N GLU C 37 21.95 34.05 -18.44
CA GLU C 37 20.93 33.05 -18.11
C GLU C 37 21.07 32.45 -16.70
N GLU C 38 22.27 32.48 -16.14
CA GLU C 38 22.53 31.91 -14.83
C GLU C 38 22.11 32.91 -13.75
N SER C 39 22.30 32.53 -12.49
CA SER C 39 21.88 33.36 -11.39
C SER C 39 22.23 32.77 -10.04
N TRP C 40 22.05 33.58 -9.00
CA TRP C 40 22.15 33.05 -7.65
C TRP C 40 21.12 33.76 -6.81
N VAL C 41 20.86 33.23 -5.64
CA VAL C 41 19.82 33.76 -4.78
C VAL C 41 20.41 34.16 -3.45
N VAL C 42 19.98 35.31 -2.94
CA VAL C 42 20.41 35.73 -1.62
C VAL C 42 19.22 35.89 -0.67
N PHE C 43 19.48 35.65 0.60
CA PHE C 43 18.47 35.79 1.66
C PHE C 43 18.71 37.07 2.45
N ARG C 44 17.68 37.91 2.53
CA ARG C 44 17.79 39.21 3.20
C ARG C 44 16.58 39.49 4.07
N ARG C 45 16.80 40.19 5.17
CA ARG C 45 15.73 40.48 6.14
C ARG C 45 15.31 41.92 6.06
N TYR C 46 14.12 42.20 6.59
CA TYR C 46 13.66 43.57 6.59
C TYR C 46 14.70 44.53 7.19
N THR C 47 15.32 44.12 8.29
CA THR C 47 16.38 44.91 8.90
C THR C 47 17.55 45.10 7.95
N ASP C 48 17.86 44.07 7.17
CA ASP C 48 19.00 44.17 6.26
C ASP C 48 18.71 45.23 5.20
N PHE C 49 17.49 45.18 4.66
CA PHE C 49 17.00 46.17 3.72
C PHE C 49 17.10 47.55 4.33
N SER C 50 16.65 47.64 5.57
CA SER C 50 16.62 48.92 6.25
C SER C 50 18.02 49.51 6.42
N ARG C 51 18.99 48.67 6.80
CA ARG C 51 20.39 49.12 6.95
C ARG C 51 20.93 49.64 5.62
N LEU C 52 20.69 48.89 4.54
CA LEU C 52 21.08 49.36 3.22
C LEU C 52 20.50 50.74 2.97
N ASN C 53 19.20 50.90 3.22
CA ASN C 53 18.58 52.18 2.94
C ASN C 53 19.02 53.36 3.78
N ASP C 54 19.30 53.19 5.07
CA ASP C 54 19.86 54.33 5.80
C ASP C 54 21.27 54.67 5.26
N LYS C 55 22.08 53.66 4.95
CA LYS C 55 23.41 53.96 4.40
C LYS C 55 23.27 54.78 3.11
N LEU C 56 22.27 54.42 2.31
CA LEU C 56 21.93 55.14 1.08
C LEU C 56 21.47 56.56 1.36
N LYS C 57 20.72 56.71 2.45
CA LYS C 57 20.15 57.98 2.86
C LYS C 57 21.28 58.94 3.25
N GLU C 58 22.34 58.42 3.85
CA GLU C 58 23.49 59.26 4.17
C GLU C 58 24.37 59.49 2.96
N PHE C 60 23.38 59.31 -0.34
CA PHE C 60 22.72 60.16 -1.33
C PHE C 60 21.58 60.93 -0.71
N PRO C 61 21.87 62.16 -0.27
CA PRO C 61 20.86 63.06 0.29
C PRO C 61 19.83 63.49 -0.78
N GLY C 62 20.31 63.87 -1.96
CA GLY C 62 19.51 64.35 -3.08
C GLY C 62 18.17 63.66 -3.30
N PHE C 63 18.10 62.39 -2.91
CA PHE C 63 16.87 61.61 -3.00
C PHE C 63 16.79 60.55 -1.90
N ARG C 64 15.58 60.23 -1.47
CA ARG C 64 15.39 59.16 -0.51
C ARG C 64 14.57 58.07 -1.17
N LEU C 65 14.67 56.85 -0.67
CA LEU C 65 13.94 55.73 -1.25
C LEU C 65 12.80 55.37 -0.33
N ALA C 66 11.72 54.86 -0.89
CA ALA C 66 10.61 54.40 -0.07
C ALA C 66 10.88 53.00 0.49
N LEU C 67 10.33 52.72 1.67
CA LEU C 67 10.31 51.36 2.25
C LEU C 67 8.96 51.11 2.92
N PRO C 68 8.41 49.91 2.73
CA PRO C 68 7.14 49.58 3.38
C PRO C 68 7.26 49.69 4.90
N PRO C 69 6.13 49.90 5.59
CA PRO C 69 6.02 50.21 7.02
C PRO C 69 6.54 49.16 7.97
N LYS C 70 7.36 49.60 8.92
CA LYS C 70 7.68 48.80 10.09
C LYS C 70 6.41 48.41 10.87
N ARG C 71 6.16 47.13 11.14
CA ARG C 71 5.03 46.81 12.01
C ARG C 71 5.61 46.55 13.37
N TRP C 72 5.41 47.49 14.29
CA TRP C 72 5.98 47.36 15.63
C TRP C 72 5.06 46.55 16.54
N PHE C 73 3.94 47.13 16.90
CA PHE C 73 3.01 46.48 17.82
C PHE C 73 2.08 45.44 17.19
N LYS C 74 1.67 45.65 15.94
CA LYS C 74 0.73 44.74 15.28
C LYS C 74 1.40 43.42 14.87
N ASP C 75 0.71 42.66 14.02
CA ASP C 75 1.15 41.33 13.65
C ASP C 75 2.20 41.40 12.55
N ASN C 76 3.37 40.81 12.77
CA ASN C 76 4.42 40.86 11.76
C ASN C 76 4.33 39.64 10.90
N TYR C 77 3.52 38.68 11.34
CA TYR C 77 3.33 37.48 10.56
C TYR C 77 2.01 37.36 9.81
N ASN C 78 1.19 38.41 9.82
CA ASN C 78 -0.06 38.33 9.07
C ASN C 78 0.27 38.11 7.60
N ALA C 79 -0.37 37.12 6.98
CA ALA C 79 -0.19 36.81 5.55
C ALA C 79 -0.31 38.01 4.62
N ASP C 80 -1.46 38.68 4.71
CA ASP C 80 -1.72 39.90 3.95
C ASP C 80 -0.51 40.82 4.09
N PHE C 81 -0.12 41.00 5.35
CA PHE C 81 0.99 41.88 5.67
C PHE C 81 2.28 41.48 4.98
N LEU C 82 2.57 40.19 4.95
CA LEU C 82 3.75 39.70 4.23
C LEU C 82 3.67 40.05 2.77
N GLU C 83 2.55 39.77 2.13
CA GLU C 83 2.45 40.10 0.71
C GLU C 83 2.65 41.62 0.41
N ASP C 84 1.97 42.49 1.17
CA ASP C 84 2.19 43.93 0.96
C ASP C 84 3.67 44.29 1.15
N ARG C 85 4.23 43.69 2.19
CA ARG C 85 5.63 43.88 2.53
C ARG C 85 6.49 43.55 1.31
N GLN C 86 6.27 42.36 0.75
CA GLN C 86 7.00 41.91 -0.41
C GLN C 86 6.89 42.86 -1.58
N LEU C 87 5.70 43.38 -1.82
CA LEU C 87 5.57 44.29 -2.95
C LEU C 87 6.42 45.54 -2.73
N GLY C 88 6.36 46.09 -1.52
CA GLY C 88 7.09 47.30 -1.21
C GLY C 88 8.59 47.13 -1.38
N LEU C 89 9.08 46.00 -0.90
CA LEU C 89 10.50 45.65 -1.00
C LEU C 89 10.94 45.45 -2.45
N GLN C 90 10.09 44.79 -3.23
CA GLN C 90 10.35 44.58 -4.65
C GLN C 90 10.49 45.91 -5.35
N ALA C 91 9.59 46.82 -5.01
CA ALA C 91 9.65 48.18 -5.51
C ALA C 91 10.97 48.83 -5.11
N PHE C 92 11.35 48.64 -3.85
CA PHE C 92 12.60 49.20 -3.35
C PHE C 92 13.73 48.78 -4.26
N LEU C 93 13.82 47.48 -4.52
CA LEU C 93 14.89 46.93 -5.37
C LEU C 93 14.84 47.51 -6.79
N GLN C 94 13.63 47.58 -7.33
CA GLN C 94 13.44 48.14 -8.67
C GLN C 94 14.01 49.55 -8.79
N ASN C 95 13.63 50.41 -7.85
CA ASN C 95 14.18 51.76 -7.80
C ASN C 95 15.67 51.78 -7.44
N LEU C 96 16.12 50.72 -6.80
CA LEU C 96 17.47 50.66 -6.29
C LEU C 96 18.41 50.46 -7.46
N VAL C 97 18.00 49.69 -8.47
CA VAL C 97 18.86 49.55 -9.67
C VAL C 97 18.57 50.53 -10.80
N ALA C 98 17.46 51.28 -10.73
CA ALA C 98 17.10 52.19 -11.81
C ALA C 98 18.02 53.40 -11.86
N HIS C 99 18.74 53.64 -10.77
CA HIS C 99 19.48 54.89 -10.66
C HIS C 99 20.93 54.85 -11.12
N LYS C 100 21.41 53.75 -11.70
CA LYS C 100 22.83 53.73 -12.04
C LYS C 100 23.57 53.96 -10.71
N ASP C 101 24.05 55.18 -10.47
CA ASP C 101 24.82 55.54 -9.28
C ASP C 101 24.45 54.80 -8.00
N ILE C 102 23.18 54.41 -7.86
CA ILE C 102 22.80 53.58 -6.74
C ILE C 102 23.11 52.14 -7.04
N ALA C 103 22.67 51.70 -8.22
CA ALA C 103 22.87 50.33 -8.67
C ALA C 103 24.29 49.84 -8.42
N ASN C 104 25.25 50.50 -9.06
CA ASN C 104 26.65 50.14 -8.84
C ASN C 104 27.41 50.74 -7.67
N CYS C 105 26.70 51.39 -6.74
CA CYS C 105 27.38 51.86 -5.53
C CYS C 105 27.73 50.65 -4.65
N LEU C 106 28.72 50.81 -3.79
CA LEU C 106 29.33 49.69 -3.06
C LEU C 106 28.35 48.85 -2.24
N ALA C 107 27.56 49.54 -1.43
CA ALA C 107 26.64 48.90 -0.50
C ALA C 107 25.65 47.96 -1.18
N VAL C 108 25.19 48.37 -2.35
CA VAL C 108 24.28 47.53 -3.10
C VAL C 108 24.98 46.26 -3.52
N ARG C 109 26.24 46.39 -3.92
CA ARG C 109 27.01 45.27 -4.43
C ARG C 109 27.29 44.29 -3.30
N GLU C 110 27.48 44.81 -2.09
CA GLU C 110 27.66 43.95 -0.94
C GLU C 110 26.35 43.27 -0.56
N PHE C 111 25.25 43.99 -0.77
CA PHE C 111 23.93 43.55 -0.34
C PHE C 111 23.46 42.38 -1.18
N LEU C 112 23.61 42.50 -2.49
CA LEU C 112 23.15 41.48 -3.41
C LEU C 112 24.24 40.46 -3.67
N CYS C 113 25.39 40.67 -3.03
CA CYS C 113 26.57 39.86 -3.27
C CYS C 113 26.81 39.65 -4.75
N LEU C 114 27.07 40.73 -5.47
CA LEU C 114 27.43 40.60 -6.88
C LEU C 114 28.82 39.98 -6.87
N ASP C 115 29.62 40.49 -5.95
CA ASP C 115 31.01 40.10 -5.77
C ASP C 115 31.09 38.88 -4.86
N ASP C 116 31.88 37.87 -5.26
CA ASP C 116 32.04 36.59 -4.55
C ASP C 116 30.75 35.81 -4.29
N PRO C 117 29.87 35.65 -5.30
CA PRO C 117 28.62 34.95 -4.95
C PRO C 117 28.80 33.44 -4.66
N PRO C 118 28.05 32.93 -3.67
CA PRO C 118 27.92 31.51 -3.31
C PRO C 118 26.98 30.84 -4.29
N GLY C 119 27.04 29.52 -4.46
CA GLY C 119 26.23 28.86 -5.47
C GLY C 119 24.75 28.76 -5.13
N PRO C 120 24.03 27.81 -5.76
CA PRO C 120 22.59 27.74 -5.51
C PRO C 120 22.19 27.43 -4.06
N PHE C 121 22.72 26.37 -3.47
CA PHE C 121 22.41 26.05 -2.06
C PHE C 121 23.46 26.47 -1.06
N ASP C 122 24.52 27.11 -1.56
CA ASP C 122 25.54 27.66 -0.70
C ASP C 122 24.98 28.93 -0.07
N SER C 123 23.99 29.50 -0.74
CA SER C 123 23.37 30.76 -0.35
C SER C 123 22.91 30.83 1.10
N LEU C 124 22.40 29.73 1.66
CA LEU C 124 21.91 29.77 3.03
C LEU C 124 23.05 30.15 3.96
N GLU C 125 24.24 29.60 3.70
CA GLU C 125 25.40 29.90 4.51
C GLU C 125 25.60 31.41 4.44
N GLU C 126 25.63 31.92 3.21
CA GLU C 126 25.73 33.34 2.91
C GLU C 126 24.85 34.13 3.88
N SER C 127 23.54 33.87 3.84
CA SER C 127 22.59 34.52 4.75
C SER C 127 23.15 34.62 6.17
N ARG C 128 23.39 33.48 6.79
CA ARG C 128 23.85 33.44 8.17
C ARG C 128 25.13 34.25 8.44
N ALA C 129 25.99 34.41 7.44
CA ALA C 129 27.23 35.18 7.62
C ALA C 129 26.94 36.67 7.46
N PHE C 130 26.00 37.00 6.58
CA PHE C 130 25.60 38.38 6.33
C PHE C 130 24.57 39.00 7.27
N CYS C 131 23.54 38.24 7.64
CA CYS C 131 22.46 38.82 8.44
C CYS C 131 22.99 38.87 9.85
N GLU C 132 22.57 39.87 10.61
CA GLU C 132 23.03 39.95 11.99
C GLU C 132 22.26 38.99 12.86
N THR C 133 23.00 38.10 13.51
CA THR C 133 22.36 37.22 14.45
C THR C 133 22.00 38.12 15.60
N LEU C 134 20.82 37.88 16.17
CA LEU C 134 20.20 38.77 17.17
C LEU C 134 21.14 39.34 18.25
N GLU C 135 22.08 38.52 18.71
CA GLU C 135 23.07 38.98 19.66
C GLU C 135 23.93 40.10 19.07
N GLU C 136 24.40 39.90 17.84
CA GLU C 136 25.23 40.91 17.17
C GLU C 136 24.46 42.21 17.04
N THR C 137 23.16 42.08 16.80
CA THR C 137 22.29 43.24 16.74
C THR C 137 22.24 43.97 18.07
N ASN C 138 21.99 43.24 19.15
CA ASN C 138 21.93 43.84 20.49
C ASN C 138 23.24 44.53 20.89
N TYR C 139 24.35 43.82 20.72
CA TYR C 139 25.69 44.38 20.98
C TYR C 139 25.90 45.64 20.18
N ARG C 140 25.65 45.56 18.87
CA ARG C 140 25.82 46.69 17.98
C ARG C 140 25.06 47.90 18.47
N LEU C 141 23.78 47.69 18.80
CA LEU C 141 22.94 48.78 19.28
C LEU C 141 23.53 49.40 20.54
N GLN C 142 24.07 48.55 21.42
CA GLN C 142 24.66 49.03 22.65
C GLN C 142 25.95 49.85 22.42
N LYS C 143 26.78 49.39 21.49
CA LYS C 143 28.00 50.11 21.12
C LYS C 143 27.65 51.49 20.58
N GLU C 144 26.73 51.51 19.62
CA GLU C 144 26.26 52.76 19.04
C GLU C 144 25.74 53.68 20.14
N LEU C 145 24.98 53.11 21.06
CA LEU C 145 24.39 53.87 22.16
C LEU C 145 25.47 54.54 23.00
N LEU C 146 26.53 53.79 23.28
CA LEU C 146 27.68 54.32 24.01
C LEU C 146 28.32 55.49 23.29
N GLU C 147 28.70 55.28 22.03
CA GLU C 147 29.33 56.34 21.25
C GLU C 147 28.50 57.60 21.21
N LYS C 148 27.21 57.44 20.94
CA LYS C 148 26.28 58.58 20.89
C LYS C 148 26.28 59.30 22.22
N GLN C 149 26.29 58.53 23.31
CA GLN C 149 26.34 59.14 24.62
C GLN C 149 27.60 59.96 24.84
N LYS C 150 28.72 59.42 24.40
CA LYS C 150 30.00 60.10 24.52
C LYS C 150 30.03 61.43 23.77
N GLU C 151 29.75 61.37 22.47
CA GLU C 151 29.76 62.58 21.66
C GLU C 151 28.76 63.62 22.17
N GLU C 153 27.92 63.96 25.21
CA GLU C 153 28.46 64.47 26.47
C GLU C 153 29.52 65.55 26.19
N SER C 154 30.43 65.29 25.25
CA SER C 154 31.39 66.32 24.85
C SER C 154 30.71 67.55 24.25
N LEU C 155 29.64 67.33 23.48
CA LEU C 155 28.86 68.42 22.88
C LEU C 155 28.23 69.32 23.96
N LYS C 156 27.65 68.69 24.97
CA LYS C 156 27.05 69.41 26.09
C LYS C 156 28.09 70.16 26.92
N LYS C 157 29.23 69.51 27.14
CA LYS C 157 30.37 70.14 27.83
C LYS C 157 30.89 71.39 27.12
N LEU C 158 31.22 71.24 25.84
CA LEU C 158 31.71 72.37 25.04
C LEU C 158 30.65 73.47 24.90
N LEU C 159 29.39 73.06 24.80
CA LEU C 159 28.29 74.02 24.79
C LEU C 159 28.25 74.79 26.12
N SER C 160 28.48 74.09 27.24
CA SER C 160 28.56 74.71 28.56
C SER C 160 29.71 75.75 28.67
N GLU C 161 30.90 75.36 28.19
CA GLU C 161 32.05 76.27 28.19
C GLU C 161 31.70 77.51 27.36
N LYS C 162 31.10 77.27 26.20
CA LYS C 162 30.68 78.34 25.30
C LYS C 162 29.58 79.23 25.88
N GLN C 163 28.71 78.68 26.74
CA GLN C 163 27.69 79.49 27.39
C GLN C 163 28.29 80.38 28.49
N LEU C 164 29.29 79.85 29.20
CA LEU C 164 30.04 80.69 30.13
C LEU C 164 30.68 81.81 29.31
N HIS C 165 31.17 81.45 28.13
CA HIS C 165 31.72 82.42 27.17
C HIS C 165 30.70 83.48 26.75
N ILE C 166 29.47 83.04 26.49
CA ILE C 166 28.37 83.93 26.10
C ILE C 166 28.14 84.96 27.19
N ASP C 167 28.22 84.48 28.43
CA ASP C 167 28.12 85.34 29.59
C ASP C 167 29.30 86.32 29.67
N THR C 168 30.50 85.85 29.35
CA THR C 168 31.69 86.71 29.35
C THR C 168 31.56 87.87 28.36
N LEU C 169 31.13 87.58 27.13
CA LEU C 169 30.92 88.63 26.14
C LEU C 169 29.76 89.58 26.50
N GLU C 170 28.65 89.01 26.98
CA GLU C 170 27.50 89.82 27.38
C GLU C 170 27.87 90.79 28.50
N ASN C 171 28.64 90.28 29.46
CA ASN C 171 29.13 91.08 30.56
C ASN C 171 30.18 92.07 30.07
N ARG C 172 30.91 91.72 29.01
CA ARG C 172 31.92 92.60 28.44
C ARG C 172 31.30 93.84 27.82
N ILE C 173 30.21 93.66 27.06
CA ILE C 173 29.54 94.82 26.48
C ILE C 173 28.72 95.56 27.56
N ARG C 174 28.25 94.82 28.56
CA ARG C 174 27.49 95.40 29.67
C ARG C 174 28.35 96.32 30.55
N THR C 175 29.61 95.94 30.77
CA THR C 175 30.54 96.76 31.58
C THR C 175 30.98 98.01 30.82
N LEU C 176 30.66 98.06 29.53
CA LEU C 176 31.03 99.17 28.69
C LEU C 176 30.00 100.28 28.84
N SER C 177 29.11 100.11 29.80
CA SER C 177 28.09 101.12 30.07
C SER C 177 28.64 102.13 31.08
N LEU C 178 28.76 101.74 32.34
CA LEU C 178 29.41 102.59 33.34
C LEU C 178 30.93 102.38 33.28
N GLU C 179 31.68 103.47 33.41
CA GLU C 179 33.15 103.46 33.32
C GLU C 179 33.64 102.88 32.00
N ARG D 7 9.19 45.66 56.79
CA ARG D 7 9.95 46.40 55.78
C ARG D 7 11.37 45.86 55.55
N PRO D 8 12.11 45.51 56.62
CA PRO D 8 13.43 44.92 56.35
C PRO D 8 13.31 43.55 55.68
N SER D 9 12.89 43.54 54.42
CA SER D 9 12.76 42.30 53.67
C SER D 9 14.12 41.91 53.09
N THR D 10 14.43 40.63 53.05
CA THR D 10 15.68 40.20 52.42
C THR D 10 15.50 39.32 51.20
N PRO D 11 15.72 39.90 50.01
CA PRO D 11 15.78 39.11 48.77
C PRO D 11 17.00 38.18 48.83
N THR D 12 17.25 37.39 47.79
CA THR D 12 18.39 36.47 47.74
C THR D 12 18.46 35.85 46.36
N ILE D 13 19.67 35.51 45.93
CA ILE D 13 19.84 34.86 44.64
C ILE D 13 20.21 33.40 44.79
N LEU D 14 19.40 32.53 44.20
CA LEU D 14 19.55 31.09 44.33
C LEU D 14 20.59 30.54 43.39
N GLY D 15 20.56 31.01 42.16
CA GLY D 15 21.53 30.63 41.16
C GLY D 15 21.10 31.18 39.82
N TYR D 16 21.69 30.65 38.78
CA TYR D 16 21.34 31.08 37.45
C TYR D 16 20.95 29.81 36.75
N GLU D 17 20.19 29.95 35.68
CA GLU D 17 19.83 28.81 34.90
C GLU D 17 19.73 29.27 33.47
N VAL D 18 20.20 28.41 32.57
CA VAL D 18 20.17 28.67 31.15
C VAL D 18 18.84 28.24 30.56
N GLU D 20 15.98 28.69 27.04
CA GLU D 20 15.81 29.04 25.64
C GLU D 20 14.42 29.55 25.34
N GLU D 21 14.31 30.76 24.83
CA GLU D 21 13.16 31.08 24.02
C GLU D 21 13.77 31.18 22.64
N ARG D 22 13.76 30.06 21.93
CA ARG D 22 14.39 29.92 20.61
C ARG D 22 15.92 30.22 20.60
N ALA D 23 16.38 31.00 21.60
CA ALA D 23 17.73 31.55 21.69
C ALA D 23 18.13 31.57 23.16
N LYS D 24 19.41 31.33 23.42
CA LYS D 24 19.83 31.05 24.79
C LYS D 24 20.02 32.33 25.61
N PHE D 25 19.25 32.41 26.69
CA PHE D 25 19.33 33.50 27.66
C PHE D 25 19.54 32.97 29.08
N THR D 26 20.27 33.74 29.89
CA THR D 26 20.49 33.38 31.30
C THR D 26 19.56 34.09 32.26
N VAL D 27 18.85 33.30 33.07
CA VAL D 27 17.92 33.86 34.03
C VAL D 27 18.42 33.60 35.45
N TYR D 28 18.13 34.51 36.36
CA TYR D 28 18.55 34.39 37.74
C TYR D 28 17.33 34.11 38.60
N LYS D 29 17.47 33.14 39.51
CA LYS D 29 16.40 32.83 40.45
C LYS D 29 16.53 33.67 41.69
N ILE D 30 15.52 34.50 41.92
CA ILE D 30 15.59 35.37 43.05
C ILE D 30 14.57 34.85 44.01
N LEU D 31 15.04 34.44 45.18
CA LEU D 31 14.14 33.98 46.23
C LEU D 31 13.82 35.18 47.10
N VAL D 32 12.53 35.40 47.38
CA VAL D 32 12.14 36.56 48.16
C VAL D 32 11.40 36.08 49.40
N LYS D 33 12.01 36.38 50.55
CA LYS D 33 11.53 36.02 51.87
C LYS D 33 11.21 37.27 52.67
N LYS D 34 9.93 37.56 52.85
CA LYS D 34 9.54 38.66 53.71
C LYS D 34 9.58 38.11 55.13
N THR D 35 8.61 37.24 55.43
CA THR D 35 8.63 36.48 56.67
C THR D 35 8.92 35.03 56.27
N PRO D 36 9.47 34.21 57.19
CA PRO D 36 9.79 32.80 56.94
C PRO D 36 8.59 31.95 56.48
N GLU D 37 7.38 32.49 56.58
CA GLU D 37 6.19 31.83 56.07
C GLU D 37 6.08 32.08 54.56
N GLU D 38 5.72 33.30 54.22
CA GLU D 38 5.51 33.71 52.84
C GLU D 38 6.84 33.90 52.13
N SER D 39 7.06 33.13 51.08
CA SER D 39 8.22 33.32 50.23
C SER D 39 7.86 32.92 48.80
N TRP D 40 8.50 33.54 47.83
CA TRP D 40 8.28 33.13 46.44
C TRP D 40 9.54 33.34 45.60
N VAL D 41 9.53 32.87 44.36
CA VAL D 41 10.71 33.00 43.53
C VAL D 41 10.33 33.70 42.24
N VAL D 42 11.12 34.69 41.83
CA VAL D 42 10.89 35.34 40.55
C VAL D 42 12.10 35.14 39.68
N PHE D 43 11.86 35.00 38.38
CA PHE D 43 12.95 34.77 37.44
C PHE D 43 13.25 36.09 36.77
N ARG D 44 14.50 36.52 36.81
CA ARG D 44 14.84 37.81 36.23
C ARG D 44 16.12 37.76 35.41
N ARG D 45 16.20 38.58 34.37
CA ARG D 45 17.39 38.62 33.53
C ARG D 45 18.18 39.85 33.83
N TYR D 46 19.47 39.80 33.53
CA TYR D 46 20.29 40.97 33.72
C TYR D 46 19.70 42.22 33.08
N THR D 47 19.17 42.07 31.87
CA THR D 47 18.56 43.20 31.18
C THR D 47 17.48 43.84 32.05
N ASP D 48 16.75 43.05 32.81
CA ASP D 48 15.67 43.54 33.68
C ASP D 48 16.18 44.31 34.87
N PHE D 49 17.25 43.80 35.47
CA PHE D 49 17.95 44.47 36.54
C PHE D 49 18.41 45.81 36.03
N SER D 50 18.94 45.81 34.81
CA SER D 50 19.43 47.01 34.15
C SER D 50 18.33 48.04 33.94
N ARG D 51 17.16 47.53 33.55
CA ARG D 51 15.96 48.33 33.34
C ARG D 51 15.56 49.03 34.63
N LEU D 52 15.44 48.23 35.70
CA LEU D 52 15.12 48.72 37.04
C LEU D 52 16.13 49.78 37.50
N ASN D 53 17.41 49.48 37.31
CA ASN D 53 18.48 50.37 37.74
C ASN D 53 18.39 51.71 37.01
N ASP D 54 18.00 51.67 35.74
CA ASP D 54 17.75 52.90 35.01
C ASP D 54 16.58 53.66 35.62
N LYS D 55 15.50 52.95 35.93
CA LYS D 55 14.33 53.60 36.53
C LYS D 55 14.68 54.29 37.85
N LEU D 56 15.54 53.63 38.63
CA LEU D 56 16.01 54.16 39.91
C LEU D 56 16.93 55.37 39.77
N LYS D 57 17.80 55.36 38.76
CA LYS D 57 18.68 56.51 38.55
C LYS D 57 17.82 57.70 38.10
N GLU D 58 16.73 57.42 37.39
CA GLU D 58 15.81 58.47 36.94
C GLU D 58 14.99 59.06 38.09
N PHE D 60 15.43 58.54 41.45
CA PHE D 60 16.26 58.91 42.57
C PHE D 60 17.67 59.08 42.06
N PRO D 61 18.04 60.32 41.73
CA PRO D 61 19.39 60.70 41.29
C PRO D 61 20.42 60.57 42.41
N GLY D 62 20.09 61.13 43.57
CA GLY D 62 20.99 61.12 44.72
C GLY D 62 21.36 59.74 45.18
N PHE D 63 20.43 58.81 45.13
CA PHE D 63 20.70 57.42 45.45
C PHE D 63 21.49 56.81 44.31
N ARG D 64 22.70 56.35 44.61
CA ARG D 64 23.54 55.72 43.60
C ARG D 64 23.84 54.31 44.01
N LEU D 65 23.58 53.37 43.10
CA LEU D 65 23.76 51.98 43.39
C LEU D 65 24.39 51.26 42.23
N ALA D 66 25.55 50.65 42.48
CA ALA D 66 26.27 49.94 41.44
C ALA D 66 25.68 48.56 41.17
N LEU D 67 25.85 48.08 39.94
CA LEU D 67 25.54 46.70 39.59
C LEU D 67 26.84 46.20 38.94
N PRO D 68 27.10 44.89 38.97
CA PRO D 68 28.41 44.37 38.54
C PRO D 68 28.79 44.76 37.12
N PRO D 69 30.10 44.67 36.79
CA PRO D 69 30.61 45.13 35.49
C PRO D 69 29.89 44.42 34.37
N LYS D 70 29.33 45.18 33.43
CA LYS D 70 28.77 44.64 32.21
C LYS D 70 29.80 43.70 31.61
N ARG D 71 29.40 42.47 31.31
CA ARG D 71 30.37 41.56 30.75
C ARG D 71 30.25 41.76 29.26
N TRP D 72 31.22 42.48 28.70
CA TRP D 72 31.22 42.79 27.28
C TRP D 72 32.07 41.77 26.54
N PHE D 73 32.39 42.09 25.29
CA PHE D 73 33.03 41.18 24.34
C PHE D 73 32.01 40.05 24.00
N LYS D 74 32.35 38.77 24.11
CA LYS D 74 31.35 37.77 23.72
C LYS D 74 30.97 36.72 24.78
N ASP D 75 31.86 35.80 25.09
CA ASP D 75 31.43 34.64 25.88
C ASP D 75 31.35 35.07 27.34
N ASN D 76 30.15 35.02 27.88
CA ASN D 76 29.82 35.57 29.18
C ASN D 76 29.97 34.52 30.24
N TYR D 77 30.61 33.40 29.89
CA TYR D 77 30.82 32.36 30.90
C TYR D 77 32.29 32.14 31.33
N ASN D 78 32.59 32.68 32.52
CA ASN D 78 33.86 32.56 33.24
C ASN D 78 33.48 32.12 34.63
N ALA D 79 34.33 31.35 35.29
CA ALA D 79 34.06 30.97 36.68
C ALA D 79 33.78 32.20 37.53
N ASP D 80 34.87 32.95 37.64
CA ASP D 80 34.92 34.19 38.38
C ASP D 80 33.79 35.14 38.01
N PHE D 81 33.67 35.49 36.73
CA PHE D 81 32.69 36.48 36.27
C PHE D 81 31.25 36.11 36.65
N LEU D 82 30.91 34.83 36.52
CA LEU D 82 29.60 34.36 36.96
C LEU D 82 29.38 34.55 38.46
N GLU D 83 30.29 34.01 39.28
CA GLU D 83 30.08 34.15 40.73
C GLU D 83 30.02 35.58 41.22
N ASP D 84 31.03 36.35 40.83
CA ASP D 84 31.14 37.74 41.20
C ASP D 84 29.94 38.54 40.72
N ARG D 85 29.48 38.27 39.50
CA ARG D 85 28.27 38.91 38.99
C ARG D 85 27.05 38.65 39.88
N GLN D 86 26.78 37.38 40.16
CA GLN D 86 25.64 37.03 41.00
C GLN D 86 25.73 37.69 42.38
N LEU D 87 26.94 37.75 42.92
CA LEU D 87 27.14 38.44 44.20
C LEU D 87 26.75 39.90 44.07
N GLY D 88 27.21 40.50 42.98
CA GLY D 88 26.94 41.91 42.75
C GLY D 88 25.46 42.18 42.66
N LEU D 89 24.75 41.33 41.91
CA LEU D 89 23.31 41.51 41.76
C LEU D 89 22.62 41.38 43.10
N GLN D 90 23.05 40.41 43.90
CA GLN D 90 22.44 40.20 45.21
C GLN D 90 22.63 41.41 46.12
N ALA D 91 23.84 41.96 46.07
CA ALA D 91 24.15 43.16 46.82
C ALA D 91 23.23 44.29 46.39
N PHE D 92 23.05 44.40 45.07
CA PHE D 92 22.16 45.39 44.47
C PHE D 92 20.79 45.30 45.11
N LEU D 93 20.26 44.09 45.16
CA LEU D 93 18.95 43.86 45.76
C LEU D 93 18.88 44.28 47.23
N GLN D 94 19.87 43.88 48.01
CA GLN D 94 19.91 44.26 49.42
C GLN D 94 19.84 45.78 49.62
N ASN D 95 20.65 46.49 48.86
CA ASN D 95 20.57 47.94 48.89
C ASN D 95 19.19 48.45 48.46
N LEU D 96 18.52 47.73 47.57
CA LEU D 96 17.25 48.24 47.06
C LEU D 96 16.23 48.14 48.14
N VAL D 97 16.38 47.11 48.97
CA VAL D 97 15.40 46.85 50.00
C VAL D 97 15.64 47.59 51.30
N ALA D 98 16.83 48.16 51.50
CA ALA D 98 17.09 48.84 52.77
C ALA D 98 16.35 50.18 52.97
N HIS D 99 15.99 50.87 51.89
CA HIS D 99 15.35 52.19 51.99
C HIS D 99 13.84 52.19 51.76
N LYS D 100 13.09 52.88 52.60
CA LYS D 100 11.62 52.86 52.53
C LYS D 100 10.99 53.33 51.22
N ASP D 101 11.18 54.60 50.89
CA ASP D 101 10.55 55.14 49.67
C ASP D 101 11.12 54.52 48.40
N ILE D 102 12.32 53.95 48.53
CA ILE D 102 12.96 53.25 47.43
C ILE D 102 12.48 51.81 47.33
N ALA D 103 12.10 51.21 48.43
CA ALA D 103 11.59 49.84 48.37
C ALA D 103 10.13 49.88 47.96
N ASN D 104 9.41 50.86 48.51
CA ASN D 104 7.99 51.07 48.21
C ASN D 104 7.64 51.82 46.93
N CYS D 105 8.64 52.16 46.14
CA CYS D 105 8.40 52.80 44.85
C CYS D 105 7.88 51.79 43.81
N LEU D 106 7.28 52.31 42.75
CA LEU D 106 6.57 51.50 41.77
C LEU D 106 7.43 50.40 41.16
N ALA D 107 8.59 50.80 40.64
CA ALA D 107 9.50 49.90 39.94
C ALA D 107 10.02 48.72 40.77
N VAL D 108 10.42 49.01 42.01
CA VAL D 108 10.91 48.00 42.94
C VAL D 108 9.81 47.02 43.36
N ARG D 109 8.61 47.54 43.57
CA ARG D 109 7.46 46.73 43.93
C ARG D 109 7.03 45.82 42.77
N GLU D 110 7.20 46.33 41.55
CA GLU D 110 6.92 45.58 40.34
C GLU D 110 7.97 44.52 40.05
N PHE D 111 9.20 44.80 40.44
CA PHE D 111 10.32 43.93 40.11
C PHE D 111 10.22 42.64 40.89
N LEU D 112 10.00 42.79 42.20
CA LEU D 112 9.99 41.68 43.14
C LEU D 112 8.61 41.08 43.32
N CYS D 113 7.60 41.68 42.69
CA CYS D 113 6.21 41.28 42.85
C CYS D 113 5.76 41.43 44.30
N LEU D 114 5.74 42.65 44.77
CA LEU D 114 5.29 42.90 46.14
C LEU D 114 3.78 42.76 46.32
N ASP D 115 3.02 43.34 45.38
CA ASP D 115 1.55 43.29 45.42
C ASP D 115 0.95 42.02 44.81
N ASP D 116 1.68 41.40 43.89
CA ASP D 116 1.17 40.20 43.24
C ASP D 116 2.19 39.08 43.18
N PRO D 117 2.53 38.49 44.34
CA PRO D 117 3.55 37.44 44.30
C PRO D 117 3.00 36.20 43.61
N PRO D 118 3.84 35.53 42.80
CA PRO D 118 3.56 34.27 42.10
C PRO D 118 3.65 33.10 43.07
N GLY D 119 2.99 31.98 42.77
CA GLY D 119 3.06 30.87 43.69
C GLY D 119 4.20 29.98 43.30
N PRO D 120 4.30 28.80 43.92
CA PRO D 120 5.42 27.89 43.66
C PRO D 120 5.43 27.46 42.21
N PHE D 121 4.26 27.06 41.72
CA PHE D 121 4.15 26.57 40.36
C PHE D 121 3.89 27.65 39.33
N ASP D 122 3.57 28.86 39.79
CA ASP D 122 3.28 29.99 38.91
C ASP D 122 4.48 30.83 38.42
N SER D 123 5.62 30.70 39.09
CA SER D 123 6.78 31.56 38.82
C SER D 123 7.24 31.76 37.35
N LEU D 124 7.20 30.70 36.56
CA LEU D 124 7.65 30.76 35.15
C LEU D 124 6.74 31.58 34.22
N GLU D 125 5.42 31.48 34.36
CA GLU D 125 4.55 32.28 33.51
C GLU D 125 4.80 33.74 33.77
N GLU D 126 4.71 34.12 35.04
CA GLU D 126 5.06 35.46 35.51
C GLU D 126 6.38 35.90 34.91
N SER D 127 7.39 35.05 35.07
CA SER D 127 8.69 35.24 34.43
C SER D 127 8.53 35.73 32.98
N ARG D 128 7.98 34.86 32.13
CA ARG D 128 7.76 35.16 30.71
C ARG D 128 6.94 36.42 30.41
N ALA D 129 6.05 36.77 31.33
CA ALA D 129 5.15 37.91 31.21
C ALA D 129 5.73 39.23 31.71
N PHE D 130 7.02 39.21 32.05
CA PHE D 130 7.69 40.38 32.60
C PHE D 130 8.94 40.81 31.85
N CYS D 131 9.83 39.85 31.63
CA CYS D 131 11.16 40.10 31.12
C CYS D 131 11.25 40.43 29.65
N GLU D 132 12.33 41.11 29.30
CA GLU D 132 12.59 41.46 27.91
C GLU D 132 13.06 40.24 27.16
N THR D 133 12.32 39.95 26.09
CA THR D 133 12.51 38.80 25.25
C THR D 133 13.65 38.93 24.24
N LEU D 134 14.43 40.01 24.38
CA LEU D 134 15.52 40.42 23.47
C LEU D 134 14.98 41.10 22.22
N GLU D 135 13.78 40.71 21.79
CA GLU D 135 13.13 41.43 20.72
C GLU D 135 12.78 42.78 21.30
N GLU D 136 12.19 42.72 22.49
CA GLU D 136 11.77 43.89 23.23
C GLU D 136 12.99 44.78 23.52
N THR D 137 14.11 44.14 23.83
CA THR D 137 15.34 44.87 24.11
C THR D 137 15.81 45.65 22.88
N ASN D 138 15.86 44.96 21.75
CA ASN D 138 16.26 45.58 20.49
C ASN D 138 15.33 46.73 20.08
N TYR D 139 14.02 46.53 20.23
CA TYR D 139 13.05 47.59 20.02
C TYR D 139 13.43 48.82 20.82
N ARG D 140 13.50 48.62 22.13
CA ARG D 140 13.80 49.71 23.04
C ARG D 140 15.10 50.41 22.68
N LEU D 141 16.16 49.65 22.39
CA LEU D 141 17.43 50.25 22.01
C LEU D 141 17.38 51.09 20.74
N GLN D 142 16.69 50.60 19.70
CA GLN D 142 16.63 51.40 18.48
C GLN D 142 15.80 52.66 18.72
N LYS D 143 14.73 52.54 19.48
CA LYS D 143 13.90 53.68 19.88
C LYS D 143 14.71 54.74 20.65
N GLU D 144 15.45 54.26 21.65
CA GLU D 144 16.33 55.08 22.47
C GLU D 144 17.30 55.82 21.60
N LEU D 145 17.87 55.09 20.65
CA LEU D 145 18.87 55.62 19.75
C LEU D 145 18.26 56.77 18.91
N LEU D 146 17.03 56.53 18.46
CA LEU D 146 16.29 57.52 17.69
C LEU D 146 16.13 58.83 18.46
N GLU D 147 15.39 58.76 19.57
CA GLU D 147 15.13 59.94 20.40
C GLU D 147 16.37 60.64 20.98
N LYS D 148 17.35 59.86 21.43
CA LYS D 148 18.60 60.44 21.91
C LYS D 148 19.21 61.25 20.77
N GLN D 149 19.16 60.69 19.57
CA GLN D 149 19.65 61.42 18.42
C GLN D 149 18.87 62.71 18.24
N LYS D 150 17.55 62.67 18.51
CA LYS D 150 16.72 63.88 18.42
C LYS D 150 17.10 65.02 19.39
N GLU D 151 17.09 64.74 20.71
CA GLU D 151 17.46 65.78 21.68
C GLU D 151 18.87 66.28 21.45
N GLU D 153 20.49 66.28 18.55
CA GLU D 153 20.45 67.05 17.31
C GLU D 153 19.95 68.47 17.55
N SER D 154 18.86 68.60 18.30
CA SER D 154 18.33 69.92 18.66
C SER D 154 19.36 70.72 19.48
N LEU D 155 20.08 70.03 20.35
CA LEU D 155 21.16 70.66 21.11
C LEU D 155 22.28 71.17 20.20
N LYS D 156 22.59 70.41 19.14
CA LYS D 156 23.58 70.84 18.14
C LYS D 156 23.12 72.08 17.38
N LYS D 157 21.85 72.10 16.98
CA LYS D 157 21.26 73.30 16.36
C LYS D 157 21.41 74.50 17.28
N LEU D 158 21.05 74.30 18.54
CA LEU D 158 21.18 75.36 19.54
C LEU D 158 22.64 75.83 19.65
N LEU D 159 23.57 74.90 19.48
CA LEU D 159 25.00 75.24 19.44
C LEU D 159 25.34 76.17 18.26
N SER D 160 24.84 75.82 17.08
CA SER D 160 25.08 76.65 15.89
C SER D 160 24.52 78.04 16.08
N GLU D 161 23.27 78.11 16.53
CA GLU D 161 22.57 79.37 16.75
C GLU D 161 23.20 80.28 17.80
N LYS D 162 23.56 79.71 18.95
CA LYS D 162 24.23 80.51 19.98
C LYS D 162 25.63 80.95 19.51
N GLN D 163 26.27 80.14 18.66
CA GLN D 163 27.55 80.52 18.08
C GLN D 163 27.38 81.73 17.15
N LEU D 164 26.25 81.75 16.44
CA LEU D 164 25.89 82.92 15.64
C LEU D 164 25.77 84.16 16.52
N HIS D 165 25.08 84.00 17.66
CA HIS D 165 24.91 85.13 18.58
C HIS D 165 26.23 85.67 19.13
N ILE D 166 27.12 84.81 19.60
CA ILE D 166 28.42 85.30 20.06
C ILE D 166 29.22 85.94 18.92
N ASP D 167 29.08 85.42 17.69
CA ASP D 167 29.75 86.07 16.55
C ASP D 167 29.28 87.52 16.29
N THR D 168 27.96 87.75 16.25
CA THR D 168 27.46 89.13 16.09
C THR D 168 27.90 89.99 17.27
N LEU D 169 27.88 89.39 18.46
CA LEU D 169 28.29 90.07 19.68
C LEU D 169 29.74 90.55 19.54
N GLU D 170 30.61 89.68 19.01
CA GLU D 170 32.00 90.04 18.73
C GLU D 170 32.11 91.14 17.69
N ASN D 171 31.17 91.15 16.75
CA ASN D 171 31.14 92.18 15.71
C ASN D 171 30.86 93.58 16.31
N ARG D 172 29.86 93.64 17.18
CA ARG D 172 29.49 94.90 17.83
C ARG D 172 30.53 95.37 18.87
N ILE D 173 31.10 94.41 19.59
CA ILE D 173 32.13 94.70 20.60
C ILE D 173 33.46 95.14 19.97
N ARG D 174 33.80 94.56 18.81
CA ARG D 174 34.98 95.00 18.06
C ARG D 174 34.72 96.42 17.57
N THR D 175 33.46 96.72 17.26
CA THR D 175 33.13 98.07 16.77
C THR D 175 33.19 99.20 17.81
N LEU D 176 32.59 99.02 18.99
CA LEU D 176 32.53 100.13 19.96
C LEU D 176 33.65 100.25 21.02
N SER D 177 34.64 99.36 21.03
CA SER D 177 35.60 99.35 22.14
C SER D 177 36.78 100.33 22.06
N LEU D 178 37.42 100.45 20.90
CA LEU D 178 38.53 101.40 20.79
C LEU D 178 38.01 102.82 20.63
N TRP E 4 12.53 23.94 -2.81
CA TRP E 4 13.39 24.11 -3.96
C TRP E 4 12.54 24.42 -5.20
N GLU E 5 12.44 25.69 -5.57
CA GLU E 5 11.65 26.08 -6.74
C GLU E 5 12.36 26.45 -8.07
N ASP E 6 13.69 26.36 -8.14
CA ASP E 6 14.38 26.63 -9.42
C ASP E 6 13.92 25.61 -10.45
N ARG E 7 13.91 24.34 -10.04
CA ARG E 7 13.34 23.22 -10.81
C ARG E 7 13.49 21.94 -10.02
N PRO E 8 12.41 21.13 -9.94
CA PRO E 8 12.58 19.84 -9.27
C PRO E 8 13.43 18.89 -10.11
N SER E 9 13.58 17.67 -9.63
CA SER E 9 14.36 16.64 -10.31
C SER E 9 13.58 15.97 -11.43
N THR E 10 14.25 15.33 -12.36
CA THR E 10 13.55 14.53 -13.37
C THR E 10 13.88 13.01 -13.27
N PRO E 11 12.88 12.21 -12.85
CA PRO E 11 12.95 10.74 -12.72
C PRO E 11 13.25 10.01 -14.02
N THR E 12 14.23 9.11 -13.98
CA THR E 12 14.62 8.26 -15.11
C THR E 12 14.17 6.81 -14.92
N ILE E 13 13.67 6.16 -15.96
CA ILE E 13 13.36 4.74 -15.79
C ILE E 13 14.57 3.96 -16.25
N LEU E 14 15.13 3.18 -15.34
CA LEU E 14 16.36 2.46 -15.65
C LEU E 14 16.00 1.22 -16.42
N GLY E 15 15.00 0.50 -15.93
CA GLY E 15 14.66 -0.71 -16.65
C GLY E 15 13.63 -1.52 -15.92
N TYR E 16 13.52 -2.79 -16.27
CA TYR E 16 12.63 -3.59 -15.48
C TYR E 16 13.33 -4.87 -15.04
N GLU E 17 12.83 -5.42 -13.96
CA GLU E 17 13.34 -6.65 -13.41
C GLU E 17 12.15 -7.48 -12.94
N VAL E 18 12.19 -8.78 -13.21
CA VAL E 18 11.12 -9.68 -12.77
C VAL E 18 11.43 -10.13 -11.35
N GLU E 20 10.23 -12.36 -7.93
CA GLU E 20 9.44 -13.48 -7.48
C GLU E 20 8.88 -13.21 -6.11
N GLU E 21 7.56 -13.13 -6.06
CA GLU E 21 6.75 -13.41 -4.89
C GLU E 21 6.04 -14.76 -5.06
N ARG E 22 6.64 -15.66 -5.84
CA ARG E 22 6.11 -17.00 -6.24
C ARG E 22 4.99 -16.95 -7.24
N ALA E 23 4.91 -15.77 -7.85
CA ALA E 23 4.14 -15.49 -9.03
C ALA E 23 5.07 -14.47 -9.65
N LYS E 24 5.21 -14.49 -10.96
CA LYS E 24 6.19 -13.61 -11.58
C LYS E 24 5.63 -12.20 -11.67
N PHE E 25 6.34 -11.21 -11.13
CA PHE E 25 5.87 -9.83 -11.28
C PHE E 25 6.85 -9.01 -12.08
N THR E 26 6.32 -8.13 -12.93
CA THR E 26 7.17 -7.24 -13.69
C THR E 26 7.27 -5.93 -12.94
N VAL E 27 8.48 -5.60 -12.48
CA VAL E 27 8.61 -4.32 -11.79
C VAL E 27 9.59 -3.42 -12.52
N TYR E 28 9.38 -2.12 -12.41
CA TYR E 28 10.26 -1.15 -13.03
C TYR E 28 11.13 -0.47 -12.00
N LYS E 29 12.44 -0.49 -12.28
CA LYS E 29 13.43 0.21 -11.49
C LYS E 29 13.56 1.63 -12.04
N ILE E 30 13.17 2.55 -11.16
CA ILE E 30 13.14 3.98 -11.41
C ILE E 30 14.20 4.69 -10.59
N LEU E 31 15.09 5.39 -11.29
CA LEU E 31 16.10 6.18 -10.60
C LEU E 31 15.62 7.61 -10.37
N VAL E 32 15.81 8.11 -9.16
CA VAL E 32 15.41 9.47 -8.80
C VAL E 32 16.64 10.24 -8.32
N LYS E 33 16.94 11.37 -8.95
CA LYS E 33 18.15 12.12 -8.57
C LYS E 33 17.87 13.55 -8.08
N LYS E 34 18.38 13.89 -6.90
CA LYS E 34 18.25 15.24 -6.37
C LYS E 34 19.34 16.09 -7.03
N THR E 35 20.58 15.89 -6.56
CA THR E 35 21.80 16.43 -7.20
C THR E 35 22.62 15.22 -7.62
N PRO E 36 23.63 15.40 -8.49
CA PRO E 36 24.37 14.24 -8.99
C PRO E 36 24.92 13.30 -7.92
N GLU E 37 25.25 13.83 -6.75
CA GLU E 37 25.78 13.00 -5.69
C GLU E 37 24.68 12.41 -4.85
N GLU E 38 23.47 12.94 -4.97
CA GLU E 38 22.32 12.46 -4.18
C GLU E 38 21.24 11.85 -5.07
N SER E 39 21.13 10.53 -5.08
CA SER E 39 20.09 9.81 -5.83
C SER E 39 19.76 8.41 -5.24
N TRP E 40 18.54 7.93 -5.51
CA TRP E 40 18.08 6.62 -5.04
C TRP E 40 17.22 5.89 -6.08
N VAL E 41 16.93 4.61 -5.83
CA VAL E 41 16.13 3.84 -6.78
C VAL E 41 14.88 3.28 -6.12
N VAL E 42 13.76 3.39 -6.80
CA VAL E 42 12.50 2.83 -6.32
C VAL E 42 11.95 1.81 -7.27
N PHE E 43 11.28 0.80 -6.71
CA PHE E 43 10.70 -0.27 -7.52
C PHE E 43 9.22 -0.03 -7.56
N ARG E 44 8.65 0.03 -8.76
CA ARG E 44 7.21 0.26 -8.87
C ARG E 44 6.66 -0.66 -9.92
N ARG E 45 5.44 -1.16 -9.74
CA ARG E 45 4.89 -2.06 -10.74
C ARG E 45 3.92 -1.27 -11.63
N TYR E 46 3.42 -1.89 -12.70
CA TYR E 46 2.42 -1.22 -13.52
C TYR E 46 1.22 -0.80 -12.66
N THR E 47 0.83 -1.72 -11.81
CA THR E 47 -0.27 -1.53 -10.88
C THR E 47 -0.13 -0.27 -10.06
N ASP E 48 1.10 0.00 -9.62
CA ASP E 48 1.38 1.12 -8.75
C ASP E 48 1.22 2.45 -9.47
N PHE E 49 1.71 2.50 -10.71
CA PHE E 49 1.49 3.67 -11.57
C PHE E 49 0.04 3.90 -11.79
N SER E 50 -0.66 2.80 -12.06
CA SER E 50 -2.06 2.84 -12.36
C SER E 50 -2.85 3.42 -11.18
N ARG E 51 -2.54 2.93 -9.99
CA ARG E 51 -3.12 3.36 -8.71
C ARG E 51 -2.87 4.85 -8.42
N LEU E 52 -1.60 5.25 -8.57
CA LEU E 52 -1.21 6.67 -8.43
C LEU E 52 -2.04 7.54 -9.36
N ASN E 53 -2.18 7.09 -10.59
CA ASN E 53 -2.96 7.80 -11.57
C ASN E 53 -4.42 7.89 -11.15
N ASP E 54 -4.94 6.86 -10.48
CA ASP E 54 -6.31 6.94 -9.93
C ASP E 54 -6.43 8.08 -8.98
N LYS E 55 -5.47 8.14 -8.05
CA LYS E 55 -5.44 9.23 -7.08
C LYS E 55 -5.38 10.59 -7.81
N LEU E 56 -4.63 10.61 -8.91
CA LEU E 56 -4.51 11.84 -9.71
C LEU E 56 -5.83 12.25 -10.39
N LYS E 57 -6.60 11.27 -10.91
CA LYS E 57 -7.91 11.50 -11.53
C LYS E 57 -8.84 12.02 -10.49
N GLU E 58 -8.62 11.60 -9.26
CA GLU E 58 -9.47 12.01 -8.16
C GLU E 58 -9.15 13.45 -7.84
N PHE E 60 -6.69 15.82 -8.91
CA PHE E 60 -6.52 16.83 -9.97
C PHE E 60 -7.38 16.49 -11.16
N PRO E 61 -8.64 16.87 -11.08
CA PRO E 61 -9.58 16.62 -12.18
C PRO E 61 -9.19 17.42 -13.42
N GLY E 62 -8.91 18.70 -13.24
CA GLY E 62 -8.53 19.58 -14.32
C GLY E 62 -7.44 19.08 -15.26
N PHE E 63 -6.45 18.38 -14.71
CA PHE E 63 -5.32 17.90 -15.50
C PHE E 63 -5.23 16.37 -15.39
N ARG E 64 -5.28 15.66 -16.52
CA ARG E 64 -5.23 14.19 -16.51
C ARG E 64 -4.00 13.66 -17.23
N LEU E 65 -3.65 12.41 -16.98
CA LEU E 65 -2.43 11.81 -17.51
C LEU E 65 -2.61 10.43 -18.14
N ALA E 66 -2.08 10.23 -19.34
CA ALA E 66 -2.18 8.95 -20.01
C ALA E 66 -1.23 7.91 -19.43
N LEU E 67 -1.59 6.65 -19.57
CA LEU E 67 -0.73 5.54 -19.19
C LEU E 67 -0.99 4.42 -20.16
N PRO E 68 0.08 3.75 -20.60
CA PRO E 68 -0.13 2.65 -21.55
C PRO E 68 -1.06 1.58 -20.95
N PRO E 69 -1.90 0.99 -21.80
CA PRO E 69 -3.04 0.10 -21.50
C PRO E 69 -2.67 -1.19 -20.75
N LYS E 70 -3.42 -1.52 -19.70
CA LYS E 70 -3.26 -2.81 -19.01
C LYS E 70 -3.32 -4.03 -19.95
N ARG E 71 -2.50 -5.03 -19.60
CA ARG E 71 -2.46 -6.31 -20.29
C ARG E 71 -3.56 -7.15 -19.68
N TRP E 72 -4.14 -8.05 -20.46
CA TRP E 72 -5.27 -8.84 -19.98
C TRP E 72 -5.14 -10.37 -20.08
N PHE E 73 -5.02 -10.88 -21.30
CA PHE E 73 -5.04 -12.32 -21.61
C PHE E 73 -3.90 -13.14 -20.96
N LYS E 74 -3.04 -12.41 -20.24
CA LYS E 74 -1.84 -12.84 -19.51
C LYS E 74 -0.47 -12.82 -20.23
N ASP E 75 -0.41 -12.72 -21.55
CA ASP E 75 0.93 -12.76 -22.14
C ASP E 75 1.51 -11.39 -22.46
N ASN E 76 1.18 -10.87 -23.64
CA ASN E 76 1.78 -9.63 -24.14
C ASN E 76 3.28 -9.48 -23.86
N TYR E 77 4.09 -10.36 -24.43
CA TYR E 77 5.54 -10.28 -24.31
C TYR E 77 6.12 -9.67 -25.58
N ASN E 78 5.21 -9.25 -26.45
CA ASN E 78 5.53 -8.67 -27.74
C ASN E 78 6.54 -7.56 -27.52
N ALA E 79 7.57 -7.50 -28.35
CA ALA E 79 8.56 -6.42 -28.28
C ALA E 79 7.84 -5.10 -28.22
N ASP E 80 6.84 -5.00 -29.10
CA ASP E 80 5.96 -3.86 -29.23
C ASP E 80 5.49 -3.37 -27.89
N PHE E 81 4.67 -4.18 -27.24
CA PHE E 81 3.97 -3.74 -26.03
C PHE E 81 4.91 -3.46 -24.87
N LEU E 82 5.96 -4.24 -24.71
CA LEU E 82 6.94 -3.94 -23.66
C LEU E 82 7.56 -2.57 -23.85
N GLU E 83 8.11 -2.34 -25.04
CA GLU E 83 8.80 -1.09 -25.33
C GLU E 83 7.87 0.11 -25.18
N ASP E 84 6.70 0.03 -25.81
CA ASP E 84 5.73 1.10 -25.70
C ASP E 84 5.26 1.31 -24.26
N ARG E 85 5.08 0.22 -23.51
CA ARG E 85 4.70 0.35 -22.10
C ARG E 85 5.73 1.15 -21.31
N GLN E 86 6.99 0.74 -21.37
CA GLN E 86 8.00 1.49 -20.63
C GLN E 86 8.06 2.95 -21.10
N LEU E 87 7.87 3.18 -22.40
CA LEU E 87 7.86 4.55 -22.90
C LEU E 87 6.75 5.36 -22.25
N GLY E 88 5.57 4.75 -22.13
CA GLY E 88 4.42 5.37 -21.53
C GLY E 88 4.69 5.71 -20.08
N LEU E 89 5.30 4.79 -19.35
CA LEU E 89 5.60 5.06 -17.96
C LEU E 89 6.56 6.21 -17.81
N GLN E 90 7.60 6.20 -18.64
CA GLN E 90 8.60 7.27 -18.65
C GLN E 90 8.01 8.63 -18.96
N ALA E 91 7.15 8.66 -19.97
CA ALA E 91 6.42 9.86 -20.35
C ALA E 91 5.58 10.34 -19.18
N PHE E 92 4.90 9.40 -18.55
CA PHE E 92 4.08 9.66 -17.36
C PHE E 92 4.88 10.37 -16.27
N LEU E 93 6.03 9.79 -15.94
CA LEU E 93 6.92 10.34 -14.93
C LEU E 93 7.35 11.76 -15.28
N GLN E 94 7.72 11.93 -16.55
CA GLN E 94 8.18 13.23 -17.04
C GLN E 94 7.12 14.29 -16.77
N ASN E 95 5.90 14.00 -17.18
CA ASN E 95 4.75 14.87 -16.93
C ASN E 95 4.42 15.04 -15.46
N LEU E 96 4.71 14.00 -14.69
CA LEU E 96 4.30 13.95 -13.31
C LEU E 96 5.14 14.92 -12.52
N VAL E 97 6.41 15.05 -12.85
CA VAL E 97 7.24 16.07 -12.19
C VAL E 97 7.27 17.41 -12.94
N ALA E 98 6.80 17.40 -14.17
CA ALA E 98 6.75 18.63 -14.95
C ALA E 98 5.63 19.56 -14.48
N HIS E 99 4.69 19.01 -13.72
CA HIS E 99 3.51 19.78 -13.40
C HIS E 99 3.56 20.64 -12.14
N LYS E 100 4.71 20.74 -11.48
CA LYS E 100 4.76 21.54 -10.26
C LYS E 100 3.71 20.98 -9.30
N ASP E 101 2.60 21.69 -9.13
CA ASP E 101 1.54 21.31 -8.19
C ASP E 101 1.28 19.80 -7.99
N ILE E 102 1.58 18.97 -8.99
CA ILE E 102 1.47 17.53 -8.79
C ILE E 102 2.75 16.90 -8.20
N ALA E 103 3.87 17.60 -8.31
CA ALA E 103 5.15 17.07 -7.85
C ALA E 103 5.32 17.26 -6.36
N ASN E 104 4.78 18.36 -5.85
CA ASN E 104 4.80 18.59 -4.40
C ASN E 104 3.57 18.05 -3.71
N CYS E 105 2.77 17.28 -4.44
CA CYS E 105 1.62 16.60 -3.85
C CYS E 105 2.12 15.36 -3.10
N LEU E 106 1.36 14.89 -2.12
CA LEU E 106 1.83 13.86 -1.21
C LEU E 106 2.01 12.51 -1.89
N ALA E 107 0.98 12.07 -2.59
CA ALA E 107 0.99 10.75 -3.22
C ALA E 107 2.19 10.57 -4.12
N VAL E 108 2.52 11.62 -4.88
CA VAL E 108 3.67 11.57 -5.77
C VAL E 108 4.94 11.43 -4.97
N ARG E 109 5.01 12.14 -3.84
CA ARG E 109 6.21 12.08 -2.99
C ARG E 109 6.41 10.70 -2.40
N GLU E 110 5.30 10.08 -2.01
CA GLU E 110 5.34 8.76 -1.43
C GLU E 110 5.68 7.75 -2.52
N PHE E 111 5.29 8.06 -3.74
CA PHE E 111 5.53 7.17 -4.85
C PHE E 111 7.02 7.17 -5.19
N LEU E 112 7.59 8.35 -5.39
CA LEU E 112 8.99 8.48 -5.79
C LEU E 112 9.96 8.60 -4.62
N CYS E 113 9.44 8.43 -3.40
CA CYS E 113 10.23 8.54 -2.17
C CYS E 113 11.10 9.78 -2.12
N LEU E 114 10.48 10.94 -2.28
CA LEU E 114 11.16 12.23 -2.22
C LEU E 114 11.52 12.68 -0.81
N ASP E 115 10.63 12.41 0.14
CA ASP E 115 10.76 12.86 1.53
C ASP E 115 11.66 12.00 2.43
N ASP E 116 11.62 10.69 2.20
CA ASP E 116 12.45 9.75 2.93
C ASP E 116 12.90 8.65 1.98
N PRO E 117 13.84 8.97 1.08
CA PRO E 117 14.33 7.96 0.16
C PRO E 117 15.13 6.91 0.91
N PRO E 118 15.05 5.64 0.48
CA PRO E 118 15.78 4.50 1.01
C PRO E 118 17.25 4.61 0.63
N GLY E 119 18.11 3.83 1.24
CA GLY E 119 19.49 3.91 0.84
C GLY E 119 19.67 2.95 -0.33
N PRO E 120 20.92 2.62 -0.66
CA PRO E 120 21.16 1.78 -1.83
C PRO E 120 20.53 0.41 -1.74
N PHE E 121 20.74 -0.26 -0.61
CA PHE E 121 20.32 -1.64 -0.47
C PHE E 121 18.92 -1.83 0.10
N ASP E 122 18.28 -0.73 0.49
CA ASP E 122 16.95 -0.75 1.11
C ASP E 122 15.79 -0.94 0.13
N SER E 123 16.06 -0.74 -1.16
CA SER E 123 15.03 -0.74 -2.21
C SER E 123 14.06 -1.92 -2.18
N LEU E 124 14.54 -3.13 -1.95
CA LEU E 124 13.64 -4.26 -1.95
C LEU E 124 12.67 -4.15 -0.78
N GLU E 125 13.19 -3.73 0.37
CA GLU E 125 12.38 -3.57 1.57
C GLU E 125 11.30 -2.52 1.32
N GLU E 126 11.74 -1.34 0.87
CA GLU E 126 10.85 -0.25 0.50
C GLU E 126 9.74 -0.77 -0.42
N SER E 127 10.14 -1.40 -1.52
CA SER E 127 9.24 -2.09 -2.47
C SER E 127 8.13 -2.89 -1.80
N ARG E 128 8.54 -3.92 -1.06
CA ARG E 128 7.62 -4.79 -0.34
C ARG E 128 6.71 -4.04 0.62
N ALA E 129 7.21 -2.94 1.18
CA ALA E 129 6.42 -2.17 2.11
C ALA E 129 5.57 -1.08 1.45
N PHE E 130 5.75 -0.85 0.15
CA PHE E 130 4.91 0.11 -0.55
C PHE E 130 3.84 -0.50 -1.43
N CYS E 131 3.89 -1.81 -1.60
CA CYS E 131 2.97 -2.45 -2.53
C CYS E 131 2.01 -3.38 -1.80
N GLU E 132 0.87 -3.69 -2.41
CA GLU E 132 -0.03 -4.66 -1.81
C GLU E 132 0.49 -6.07 -1.92
N THR E 133 0.61 -6.75 -0.79
CA THR E 133 0.97 -8.16 -0.82
C THR E 133 -0.27 -8.85 -1.36
N LEU E 134 -0.05 -9.90 -2.15
CA LEU E 134 -1.12 -10.62 -2.85
C LEU E 134 -2.36 -10.88 -1.98
N GLU E 135 -2.11 -11.21 -0.72
CA GLU E 135 -3.14 -11.48 0.26
C GLU E 135 -4.01 -10.24 0.51
N GLU E 136 -3.36 -9.10 0.73
CA GLU E 136 -4.08 -7.86 0.99
C GLU E 136 -4.98 -7.53 -0.20
N THR E 137 -4.47 -7.78 -1.39
CA THR E 137 -5.22 -7.57 -2.63
C THR E 137 -6.45 -8.46 -2.71
N ASN E 138 -6.28 -9.73 -2.37
CA ASN E 138 -7.40 -10.68 -2.33
C ASN E 138 -8.50 -10.21 -1.38
N TYR E 139 -8.07 -9.78 -0.20
CA TYR E 139 -8.95 -9.24 0.82
C TYR E 139 -9.76 -8.06 0.27
N ARG E 140 -9.03 -7.04 -0.20
CA ARG E 140 -9.59 -5.83 -0.75
C ARG E 140 -10.60 -6.12 -1.85
N LEU E 141 -10.21 -6.99 -2.77
CA LEU E 141 -11.09 -7.33 -3.88
C LEU E 141 -12.40 -7.97 -3.41
N GLN E 142 -12.32 -8.87 -2.45
CA GLN E 142 -13.59 -9.44 -2.03
C GLN E 142 -14.44 -8.42 -1.29
N LYS E 143 -13.80 -7.58 -0.48
CA LYS E 143 -14.52 -6.52 0.20
C LYS E 143 -15.27 -5.67 -0.81
N GLU E 144 -14.56 -5.26 -1.85
CA GLU E 144 -15.15 -4.47 -2.91
C GLU E 144 -16.32 -5.18 -3.58
N LEU E 145 -16.15 -6.46 -3.90
CA LEU E 145 -17.22 -7.17 -4.59
C LEU E 145 -18.49 -7.27 -3.71
N LEU E 146 -18.30 -7.59 -2.43
CA LEU E 146 -19.43 -7.65 -1.48
C LEU E 146 -20.14 -6.31 -1.33
N GLU E 147 -19.35 -5.30 -0.95
CA GLU E 147 -19.86 -3.95 -0.76
C GLU E 147 -20.64 -3.50 -2.00
N LYS E 148 -20.03 -3.74 -3.17
CA LYS E 148 -20.68 -3.43 -4.43
C LYS E 148 -22.01 -4.14 -4.52
N GLN E 149 -22.09 -5.40 -4.10
CA GLN E 149 -23.38 -6.08 -4.14
C GLN E 149 -24.46 -5.49 -3.21
N LYS E 150 -24.10 -5.12 -1.98
CA LYS E 150 -25.09 -4.45 -1.14
C LYS E 150 -25.57 -3.15 -1.78
N GLU E 151 -24.61 -2.28 -2.11
CA GLU E 151 -24.91 -0.98 -2.73
C GLU E 151 -25.79 -1.13 -3.96
N GLU E 153 -27.98 -3.79 -4.53
CA GLU E 153 -29.34 -4.10 -4.10
C GLU E 153 -30.07 -2.85 -3.64
N SER E 154 -29.37 -2.00 -2.89
CA SER E 154 -29.95 -0.75 -2.41
C SER E 154 -30.42 0.13 -3.58
N LEU E 155 -29.58 0.20 -4.61
CA LEU E 155 -29.91 0.95 -5.80
C LEU E 155 -31.14 0.38 -6.51
N LYS E 156 -31.24 -0.95 -6.60
CA LYS E 156 -32.38 -1.62 -7.22
C LYS E 156 -33.66 -1.32 -6.44
N LYS E 157 -33.53 -1.27 -5.13
CA LYS E 157 -34.63 -0.85 -4.28
C LYS E 157 -35.10 0.53 -4.73
N LEU E 158 -34.16 1.46 -4.92
CA LEU E 158 -34.54 2.78 -5.43
C LEU E 158 -35.18 2.74 -6.82
N LEU E 159 -34.77 1.80 -7.67
CA LEU E 159 -35.45 1.62 -8.95
C LEU E 159 -36.91 1.30 -8.77
N SER E 160 -37.19 0.35 -7.90
CA SER E 160 -38.58 -0.03 -7.61
C SER E 160 -39.40 1.13 -7.05
N GLU E 161 -38.86 1.80 -6.02
CA GLU E 161 -39.59 2.91 -5.37
C GLU E 161 -39.84 4.08 -6.33
N LYS E 162 -38.79 4.49 -7.04
CA LYS E 162 -38.92 5.58 -7.98
C LYS E 162 -39.89 5.21 -9.11
N GLN E 163 -39.94 3.94 -9.50
CA GLN E 163 -40.87 3.56 -10.54
C GLN E 163 -42.34 3.58 -10.13
N LEU E 164 -42.62 3.09 -8.93
CA LEU E 164 -44.00 3.20 -8.42
C LEU E 164 -44.40 4.66 -8.25
N HIS E 165 -43.47 5.46 -7.75
CA HIS E 165 -43.69 6.90 -7.63
C HIS E 165 -44.02 7.52 -8.99
N ILE E 166 -43.32 7.10 -10.03
CA ILE E 166 -43.59 7.57 -11.40
C ILE E 166 -45.01 7.22 -11.81
N ASP E 167 -45.47 6.02 -11.45
CA ASP E 167 -46.85 5.64 -11.76
C ASP E 167 -47.85 6.55 -11.04
N THR E 168 -47.56 6.85 -9.77
CA THR E 168 -48.39 7.76 -9.00
C THR E 168 -48.50 9.13 -9.67
N LEU E 169 -47.35 9.64 -10.10
CA LEU E 169 -47.29 10.94 -10.76
C LEU E 169 -48.02 10.97 -12.10
N GLU E 170 -47.85 9.93 -12.93
CA GLU E 170 -48.55 9.91 -14.20
C GLU E 170 -50.06 9.82 -13.99
N ASN E 171 -50.50 9.08 -12.97
CA ASN E 171 -51.94 9.00 -12.69
C ASN E 171 -52.51 10.35 -12.24
N ARG E 172 -51.70 11.08 -11.46
CA ARG E 172 -52.11 12.43 -11.04
C ARG E 172 -52.19 13.38 -12.23
N ILE E 173 -51.26 13.23 -13.18
CA ILE E 173 -51.26 14.09 -14.35
C ILE E 173 -52.45 13.80 -15.29
N ARG E 174 -52.88 12.54 -15.38
CA ARG E 174 -54.08 12.22 -16.16
C ARG E 174 -55.36 12.76 -15.48
N THR E 175 -55.46 12.56 -14.16
CA THR E 175 -56.66 12.97 -13.46
C THR E 175 -56.71 14.51 -13.46
N LEU E 176 -55.54 15.12 -13.63
CA LEU E 176 -55.47 16.57 -13.76
C LEU E 176 -55.77 17.00 -15.18
N SER E 177 -55.64 16.05 -16.12
CA SER E 177 -55.86 16.40 -17.52
C SER E 177 -57.36 16.48 -17.79
N LEU E 178 -58.16 15.63 -17.13
CA LEU E 178 -59.62 15.75 -17.34
C LEU E 178 -60.16 17.18 -17.15
N GLU E 179 -59.92 17.77 -16.00
CA GLU E 179 -60.48 19.09 -15.72
C GLU E 179 -59.50 20.21 -16.00
N ASP F 6 -24.43 -48.16 -5.98
CA ASP F 6 -23.02 -47.82 -6.09
C ASP F 6 -22.40 -47.54 -4.73
N ARG F 7 -21.15 -47.07 -4.73
CA ARG F 7 -20.47 -46.63 -3.51
C ARG F 7 -19.51 -45.44 -3.70
N PRO F 8 -20.03 -44.20 -3.81
CA PRO F 8 -19.02 -43.12 -3.87
C PRO F 8 -18.35 -42.86 -2.51
N SER F 9 -18.01 -43.96 -1.83
CA SER F 9 -17.33 -44.02 -0.54
C SER F 9 -17.86 -43.04 0.50
N THR F 10 -16.97 -42.64 1.39
CA THR F 10 -17.16 -41.54 2.32
C THR F 10 -15.76 -40.99 2.45
N PRO F 11 -15.33 -40.19 1.48
CA PRO F 11 -13.94 -39.72 1.55
C PRO F 11 -13.61 -39.02 2.86
N THR F 12 -12.58 -39.56 3.50
CA THR F 12 -12.08 -39.06 4.77
C THR F 12 -10.79 -38.31 4.50
N ILE F 13 -10.18 -37.79 5.56
CA ILE F 13 -8.94 -37.02 5.46
C ILE F 13 -7.63 -37.74 5.80
N LEU F 14 -6.56 -37.36 5.10
CA LEU F 14 -5.23 -37.79 5.47
C LEU F 14 -4.66 -36.78 6.48
N GLY F 15 -4.53 -35.51 6.08
CA GLY F 15 -3.98 -34.49 6.99
C GLY F 15 -3.72 -33.11 6.39
N TYR F 16 -2.94 -32.26 7.06
CA TYR F 16 -2.58 -30.96 6.47
C TYR F 16 -1.10 -30.55 6.64
N GLU F 17 -0.62 -29.68 5.76
CA GLU F 17 0.71 -29.07 5.90
C GLU F 17 0.77 -27.65 5.34
N VAL F 18 1.54 -26.78 5.99
CA VAL F 18 1.67 -25.39 5.53
C VAL F 18 2.71 -25.30 4.43
N GLU F 20 4.32 -23.00 1.05
CA GLU F 20 4.67 -21.65 0.71
C GLU F 20 4.69 -21.48 -0.80
N GLU F 21 3.75 -20.72 -1.34
CA GLU F 21 4.10 -20.02 -2.56
C GLU F 21 4.08 -18.56 -2.12
N ARG F 22 5.23 -18.12 -1.61
CA ARG F 22 5.49 -16.76 -1.06
C ARG F 22 4.30 -16.08 -0.36
N ALA F 23 3.33 -16.90 0.05
CA ALA F 23 2.25 -16.54 0.95
C ALA F 23 2.00 -17.85 1.65
N LYS F 24 1.75 -17.83 2.95
CA LYS F 24 1.64 -19.11 3.62
C LYS F 24 0.23 -19.63 3.42
N PHE F 25 0.09 -20.77 2.75
CA PHE F 25 -1.23 -21.37 2.60
C PHE F 25 -1.19 -22.82 3.04
N THR F 26 -2.29 -23.31 3.59
CA THR F 26 -2.34 -24.69 4.05
C THR F 26 -2.96 -25.65 3.03
N VAL F 27 -2.32 -26.81 2.83
CA VAL F 27 -2.87 -27.81 1.92
C VAL F 27 -3.38 -29.01 2.70
N TYR F 28 -4.50 -29.58 2.24
CA TYR F 28 -5.13 -30.74 2.86
C TYR F 28 -5.07 -32.01 1.99
N LYS F 29 -4.52 -33.08 2.56
CA LYS F 29 -4.47 -34.39 1.92
C LYS F 29 -5.74 -35.15 2.25
N ILE F 30 -6.51 -35.44 1.20
CA ILE F 30 -7.78 -36.16 1.29
C ILE F 30 -7.71 -37.48 0.50
N LEU F 31 -7.92 -38.61 1.19
CA LEU F 31 -7.94 -39.92 0.54
C LEU F 31 -9.36 -40.38 0.21
N VAL F 32 -9.53 -40.94 -1.00
CA VAL F 32 -10.83 -41.44 -1.45
C VAL F 32 -10.76 -42.93 -1.83
N LYS F 33 -11.61 -43.74 -1.20
CA LYS F 33 -11.61 -45.19 -1.38
C LYS F 33 -12.72 -45.79 -2.28
N LYS F 34 -13.53 -44.95 -2.92
CA LYS F 34 -14.59 -45.40 -3.85
C LYS F 34 -14.39 -46.76 -4.53
N GLU F 38 -9.79 -50.63 -5.86
CA GLU F 38 -9.88 -49.31 -6.46
C GLU F 38 -9.48 -48.24 -5.46
N SER F 39 -8.41 -47.50 -5.76
CA SER F 39 -8.02 -46.38 -4.92
C SER F 39 -7.33 -45.25 -5.69
N TRP F 40 -7.53 -44.02 -5.22
CA TRP F 40 -6.76 -42.86 -5.68
C TRP F 40 -6.72 -41.81 -4.55
N VAL F 41 -5.83 -40.83 -4.66
CA VAL F 41 -5.67 -39.84 -3.60
C VAL F 41 -5.80 -38.41 -4.16
N VAL F 42 -6.53 -37.54 -3.47
CA VAL F 42 -6.65 -36.14 -3.90
C VAL F 42 -6.13 -35.09 -2.92
N PHE F 43 -5.56 -34.03 -3.48
CA PHE F 43 -5.00 -32.90 -2.72
C PHE F 43 -5.91 -31.67 -2.90
N ARG F 44 -6.30 -31.01 -1.81
CA ARG F 44 -7.10 -29.77 -1.93
C ARG F 44 -6.79 -28.62 -0.98
N ARG F 45 -7.07 -27.41 -1.48
CA ARG F 45 -6.93 -26.18 -0.71
C ARG F 45 -8.32 -25.64 -0.32
N TYR F 46 -8.37 -24.90 0.79
CA TYR F 46 -9.61 -24.35 1.34
C TYR F 46 -10.42 -23.50 0.35
N THR F 47 -9.70 -22.69 -0.42
CA THR F 47 -10.30 -21.79 -1.41
C THR F 47 -11.26 -22.53 -2.32
N ASP F 48 -10.85 -23.71 -2.75
CA ASP F 48 -11.65 -24.55 -3.63
C ASP F 48 -12.82 -25.20 -2.89
N PHE F 49 -12.64 -25.53 -1.61
CA PHE F 49 -13.81 -25.96 -0.85
C PHE F 49 -14.89 -24.89 -0.77
N SER F 50 -14.50 -23.65 -0.47
CA SER F 50 -15.48 -22.56 -0.42
C SER F 50 -16.14 -22.31 -1.79
N ARG F 51 -15.34 -22.30 -2.84
CA ARG F 51 -15.86 -22.16 -4.20
C ARG F 51 -16.83 -23.28 -4.55
N LEU F 52 -16.45 -24.51 -4.19
CA LEU F 52 -17.31 -25.67 -4.37
C LEU F 52 -18.64 -25.42 -3.69
N ASN F 53 -18.58 -24.94 -2.46
CA ASN F 53 -19.79 -24.68 -1.69
C ASN F 53 -20.64 -23.63 -2.38
N ASP F 54 -20.01 -22.68 -3.05
CA ASP F 54 -20.75 -21.71 -3.83
C ASP F 54 -21.48 -22.39 -4.99
N LYS F 55 -20.76 -23.26 -5.72
CA LYS F 55 -21.36 -23.94 -6.87
C LYS F 55 -22.55 -24.79 -6.47
N LEU F 56 -22.43 -25.52 -5.36
CA LEU F 56 -23.55 -26.32 -4.90
C LEU F 56 -24.67 -25.43 -4.38
N LYS F 57 -24.31 -24.29 -3.80
CA LYS F 57 -25.30 -23.38 -3.24
C LYS F 57 -26.19 -22.82 -4.34
N GLU F 58 -25.64 -22.64 -5.54
CA GLU F 58 -26.49 -22.22 -6.67
C GLU F 58 -27.24 -23.41 -7.28
N PHE F 60 -27.90 -26.63 -6.34
CA PHE F 60 -28.91 -27.24 -5.47
C PHE F 60 -29.13 -26.35 -4.24
N PRO F 61 -30.16 -25.47 -4.31
CA PRO F 61 -30.56 -24.57 -3.22
C PRO F 61 -31.18 -25.28 -2.01
N GLY F 62 -31.58 -26.53 -2.22
CA GLY F 62 -32.19 -27.34 -1.18
C GLY F 62 -31.30 -27.64 0.01
N PHE F 63 -30.00 -27.73 -0.25
CA PHE F 63 -29.05 -28.11 0.79
C PHE F 63 -27.96 -27.07 1.09
N ARG F 64 -27.74 -26.80 2.38
CA ARG F 64 -26.64 -25.95 2.82
C ARG F 64 -25.68 -26.84 3.60
N LEU F 65 -24.43 -26.43 3.67
CA LEU F 65 -23.36 -27.19 4.31
C LEU F 65 -22.51 -26.26 5.15
N ALA F 66 -22.34 -26.55 6.44
CA ALA F 66 -21.59 -25.64 7.29
C ALA F 66 -20.10 -25.73 7.04
N LEU F 67 -19.45 -24.58 7.21
CA LEU F 67 -18.03 -24.40 6.99
C LEU F 67 -17.53 -23.54 8.12
N PRO F 68 -16.34 -23.86 8.65
CA PRO F 68 -15.79 -23.09 9.76
C PRO F 68 -15.63 -21.62 9.37
N PRO F 69 -15.62 -20.71 10.36
CA PRO F 69 -15.63 -19.25 10.21
C PRO F 69 -14.42 -18.72 9.44
N LYS F 70 -14.22 -17.41 9.44
CA LYS F 70 -13.02 -16.85 8.87
C LYS F 70 -12.92 -17.09 7.37
N ARG F 71 -13.74 -16.39 6.59
CA ARG F 71 -13.73 -16.56 5.15
C ARG F 71 -12.34 -16.36 4.56
N TRP F 72 -11.91 -15.11 4.32
CA TRP F 72 -10.53 -14.84 3.89
C TRP F 72 -10.02 -13.56 4.55
N PHE F 73 -9.15 -13.66 5.55
CA PHE F 73 -8.63 -12.47 6.27
C PHE F 73 -7.43 -12.69 7.22
N LYS F 74 -7.27 -11.76 8.17
CA LYS F 74 -6.12 -11.69 9.07
C LYS F 74 -5.48 -12.93 9.69
N ASP F 75 -6.14 -13.54 10.68
CA ASP F 75 -5.45 -14.56 11.50
C ASP F 75 -4.91 -15.74 10.68
N ASN F 76 -5.82 -16.62 10.28
CA ASN F 76 -5.56 -17.86 9.53
C ASN F 76 -4.65 -18.85 10.26
N TYR F 77 -3.73 -18.31 11.06
CA TYR F 77 -2.88 -19.07 11.97
C TYR F 77 -3.11 -18.83 13.47
N ASN F 78 -4.12 -18.01 13.77
CA ASN F 78 -4.44 -17.60 15.14
C ASN F 78 -5.86 -18.02 15.51
N ALA F 79 -6.12 -18.09 16.81
CA ALA F 79 -7.45 -18.40 17.35
C ALA F 79 -7.99 -19.82 17.17
N ASP F 80 -7.09 -20.81 17.21
CA ASP F 80 -7.47 -22.22 17.33
C ASP F 80 -8.25 -22.84 16.19
N PHE F 81 -8.81 -22.01 15.33
CA PHE F 81 -9.74 -22.50 14.32
C PHE F 81 -9.10 -23.35 13.22
N LEU F 82 -7.79 -23.55 13.25
CA LEU F 82 -7.15 -24.44 12.26
C LEU F 82 -7.68 -25.89 12.33
N GLU F 83 -7.58 -26.46 13.52
CA GLU F 83 -8.05 -27.81 13.76
C GLU F 83 -9.53 -27.89 13.48
N ASP F 84 -10.26 -26.92 14.03
CA ASP F 84 -11.71 -26.81 13.89
C ASP F 84 -12.06 -26.76 12.42
N ARG F 85 -11.25 -26.04 11.64
CA ARG F 85 -11.39 -25.94 10.19
C ARG F 85 -11.32 -27.34 9.59
N GLN F 86 -10.31 -28.11 9.98
CA GLN F 86 -10.21 -29.50 9.51
C GLN F 86 -11.45 -30.32 9.88
N LEU F 87 -11.98 -30.09 11.08
CA LEU F 87 -13.19 -30.77 11.57
C LEU F 87 -14.45 -30.43 10.75
N GLY F 88 -14.62 -29.14 10.47
CA GLY F 88 -15.73 -28.65 9.68
C GLY F 88 -15.66 -29.16 8.26
N LEU F 89 -14.47 -29.10 7.66
CA LEU F 89 -14.27 -29.59 6.30
C LEU F 89 -14.54 -31.08 6.26
N GLN F 90 -14.13 -31.76 7.31
CA GLN F 90 -14.33 -33.19 7.48
C GLN F 90 -15.85 -33.51 7.45
N ALA F 91 -16.60 -32.70 8.22
CA ALA F 91 -18.05 -32.81 8.24
C ALA F 91 -18.63 -32.57 6.84
N PHE F 92 -18.13 -31.53 6.20
CA PHE F 92 -18.56 -31.16 4.85
C PHE F 92 -18.39 -32.32 3.90
N LEU F 93 -17.23 -32.95 3.93
CA LEU F 93 -16.90 -34.05 3.03
C LEU F 93 -17.89 -35.19 3.20
N GLN F 94 -18.02 -35.62 4.45
CA GLN F 94 -18.93 -36.72 4.76
C GLN F 94 -20.35 -36.40 4.27
N ASN F 95 -20.83 -35.21 4.54
CA ASN F 95 -22.14 -34.78 4.05
C ASN F 95 -22.25 -34.67 2.51
N LEU F 96 -21.14 -34.32 1.88
CA LEU F 96 -21.14 -33.99 0.46
C LEU F 96 -21.34 -35.25 -0.33
N VAL F 97 -20.77 -36.34 0.17
CA VAL F 97 -20.93 -37.61 -0.54
C VAL F 97 -22.17 -38.37 -0.09
N ALA F 98 -22.79 -37.91 0.99
CA ALA F 98 -23.94 -38.60 1.56
C ALA F 98 -25.18 -38.50 0.67
N HIS F 99 -25.17 -37.57 -0.28
CA HIS F 99 -26.33 -37.36 -1.14
C HIS F 99 -26.26 -38.23 -2.39
N LYS F 100 -27.42 -38.74 -2.82
CA LYS F 100 -27.50 -39.66 -3.96
C LYS F 100 -27.30 -38.97 -5.33
N ASP F 101 -27.81 -37.75 -5.46
CA ASP F 101 -27.76 -36.97 -6.71
C ASP F 101 -26.50 -36.10 -6.77
N ILE F 102 -25.60 -36.33 -5.84
CA ILE F 102 -24.33 -35.62 -5.79
C ILE F 102 -23.25 -36.29 -6.65
N ALA F 103 -23.49 -37.53 -7.11
CA ALA F 103 -22.52 -38.24 -7.96
C ALA F 103 -22.58 -37.91 -9.47
N ASN F 104 -23.80 -37.85 -10.00
CA ASN F 104 -24.08 -37.52 -11.41
C ASN F 104 -24.26 -36.04 -11.79
N CYS F 105 -23.81 -35.13 -10.92
CA CYS F 105 -24.03 -33.70 -11.10
C CYS F 105 -22.99 -32.90 -11.90
N LEU F 106 -22.10 -33.56 -12.65
CA LEU F 106 -20.97 -32.85 -13.29
C LEU F 106 -20.05 -32.28 -12.22
N ALA F 107 -20.27 -31.02 -11.81
CA ALA F 107 -19.39 -30.29 -10.90
C ALA F 107 -18.69 -31.14 -9.83
N VAL F 108 -19.36 -32.14 -9.28
CA VAL F 108 -18.68 -33.05 -8.35
C VAL F 108 -17.57 -33.82 -9.07
N ARG F 109 -17.85 -34.21 -10.32
CA ARG F 109 -16.87 -34.95 -11.12
C ARG F 109 -15.68 -34.07 -11.52
N GLU F 110 -15.95 -32.78 -11.79
CA GLU F 110 -14.89 -31.82 -12.12
C GLU F 110 -14.07 -31.41 -10.89
N PHE F 111 -14.70 -31.43 -9.71
CA PHE F 111 -14.02 -31.09 -8.45
C PHE F 111 -13.13 -32.22 -7.88
N LEU F 112 -13.77 -33.30 -7.46
CA LEU F 112 -13.03 -34.44 -6.92
C LEU F 112 -12.79 -35.30 -8.13
N CYS F 113 -12.17 -36.46 -7.97
CA CYS F 113 -11.89 -37.17 -9.19
C CYS F 113 -12.58 -38.53 -9.29
N LEU F 114 -13.70 -38.56 -9.99
CA LEU F 114 -14.33 -39.82 -10.34
C LEU F 114 -13.64 -40.33 -11.61
N ASP F 115 -13.47 -39.42 -12.55
CA ASP F 115 -12.79 -39.68 -13.82
C ASP F 115 -11.31 -39.37 -13.65
N ASP F 116 -10.51 -39.59 -14.69
CA ASP F 116 -9.05 -39.31 -14.68
C ASP F 116 -8.38 -39.49 -13.33
N PRO F 117 -8.35 -40.72 -12.80
CA PRO F 117 -7.76 -40.99 -11.49
C PRO F 117 -6.25 -40.86 -11.56
N PRO F 118 -5.63 -40.37 -10.48
CA PRO F 118 -4.17 -40.36 -10.49
C PRO F 118 -3.65 -41.77 -10.23
N GLY F 119 -2.47 -42.07 -10.76
CA GLY F 119 -1.84 -43.37 -10.54
C GLY F 119 -0.83 -43.23 -9.42
N PRO F 120 0.16 -44.13 -9.37
CA PRO F 120 1.14 -44.04 -8.29
C PRO F 120 1.95 -42.74 -8.31
N PHE F 121 2.52 -42.42 -9.46
CA PHE F 121 3.34 -41.21 -9.60
C PHE F 121 2.50 -40.03 -10.09
N ASP F 122 1.25 -40.30 -10.47
CA ASP F 122 0.35 -39.28 -11.00
C ASP F 122 -0.29 -38.47 -9.86
N SER F 123 -0.29 -39.00 -8.65
CA SER F 123 -0.90 -38.34 -7.47
C SER F 123 -0.41 -36.89 -7.23
N LEU F 124 0.86 -36.63 -7.50
CA LEU F 124 1.48 -35.32 -7.23
C LEU F 124 0.86 -34.21 -8.09
N GLU F 125 -0.02 -34.59 -9.01
CA GLU F 125 -0.75 -33.67 -9.89
C GLU F 125 -1.72 -32.83 -9.09
N GLU F 126 -2.74 -32.34 -9.79
CA GLU F 126 -3.76 -31.49 -9.19
C GLU F 126 -3.10 -30.23 -8.71
N SER F 127 -3.51 -29.70 -7.55
CA SER F 127 -2.91 -28.47 -7.05
C SER F 127 -2.98 -27.48 -8.21
N ARG F 128 -1.83 -27.17 -8.79
CA ARG F 128 -1.74 -26.25 -9.92
C ARG F 128 -2.68 -26.62 -11.09
N ALA F 129 -3.04 -27.90 -11.21
CA ALA F 129 -3.94 -28.31 -12.30
C ALA F 129 -5.41 -28.26 -11.91
N PHE F 130 -6.09 -27.25 -12.47
CA PHE F 130 -7.52 -26.92 -12.26
C PHE F 130 -7.91 -26.24 -10.93
N CYS F 131 -7.06 -26.30 -9.89
CA CYS F 131 -7.36 -25.62 -8.63
C CYS F 131 -6.95 -24.15 -8.73
N GLU F 132 -7.61 -23.28 -7.97
CA GLU F 132 -7.28 -21.85 -7.92
C GLU F 132 -6.12 -21.44 -7.01
N THR F 133 -5.09 -20.80 -7.56
CA THR F 133 -4.03 -20.16 -6.76
C THR F 133 -4.50 -18.74 -6.37
N LEU F 134 -3.68 -18.02 -5.61
CA LEU F 134 -4.07 -16.70 -5.14
C LEU F 134 -4.07 -15.69 -6.26
N GLU F 135 -3.08 -15.81 -7.15
CA GLU F 135 -2.97 -14.95 -8.32
C GLU F 135 -4.19 -15.15 -9.21
N GLU F 136 -4.49 -16.41 -9.47
CA GLU F 136 -5.61 -16.81 -10.31
C GLU F 136 -6.94 -16.36 -9.70
N THR F 137 -7.06 -16.48 -8.38
CA THR F 137 -8.25 -16.02 -7.67
C THR F 137 -8.42 -14.49 -7.78
N ASN F 138 -7.35 -13.73 -7.55
CA ASN F 138 -7.42 -12.28 -7.69
C ASN F 138 -7.84 -11.90 -9.10
N TYR F 139 -7.29 -12.60 -10.08
CA TYR F 139 -7.67 -12.42 -11.47
C TYR F 139 -9.19 -12.58 -11.61
N ARG F 140 -9.71 -13.72 -11.13
CA ARG F 140 -11.14 -14.01 -11.20
C ARG F 140 -12.01 -12.90 -10.57
N LEU F 141 -11.64 -12.52 -9.36
CA LEU F 141 -12.36 -11.50 -8.61
C LEU F 141 -12.40 -10.21 -9.37
N GLN F 142 -11.29 -9.82 -9.97
CA GLN F 142 -11.27 -8.57 -10.72
C GLN F 142 -12.10 -8.62 -12.00
N LYS F 143 -12.06 -9.75 -12.70
CA LYS F 143 -12.91 -9.91 -13.88
C LYS F 143 -14.38 -9.66 -13.50
N GLU F 144 -14.81 -10.34 -12.45
CA GLU F 144 -16.17 -10.16 -11.97
C GLU F 144 -16.47 -8.72 -11.56
N LEU F 145 -15.55 -8.11 -10.81
CA LEU F 145 -15.75 -6.77 -10.29
C LEU F 145 -15.93 -5.78 -11.43
N LEU F 146 -15.15 -5.96 -12.48
CA LEU F 146 -15.30 -5.13 -13.67
C LEU F 146 -16.71 -5.29 -14.25
N GLU F 147 -17.10 -6.52 -14.58
CA GLU F 147 -18.44 -6.73 -15.16
C GLU F 147 -19.60 -6.18 -14.31
N LYS F 148 -19.56 -6.48 -13.02
CA LYS F 148 -20.58 -6.02 -12.09
C LYS F 148 -20.59 -4.50 -12.05
N GLN F 149 -19.42 -3.90 -12.14
CA GLN F 149 -19.33 -2.45 -12.22
C GLN F 149 -20.05 -1.93 -13.46
N LYS F 150 -19.91 -2.64 -14.58
CA LYS F 150 -20.67 -2.30 -15.79
C LYS F 150 -22.19 -2.35 -15.57
N GLU F 151 -22.65 -3.49 -15.04
CA GLU F 151 -24.08 -3.70 -14.75
C GLU F 151 -24.65 -2.57 -13.88
N GLU F 153 -23.40 0.37 -13.62
CA GLU F 153 -23.32 1.61 -14.38
C GLU F 153 -24.58 1.80 -15.21
N SER F 154 -25.00 0.73 -15.88
CA SER F 154 -26.25 0.79 -16.65
C SER F 154 -27.45 1.04 -15.75
N LEU F 155 -27.49 0.39 -14.60
CA LEU F 155 -28.59 0.61 -13.67
C LEU F 155 -28.68 2.05 -13.16
N LYS F 156 -27.55 2.61 -12.77
CA LYS F 156 -27.48 3.99 -12.29
C LYS F 156 -27.84 4.98 -13.38
N LYS F 157 -27.41 4.71 -14.61
CA LYS F 157 -27.84 5.50 -15.75
C LYS F 157 -29.36 5.51 -15.82
N LEU F 158 -29.96 4.33 -15.68
CA LEU F 158 -31.42 4.20 -15.70
C LEU F 158 -32.11 4.99 -14.57
N LEU F 159 -31.49 5.00 -13.41
CA LEU F 159 -31.98 5.83 -12.30
C LEU F 159 -31.93 7.31 -12.62
N SER F 160 -30.81 7.76 -13.20
CA SER F 160 -30.66 9.15 -13.57
C SER F 160 -31.73 9.58 -14.57
N GLU F 161 -31.92 8.81 -15.63
CA GLU F 161 -32.95 9.17 -16.60
C GLU F 161 -34.36 9.10 -16.01
N LYS F 162 -34.65 8.08 -15.22
CA LYS F 162 -35.99 8.02 -14.64
C LYS F 162 -36.27 9.15 -13.64
N GLN F 163 -35.26 9.61 -12.91
CA GLN F 163 -35.49 10.78 -12.06
C GLN F 163 -35.63 12.03 -12.90
N LEU F 164 -34.97 12.05 -14.06
CA LEU F 164 -35.25 13.10 -15.01
C LEU F 164 -36.75 13.07 -15.35
N HIS F 165 -37.30 11.88 -15.54
CA HIS F 165 -38.74 11.72 -15.79
C HIS F 165 -39.62 12.28 -14.68
N ILE F 166 -39.34 11.88 -13.42
CA ILE F 166 -40.11 12.41 -12.28
C ILE F 166 -39.99 13.93 -12.16
N ASP F 167 -38.82 14.46 -12.48
CA ASP F 167 -38.60 15.90 -12.45
C ASP F 167 -39.50 16.58 -13.49
N THR F 168 -39.60 15.96 -14.66
CA THR F 168 -40.48 16.45 -15.70
C THR F 168 -41.95 16.45 -15.30
N LEU F 169 -42.40 15.31 -14.75
CA LEU F 169 -43.78 15.18 -14.36
C LEU F 169 -44.13 16.13 -13.24
N GLU F 170 -43.30 16.18 -12.21
CA GLU F 170 -43.53 17.04 -11.06
C GLU F 170 -43.56 18.49 -11.49
N ASN F 171 -42.73 18.84 -12.47
CA ASN F 171 -42.81 20.18 -13.01
C ASN F 171 -44.13 20.42 -13.72
N ARG F 172 -44.66 19.39 -14.40
CA ARG F 172 -45.97 19.52 -15.05
C ARG F 172 -47.16 19.62 -14.06
N ILE F 173 -47.09 18.87 -12.97
CA ILE F 173 -48.13 18.90 -11.95
C ILE F 173 -48.07 20.25 -11.26
N ARG F 174 -46.84 20.76 -11.09
CA ARG F 174 -46.62 22.07 -10.51
C ARG F 174 -47.21 23.11 -11.47
N THR F 175 -47.14 22.82 -12.76
CA THR F 175 -47.68 23.71 -13.79
C THR F 175 -49.20 23.70 -13.86
N LEU F 176 -49.78 22.52 -13.81
CA LEU F 176 -51.23 22.36 -13.98
C LEU F 176 -52.00 22.45 -12.69
N SER F 177 -51.33 22.88 -11.62
CA SER F 177 -52.00 22.99 -10.34
C SER F 177 -52.78 24.30 -10.26
N LEU F 178 -52.12 25.38 -10.63
CA LEU F 178 -52.76 26.70 -10.70
C LEU F 178 -53.29 27.06 -12.09
N GLU F 179 -54.63 27.09 -12.24
CA GLU F 179 -55.32 27.43 -13.50
C GLU F 179 -56.75 26.95 -13.46
N THR G 10 -15.52 19.00 4.10
CA THR G 10 -14.14 18.97 4.55
C THR G 10 -14.04 19.40 6.01
N PRO G 11 -13.75 18.45 6.91
CA PRO G 11 -13.56 18.64 8.36
C PRO G 11 -12.37 19.54 8.67
N THR G 12 -12.58 20.85 8.52
CA THR G 12 -11.53 21.85 8.58
C THR G 12 -10.58 21.79 9.76
N ILE G 13 -9.30 21.83 9.45
CA ILE G 13 -8.28 22.08 10.44
C ILE G 13 -8.07 23.57 10.19
N LEU G 14 -8.33 24.40 11.18
CA LEU G 14 -8.28 25.84 10.94
C LEU G 14 -6.84 26.30 11.03
N GLY G 15 -6.04 25.55 11.78
CA GLY G 15 -4.64 25.83 11.96
C GLY G 15 -4.00 24.88 12.96
N TYR G 16 -2.86 25.28 13.50
CA TYR G 16 -2.22 24.49 14.54
C TYR G 16 -1.81 25.42 15.66
N GLU G 17 -1.56 24.88 16.84
CA GLU G 17 -0.90 25.72 17.85
C GLU G 17 0.06 24.98 18.77
N VAL G 18 1.12 25.69 19.15
CA VAL G 18 2.15 25.19 20.04
C VAL G 18 1.63 25.28 21.46
N GLU G 20 1.77 23.80 25.78
CA GLU G 20 2.68 23.36 26.82
C GLU G 20 2.07 22.50 27.93
N GLU G 21 2.70 21.34 28.10
CA GLU G 21 2.77 20.56 29.32
C GLU G 21 4.14 20.83 29.97
N ARG G 22 4.84 21.85 29.46
CA ARG G 22 6.26 22.16 29.72
C ARG G 22 7.12 21.08 29.07
N ALA G 23 6.46 20.45 28.12
CA ALA G 23 7.05 19.67 27.08
C ALA G 23 6.11 20.16 26.01
N LYS G 24 6.65 20.54 24.86
CA LYS G 24 5.84 21.20 23.86
C LYS G 24 5.15 20.19 22.97
N PHE G 25 3.84 20.30 22.87
CA PHE G 25 3.10 19.48 21.93
C PHE G 25 2.35 20.35 20.95
N THR G 26 2.27 19.90 19.71
CA THR G 26 1.58 20.63 18.67
C THR G 26 0.17 20.09 18.52
N VAL G 27 -0.80 20.99 18.55
CA VAL G 27 -2.18 20.52 18.44
C VAL G 27 -2.87 20.94 17.14
N TYR G 28 -3.62 19.98 16.60
CA TYR G 28 -4.42 20.15 15.39
C TYR G 28 -5.91 20.07 15.73
N LYS G 29 -6.67 21.05 15.22
CA LYS G 29 -8.11 21.17 15.44
C LYS G 29 -8.97 20.38 14.46
N ILE G 30 -9.77 19.46 14.99
CA ILE G 30 -10.64 18.62 14.16
C ILE G 30 -12.15 18.92 14.35
N LEU G 31 -12.82 19.33 13.27
CA LEU G 31 -14.27 19.51 13.27
C LEU G 31 -14.90 18.24 12.68
N VAL G 32 -15.96 17.70 13.29
CA VAL G 32 -16.54 16.42 12.82
C VAL G 32 -18.05 16.40 12.47
N LYS G 33 -18.37 15.96 11.25
CA LYS G 33 -19.74 15.83 10.73
C LYS G 33 -20.10 14.38 10.35
N LYS G 34 -20.98 13.70 11.08
CA LYS G 34 -21.40 12.38 10.59
C LYS G 34 -22.58 12.48 9.62
N THR G 35 -23.80 12.72 10.13
CA THR G 35 -24.97 13.02 9.31
C THR G 35 -25.38 14.44 9.73
N PRO G 36 -26.13 15.18 8.90
CA PRO G 36 -26.40 16.55 9.37
C PRO G 36 -27.17 16.69 10.68
N GLU G 37 -26.55 17.39 11.63
CA GLU G 37 -27.17 17.80 12.88
C GLU G 37 -26.78 19.26 13.13
N GLU G 38 -25.53 19.44 13.53
CA GLU G 38 -24.87 20.74 13.81
C GLU G 38 -23.59 20.48 14.59
N TRP G 40 -19.74 20.01 16.88
CA TRP G 40 -18.81 20.20 17.99
C TRP G 40 -17.36 20.08 17.53
N VAL G 41 -16.42 20.41 18.42
CA VAL G 41 -15.00 20.43 18.07
C VAL G 41 -14.14 19.52 18.97
N VAL G 42 -13.23 18.75 18.36
CA VAL G 42 -12.26 17.94 19.12
C VAL G 42 -10.79 18.26 18.78
N PHE G 43 -9.93 18.15 19.78
CA PHE G 43 -8.51 18.47 19.65
C PHE G 43 -7.63 17.23 19.59
N ARG G 44 -6.75 17.12 18.58
CA ARG G 44 -5.82 15.98 18.54
C ARG G 44 -4.38 16.29 18.16
N ARG G 45 -3.50 15.55 18.82
CA ARG G 45 -2.05 15.62 18.61
C ARG G 45 -1.60 14.37 17.85
N TYR G 46 -0.53 14.52 17.07
CA TYR G 46 0.03 13.47 16.22
C TYR G 46 0.32 12.15 16.95
N THR G 47 0.87 12.27 18.16
CA THR G 47 1.26 11.13 18.96
C THR G 47 0.10 10.13 19.18
N ASP G 48 -1.07 10.70 19.43
CA ASP G 48 -2.24 9.90 19.69
C ASP G 48 -2.74 9.21 18.42
N PHE G 49 -2.57 9.87 17.28
CA PHE G 49 -2.84 9.26 15.98
C PHE G 49 -2.00 8.00 15.89
N SER G 50 -0.75 8.08 16.34
CA SER G 50 0.14 6.91 16.34
C SER G 50 -0.45 5.78 17.20
N ARG G 51 -0.97 6.14 18.37
CA ARG G 51 -1.64 5.15 19.22
C ARG G 51 -2.83 4.49 18.49
N LEU G 52 -3.62 5.36 17.87
CA LEU G 52 -4.78 4.96 17.09
C LEU G 52 -4.43 3.93 16.06
N ASN G 53 -3.40 4.20 15.26
CA ASN G 53 -2.96 3.24 14.26
C ASN G 53 -2.34 1.97 14.82
N ASP G 54 -1.83 2.01 16.06
CA ASP G 54 -1.40 0.75 16.67
C ASP G 54 -2.64 -0.14 16.74
N LYS G 55 -3.72 0.45 17.29
CA LYS G 55 -4.99 -0.28 17.41
C LYS G 55 -5.63 -0.66 16.06
N LEU G 56 -5.61 0.26 15.10
CA LEU G 56 -6.19 0.07 13.78
C LEU G 56 -5.43 -0.97 12.95
N LYS G 57 -4.10 -0.94 13.02
CA LYS G 57 -3.28 -1.89 12.27
C LYS G 57 -3.32 -3.28 12.87
N GLU G 58 -3.50 -3.40 14.19
CA GLU G 58 -3.64 -4.75 14.73
C GLU G 58 -5.03 -5.38 14.58
N PHE G 60 -7.33 -5.72 12.55
CA PHE G 60 -7.65 -6.42 11.29
C PHE G 60 -6.63 -5.92 10.23
N PRO G 61 -6.44 -6.68 9.14
CA PRO G 61 -5.45 -6.27 8.14
C PRO G 61 -5.86 -4.99 7.39
N PHE G 63 -6.40 -2.11 5.18
CA PHE G 63 -6.02 -0.71 5.29
C PHE G 63 -4.88 -0.53 6.29
N ARG G 64 -3.84 0.18 5.88
CA ARG G 64 -2.73 0.48 6.77
C ARG G 64 -2.61 1.99 6.99
N LEU G 65 -2.11 2.74 6.00
CA LEU G 65 -1.97 4.20 6.09
C LEU G 65 -1.00 4.62 7.19
N ALA G 66 -0.47 3.62 7.90
CA ALA G 66 0.39 3.80 9.05
C ALA G 66 1.74 4.35 8.67
N LEU G 67 2.42 4.89 9.68
CA LEU G 67 3.75 5.49 9.57
C LEU G 67 3.84 6.75 8.69
N PRO G 68 3.05 7.80 9.00
CA PRO G 68 3.28 9.13 8.41
C PRO G 68 4.69 9.62 8.80
N PRO G 69 5.12 10.83 8.42
CA PRO G 69 6.55 11.07 8.65
C PRO G 69 7.03 11.04 10.11
N LYS G 70 6.87 9.87 10.74
CA LYS G 70 7.48 9.56 12.02
C LYS G 70 8.97 9.78 11.90
N ARG G 71 9.48 10.63 12.76
CA ARG G 71 10.85 11.05 12.75
C ARG G 71 11.50 10.80 14.10
N TRP G 72 11.01 11.57 15.06
CA TRP G 72 11.44 11.60 16.45
C TRP G 72 12.79 12.30 16.53
N PHE G 73 13.46 12.40 15.39
CA PHE G 73 14.82 12.90 15.30
C PHE G 73 14.88 14.43 15.21
N LYS G 74 15.49 15.04 16.21
CA LYS G 74 15.61 16.48 16.33
C LYS G 74 14.24 17.19 16.27
N ASP G 75 14.19 18.37 15.64
CA ASP G 75 13.04 19.28 15.74
C ASP G 75 12.42 19.64 14.38
N ASN G 76 11.11 19.85 14.38
CA ASN G 76 10.34 20.04 13.15
C ASN G 76 10.03 21.53 12.87
N TYR G 77 10.71 22.10 11.86
CA TYR G 77 10.61 23.54 11.51
C TYR G 77 10.21 23.92 10.07
N ASN G 78 10.45 25.19 9.72
CA ASN G 78 10.03 25.86 8.47
C ASN G 78 8.51 26.00 8.36
N ALA G 79 7.95 25.78 7.17
CA ALA G 79 6.49 25.82 7.03
C ALA G 79 6.04 24.47 6.51
N ASP G 80 6.17 24.26 5.21
CA ASP G 80 6.67 22.99 4.71
C ASP G 80 6.08 21.77 5.40
N PHE G 81 6.97 21.14 6.16
CA PHE G 81 6.73 19.89 6.85
C PHE G 81 5.56 19.91 7.81
N LEU G 82 5.35 21.06 8.46
CA LEU G 82 4.25 21.22 9.41
C LEU G 82 2.94 20.91 8.69
N GLU G 83 2.78 21.63 7.60
CA GLU G 83 1.65 21.49 6.69
C GLU G 83 1.55 20.07 6.17
N ASP G 84 2.67 19.48 5.77
CA ASP G 84 2.68 18.10 5.29
C ASP G 84 2.12 17.10 6.31
N ARG G 85 2.52 17.25 7.58
CA ARG G 85 2.00 16.42 8.66
C ARG G 85 0.48 16.60 8.73
N GLN G 86 0.10 17.88 8.77
CA GLN G 86 -1.28 18.31 8.86
C GLN G 86 -2.13 17.63 7.80
N LEU G 87 -1.57 17.59 6.61
CA LEU G 87 -2.17 16.94 5.45
C LEU G 87 -2.22 15.41 5.56
N GLY G 88 -1.18 14.77 6.12
CA GLY G 88 -1.24 13.31 6.25
C GLY G 88 -2.38 12.87 7.15
N LEU G 89 -2.47 13.51 8.31
CA LEU G 89 -3.55 13.19 9.24
C LEU G 89 -4.89 13.56 8.60
N GLN G 90 -4.88 14.69 7.88
CA GLN G 90 -6.04 15.14 7.11
C GLN G 90 -6.52 14.05 6.19
N ALA G 91 -5.58 13.38 5.52
CA ALA G 91 -5.90 12.28 4.63
C ALA G 91 -6.62 11.19 5.40
N PHE G 92 -6.10 10.84 6.58
CA PHE G 92 -6.77 9.80 7.37
C PHE G 92 -8.25 10.11 7.66
N LEU G 93 -8.52 11.29 8.26
CA LEU G 93 -9.90 11.66 8.58
C LEU G 93 -10.81 11.90 7.37
N GLN G 94 -10.32 12.68 6.41
CA GLN G 94 -11.08 13.01 5.21
C GLN G 94 -11.49 11.74 4.47
N ASN G 95 -10.56 10.81 4.29
CA ASN G 95 -10.92 9.55 3.64
C ASN G 95 -11.90 8.65 4.41
N LEU G 96 -11.59 8.34 5.67
CA LEU G 96 -12.30 7.23 6.34
C LEU G 96 -13.69 7.32 7.02
N VAL G 97 -14.42 8.43 6.91
CA VAL G 97 -15.71 8.53 7.64
C VAL G 97 -16.96 7.90 6.97
N ALA G 98 -17.03 7.92 5.64
CA ALA G 98 -18.18 7.33 4.92
C ALA G 98 -18.07 5.81 4.69
N HIS G 99 -16.86 5.27 4.81
CA HIS G 99 -16.58 3.88 4.40
C HIS G 99 -16.98 2.90 5.50
N LYS G 100 -17.86 1.96 5.12
CA LYS G 100 -18.50 1.01 6.03
C LYS G 100 -17.62 0.34 7.10
N ASP G 101 -16.51 -0.27 6.70
CA ASP G 101 -15.72 -1.05 7.65
C ASP G 101 -15.07 -0.22 8.77
N ILE G 102 -14.22 0.75 8.45
CA ILE G 102 -13.78 1.65 9.51
C ILE G 102 -14.26 3.07 9.30
N ALA G 103 -15.34 3.39 10.00
CA ALA G 103 -15.87 4.74 10.12
C ALA G 103 -16.29 4.83 11.57
N ASN G 104 -17.33 4.08 11.86
CA ASN G 104 -17.82 3.85 13.19
C ASN G 104 -17.64 2.36 13.47
N CYS G 105 -16.62 2.00 14.25
CA CYS G 105 -16.40 0.59 14.57
C CYS G 105 -16.32 0.33 16.08
N LEU G 106 -15.16 0.58 16.67
CA LEU G 106 -14.91 0.36 18.09
C LEU G 106 -14.14 1.54 18.68
N ALA G 107 -12.95 1.76 18.13
CA ALA G 107 -12.02 2.79 18.57
C ALA G 107 -12.33 4.23 18.14
N VAL G 108 -12.73 4.44 16.89
CA VAL G 108 -12.97 5.79 16.36
C VAL G 108 -14.02 6.52 17.19
N ARG G 109 -14.99 5.77 17.72
CA ARG G 109 -16.03 6.35 18.54
C ARG G 109 -15.41 6.92 19.84
N GLU G 110 -14.38 6.23 20.35
CA GLU G 110 -13.66 6.70 21.54
C GLU G 110 -12.70 7.86 21.24
N PHE G 111 -12.06 7.82 20.07
CA PHE G 111 -11.05 8.82 19.71
C PHE G 111 -11.71 10.13 19.27
N LEU G 112 -12.34 10.10 18.10
CA LEU G 112 -13.02 11.26 17.53
C LEU G 112 -14.53 11.20 17.73
N CYS G 113 -15.15 12.37 17.85
CA CYS G 113 -16.58 12.49 18.12
C CYS G 113 -16.90 12.05 19.54
N ASP G 116 -20.68 9.65 24.31
CA ASP G 116 -19.76 10.66 24.83
C ASP G 116 -19.85 11.97 24.07
N PRO G 117 -20.93 12.74 24.29
CA PRO G 117 -20.92 14.01 23.55
C PRO G 117 -19.86 15.00 24.11
N PRO G 118 -19.02 15.58 23.23
CA PRO G 118 -18.10 16.67 23.57
C PRO G 118 -18.82 18.01 23.56
N GLY G 119 -18.12 19.10 23.86
CA GLY G 119 -18.76 20.40 23.96
C GLY G 119 -17.90 21.57 23.55
N PRO G 120 -18.44 22.79 23.65
CA PRO G 120 -17.71 23.94 23.13
C PRO G 120 -16.38 24.34 23.78
N PHE G 121 -16.35 24.61 25.08
CA PHE G 121 -15.10 25.03 25.73
C PHE G 121 -14.33 23.99 26.58
N ASP G 122 -14.89 22.80 26.73
CA ASP G 122 -14.22 21.75 27.48
C ASP G 122 -13.22 20.99 26.58
N SER G 123 -12.99 21.51 25.38
CA SER G 123 -12.11 20.89 24.39
C SER G 123 -10.72 20.50 24.93
N LEU G 124 -10.16 21.40 25.74
CA LEU G 124 -8.86 21.18 26.36
C LEU G 124 -9.00 20.02 27.35
N GLU G 125 -10.13 20.00 28.04
CA GLU G 125 -10.41 18.98 29.03
C GLU G 125 -10.40 17.64 28.33
N GLU G 126 -11.20 17.51 27.27
CA GLU G 126 -11.21 16.31 26.42
C GLU G 126 -9.81 15.83 26.04
N SER G 127 -9.12 16.68 25.25
CA SER G 127 -7.75 16.38 24.80
C SER G 127 -6.90 15.79 25.94
N ARG G 128 -6.59 16.58 26.95
CA ARG G 128 -5.77 16.06 28.05
C ARG G 128 -6.37 14.87 28.84
N ALA G 129 -7.70 14.75 28.87
CA ALA G 129 -8.37 13.69 29.63
C ALA G 129 -8.63 12.39 28.87
N PHE G 130 -8.16 12.29 27.64
CA PHE G 130 -8.29 11.04 26.89
C PHE G 130 -6.89 10.59 26.44
N CYS G 131 -6.11 11.53 25.92
CA CYS G 131 -4.77 11.27 25.39
C CYS G 131 -3.74 11.01 26.49
N GLU G 132 -2.66 10.34 26.10
CA GLU G 132 -1.58 9.96 26.99
C GLU G 132 -0.72 11.13 27.40
N THR G 133 -0.62 11.36 28.72
CA THR G 133 0.30 12.35 29.23
C THR G 133 1.70 11.77 29.18
N LEU G 134 2.70 12.55 29.57
CA LEU G 134 4.09 12.12 29.47
C LEU G 134 4.35 10.96 30.40
N GLU G 135 3.77 11.08 31.58
CA GLU G 135 3.89 10.10 32.63
C GLU G 135 3.33 8.77 32.16
N GLU G 136 2.13 8.83 31.61
CA GLU G 136 1.48 7.63 31.07
C GLU G 136 2.25 7.03 29.90
N THR G 137 2.80 7.88 29.04
CA THR G 137 3.57 7.40 27.90
C THR G 137 4.77 6.62 28.43
N ASN G 138 5.44 7.21 29.42
CA ASN G 138 6.56 6.56 30.08
C ASN G 138 6.21 5.24 30.73
N TYR G 139 5.05 5.19 31.40
CA TYR G 139 4.56 3.96 32.00
C TYR G 139 4.44 2.90 30.92
N ARG G 140 3.67 3.20 29.87
CA ARG G 140 3.44 2.27 28.79
C ARG G 140 4.76 1.76 28.20
N LEU G 141 5.67 2.68 27.91
CA LEU G 141 6.97 2.33 27.35
C LEU G 141 7.80 1.43 28.27
N GLN G 142 7.78 1.71 29.57
CA GLN G 142 8.53 0.87 30.48
C GLN G 142 7.92 -0.52 30.56
N LYS G 143 6.60 -0.57 30.52
CA LYS G 143 5.92 -1.86 30.44
C LYS G 143 6.32 -2.64 29.19
N GLU G 144 6.26 -2.00 28.02
CA GLU G 144 6.63 -2.69 26.78
C GLU G 144 8.06 -3.20 26.81
N LEU G 145 8.99 -2.36 27.25
CA LEU G 145 10.38 -2.80 27.33
C LEU G 145 10.49 -3.99 28.28
N LEU G 146 9.71 -3.97 29.36
CA LEU G 146 9.65 -5.12 30.26
C LEU G 146 9.18 -6.40 29.56
N GLU G 147 8.00 -6.35 28.94
CA GLU G 147 7.41 -7.49 28.23
C GLU G 147 8.35 -8.09 27.18
N LYS G 148 8.91 -7.20 26.36
CA LYS G 148 9.89 -7.62 25.35
C LYS G 148 11.15 -8.24 25.98
N GLN G 149 11.66 -7.66 27.06
CA GLN G 149 12.85 -8.23 27.71
C GLN G 149 12.60 -9.62 28.29
N LYS G 150 11.45 -9.82 28.93
CA LYS G 150 11.06 -11.13 29.45
C LYS G 150 10.93 -12.17 28.31
N GLU G 151 10.16 -11.83 27.28
CA GLU G 151 10.04 -12.72 26.14
C GLU G 151 11.42 -13.07 25.59
N GLU G 153 14.22 -13.19 27.04
CA GLU G 153 14.84 -14.19 27.91
C GLU G 153 14.29 -15.59 27.59
N SER G 154 12.98 -15.70 27.43
CA SER G 154 12.41 -17.01 27.09
C SER G 154 12.93 -17.60 25.78
N LEU G 155 13.00 -16.76 24.75
CA LEU G 155 13.53 -17.18 23.46
C LEU G 155 15.02 -17.55 23.52
N LYS G 156 15.79 -16.83 24.35
CA LYS G 156 17.21 -17.16 24.57
C LYS G 156 17.32 -18.55 25.20
N LYS G 157 16.41 -18.83 26.14
CA LYS G 157 16.31 -20.18 26.71
C LYS G 157 16.04 -21.22 25.62
N LEU G 158 15.08 -20.95 24.72
CA LEU G 158 14.82 -21.87 23.59
C LEU G 158 16.02 -22.09 22.65
N LEU G 159 16.76 -21.03 22.35
CA LEU G 159 17.96 -21.14 21.52
C LEU G 159 18.96 -22.05 22.23
N SER G 160 19.10 -21.83 23.54
CA SER G 160 19.97 -22.64 24.39
C SER G 160 19.59 -24.13 24.32
N GLU G 161 18.30 -24.41 24.46
CA GLU G 161 17.81 -25.79 24.43
C GLU G 161 18.02 -26.46 23.08
N LYS G 162 17.72 -25.76 21.99
CA LYS G 162 17.90 -26.36 20.67
C LYS G 162 19.38 -26.60 20.32
N GLN G 163 20.28 -25.72 20.76
CA GLN G 163 21.71 -25.97 20.53
C GLN G 163 22.24 -27.11 21.42
N LEU G 164 21.67 -27.24 22.63
CA LEU G 164 21.96 -28.41 23.46
C LEU G 164 21.54 -29.68 22.71
N HIS G 165 20.39 -29.61 22.03
CA HIS G 165 19.95 -30.71 21.17
C HIS G 165 20.99 -30.95 20.07
N ILE G 166 21.56 -29.88 19.53
CA ILE G 166 22.64 -30.04 18.54
C ILE G 166 23.76 -30.85 19.17
N ASP G 167 24.02 -30.60 20.45
CA ASP G 167 25.04 -31.35 21.18
C ASP G 167 24.70 -32.84 21.32
N THR G 168 23.47 -33.18 21.74
CA THR G 168 23.09 -34.58 21.88
C THR G 168 23.05 -35.33 20.53
N LEU G 169 22.51 -34.69 19.51
CA LEU G 169 22.42 -35.27 18.18
C LEU G 169 23.79 -35.50 17.55
N GLU G 170 24.65 -34.49 17.61
CA GLU G 170 26.01 -34.60 17.09
C GLU G 170 26.80 -35.63 17.88
N ASN G 171 26.55 -35.69 19.19
CA ASN G 171 27.22 -36.65 20.06
C ASN G 171 26.82 -38.08 19.72
N ARG G 172 25.54 -38.30 19.42
CA ARG G 172 25.08 -39.63 19.02
C ARG G 172 25.52 -40.04 17.61
N ILE G 173 25.45 -39.11 16.65
CA ILE G 173 25.85 -39.41 15.26
C ILE G 173 27.36 -39.54 15.06
N ARG G 174 28.14 -38.71 15.75
CA ARG G 174 29.59 -38.75 15.65
C ARG G 174 30.20 -40.04 16.21
N THR G 175 29.64 -40.53 17.30
CA THR G 175 30.19 -41.70 17.96
C THR G 175 29.86 -43.07 17.34
N LEU G 176 29.10 -43.14 16.25
CA LEU G 176 28.80 -44.47 15.74
C LEU G 176 29.81 -44.97 14.71
N SER G 177 30.78 -45.73 15.19
CA SER G 177 31.68 -46.51 14.35
C SER G 177 32.09 -47.77 15.09
N LEU G 178 32.74 -47.49 16.22
CA LEU G 178 33.29 -48.46 17.14
C LEU G 178 32.24 -49.07 18.05
N ARG H 7 35.18 6.81 50.66
CA ARG H 7 36.00 7.64 51.53
C ARG H 7 35.59 9.13 51.65
N PRO H 8 34.91 9.71 50.63
CA PRO H 8 34.47 11.08 50.92
C PRO H 8 33.39 11.05 52.00
N SER H 9 32.78 12.18 52.35
CA SER H 9 31.93 12.17 53.54
C SER H 9 30.62 11.53 53.14
N THR H 10 29.66 11.49 54.06
CA THR H 10 28.35 10.98 53.68
C THR H 10 27.54 12.17 53.23
N PRO H 11 27.28 12.22 51.93
CA PRO H 11 26.48 13.31 51.39
C PRO H 11 25.12 13.36 52.12
N THR H 12 24.74 14.52 52.59
CA THR H 12 23.50 14.59 53.33
C THR H 12 22.39 15.15 52.45
N ILE H 13 21.20 14.57 52.57
CA ILE H 13 20.07 15.06 51.81
C ILE H 13 19.42 16.09 52.66
N LEU H 14 19.37 17.31 52.15
CA LEU H 14 18.82 18.45 52.87
C LEU H 14 17.33 18.39 52.74
N GLY H 15 16.84 18.01 51.56
CA GLY H 15 15.40 17.93 51.47
C GLY H 15 14.83 17.56 50.14
N TYR H 16 13.55 17.82 49.98
CA TYR H 16 12.95 17.55 48.68
C TYR H 16 12.14 18.76 48.24
N GLU H 17 11.87 18.85 46.96
CA GLU H 17 10.99 19.88 46.45
C GLU H 17 10.14 19.34 45.29
N VAL H 18 8.85 19.64 45.35
CA VAL H 18 7.96 19.26 44.27
C VAL H 18 7.93 20.42 43.29
N GLU H 20 7.38 21.69 38.87
CA GLU H 20 6.77 21.34 37.62
C GLU H 20 7.60 21.66 36.39
N GLU H 21 7.63 20.71 35.46
CA GLU H 21 7.55 21.05 34.07
C GLU H 21 6.17 20.47 33.70
N ARG H 22 5.09 21.22 34.03
CA ARG H 22 3.64 20.85 33.83
C ARG H 22 3.36 19.34 33.84
N ALA H 23 4.28 18.64 34.47
CA ALA H 23 4.20 17.29 34.93
C ALA H 23 5.03 17.43 36.19
N LYS H 24 4.60 16.85 37.30
CA LYS H 24 5.32 17.09 38.53
C LYS H 24 6.51 16.15 38.69
N PHE H 25 7.68 16.71 38.98
CA PHE H 25 8.81 15.89 39.39
C PHE H 25 9.27 16.36 40.79
N THR H 26 9.73 15.42 41.61
CA THR H 26 10.32 15.76 42.88
C THR H 26 11.83 15.69 42.78
N VAL H 27 12.51 16.77 43.18
CA VAL H 27 13.96 16.78 43.18
C VAL H 27 14.51 16.89 44.61
N TYR H 28 15.62 16.24 44.88
CA TYR H 28 16.19 16.19 46.23
C TYR H 28 17.47 17.01 46.35
N LYS H 29 17.53 17.85 47.40
CA LYS H 29 18.73 18.64 47.66
C LYS H 29 19.68 17.84 48.52
N ILE H 30 20.83 17.53 47.92
CA ILE H 30 21.92 16.76 48.51
C ILE H 30 23.17 17.60 48.73
N LEU H 31 23.60 17.69 49.99
CA LEU H 31 24.82 18.38 50.34
C LEU H 31 25.97 17.39 50.27
N VAL H 32 27.05 17.79 49.63
CA VAL H 32 28.25 16.96 49.43
C VAL H 32 29.51 17.62 50.01
N LYS H 33 30.24 16.90 50.86
CA LYS H 33 31.51 17.41 51.43
C LYS H 33 32.75 16.61 51.05
N LYS H 34 33.65 17.26 50.31
CA LYS H 34 34.95 16.71 49.95
C LYS H 34 35.94 16.85 51.09
N THR H 35 36.39 18.09 51.30
CA THR H 35 37.22 18.46 52.45
C THR H 35 36.41 19.45 53.31
N PRO H 36 36.94 19.86 54.49
CA PRO H 36 36.20 20.80 55.35
C PRO H 36 35.81 22.11 54.65
N GLU H 37 36.45 22.36 53.52
CA GLU H 37 36.27 23.57 52.71
C GLU H 37 35.39 23.39 51.47
N GLU H 38 35.87 22.62 50.49
CA GLU H 38 35.09 22.48 49.28
C GLU H 38 33.85 21.67 49.61
N SER H 39 32.70 22.29 49.40
CA SER H 39 31.44 21.60 49.60
C SER H 39 30.51 22.11 48.54
N TRP H 40 29.61 21.26 48.10
CA TRP H 40 28.65 21.69 47.10
C TRP H 40 27.31 21.00 47.24
N VAL H 41 26.36 21.43 46.44
CA VAL H 41 25.01 20.89 46.52
C VAL H 41 24.60 20.36 45.16
N VAL H 42 24.00 19.19 45.11
CA VAL H 42 23.41 18.76 43.85
C VAL H 42 21.93 18.45 44.06
N PHE H 43 21.14 18.69 43.02
CA PHE H 43 19.72 18.37 43.03
C PHE H 43 19.55 17.13 42.20
N ARG H 44 18.90 16.10 42.74
CA ARG H 44 18.76 14.89 41.95
C ARG H 44 17.37 14.33 42.07
N ARG H 45 16.91 13.67 41.03
CA ARG H 45 15.59 13.07 41.03
C ARG H 45 15.73 11.59 41.32
N TYR H 46 14.67 10.99 41.86
CA TYR H 46 14.66 9.56 42.14
C TYR H 46 15.11 8.78 40.93
N THR H 47 14.66 9.25 39.78
CA THR H 47 14.98 8.63 38.51
C THR H 47 16.48 8.52 38.33
N ASP H 48 17.19 9.57 38.72
CA ASP H 48 18.63 9.59 38.53
C ASP H 48 19.25 8.54 39.44
N PHE H 49 18.72 8.42 40.66
CA PHE H 49 19.18 7.37 41.55
C PHE H 49 18.97 6.03 40.85
N SER H 50 17.83 5.86 40.21
CA SER H 50 17.56 4.62 39.53
C SER H 50 18.60 4.33 38.44
N ARG H 51 18.94 5.33 37.63
CA ARG H 51 19.93 5.12 36.60
C ARG H 51 21.23 4.71 37.23
N LEU H 52 21.69 5.49 38.21
CA LEU H 52 22.95 5.19 38.90
C LEU H 52 23.00 3.76 39.45
N ASN H 53 21.94 3.36 40.14
CA ASN H 53 21.87 2.01 40.68
C ASN H 53 21.83 0.96 39.58
N ASP H 54 21.29 1.31 38.42
CA ASP H 54 21.32 0.36 37.31
C ASP H 54 22.78 0.15 36.93
N LYS H 55 23.48 1.26 36.81
CA LYS H 55 24.88 1.25 36.42
C LYS H 55 25.67 0.41 37.40
N LEU H 56 25.37 0.59 38.68
CA LEU H 56 26.06 -0.14 39.73
C LEU H 56 25.73 -1.62 39.71
N LYS H 57 24.46 -1.97 39.45
CA LYS H 57 24.04 -3.36 39.49
C LYS H 57 24.75 -4.09 38.37
N GLU H 58 25.05 -3.37 37.29
CA GLU H 58 25.77 -3.99 36.19
C GLU H 58 27.24 -4.06 36.54
N PHE H 60 29.06 -3.86 39.18
CA PHE H 60 29.46 -4.76 40.23
C PHE H 60 28.36 -5.73 40.64
N PRO H 61 28.38 -6.93 40.07
CA PRO H 61 27.56 -8.01 40.64
C PRO H 61 28.22 -8.36 41.96
N GLY H 62 27.80 -9.44 42.59
CA GLY H 62 28.50 -9.85 43.80
C GLY H 62 27.97 -9.09 44.98
N PHE H 63 27.52 -7.86 44.73
CA PHE H 63 26.79 -7.10 45.73
C PHE H 63 25.80 -6.17 45.04
N ARG H 64 24.57 -6.15 45.53
CA ARG H 64 23.60 -5.18 45.03
C ARG H 64 23.16 -4.34 46.22
N LEU H 65 22.64 -3.15 45.95
CA LEU H 65 22.17 -2.32 47.04
C LEU H 65 20.76 -1.85 46.80
N ALA H 66 20.04 -1.60 47.88
CA ALA H 66 18.64 -1.23 47.82
C ALA H 66 18.39 0.21 47.41
N LEU H 67 17.22 0.41 46.83
CA LEU H 67 16.72 1.72 46.51
C LEU H 67 15.24 1.68 46.86
N PRO H 68 14.71 2.73 47.50
CA PRO H 68 13.32 2.75 47.97
C PRO H 68 12.32 2.50 46.85
N PRO H 69 11.13 1.99 47.18
CA PRO H 69 10.14 1.49 46.22
C PRO H 69 9.59 2.51 45.21
N LYS H 70 9.20 2.02 44.03
CA LYS H 70 8.43 2.81 43.06
C LYS H 70 6.91 2.75 43.27
N ARG H 71 6.29 3.93 43.31
CA ARG H 71 4.83 4.03 43.30
C ARG H 71 4.31 4.36 41.89
N TRP H 72 3.58 3.44 41.26
CA TRP H 72 2.99 3.72 39.95
C TRP H 72 1.56 4.24 40.02
N PHE H 73 0.96 4.14 41.21
CA PHE H 73 -0.47 4.39 41.40
C PHE H 73 -0.82 5.40 42.51
N LYS H 74 -0.44 5.13 43.76
CA LYS H 74 -0.79 6.07 44.84
C LYS H 74 0.07 7.33 44.67
N ASP H 75 -0.19 8.34 45.49
CA ASP H 75 0.40 9.66 45.28
C ASP H 75 1.90 9.65 45.53
N ASN H 76 2.65 10.19 44.57
CA ASN H 76 4.10 10.25 44.64
C ASN H 76 4.46 11.56 45.29
N TYR H 77 3.42 12.37 45.49
CA TYR H 77 3.57 13.65 46.13
C TYR H 77 3.05 13.61 47.56
N ASN H 78 2.68 12.41 48.01
CA ASN H 78 2.22 12.19 49.38
C ASN H 78 3.31 12.51 50.40
N ALA H 79 2.91 13.07 51.54
CA ALA H 79 3.83 13.36 52.64
C ALA H 79 4.67 12.18 53.10
N ASP H 80 3.99 11.26 53.80
CA ASP H 80 4.58 10.05 54.37
C ASP H 80 5.47 9.31 53.38
N PHE H 81 4.95 9.15 52.16
CA PHE H 81 5.68 8.47 51.11
C PHE H 81 7.00 9.12 50.74
N LEU H 82 6.96 10.42 50.54
CA LEU H 82 8.18 11.18 50.28
C LEU H 82 9.18 11.14 51.42
N GLU H 83 8.72 11.30 52.67
CA GLU H 83 9.67 11.23 53.78
C GLU H 83 10.36 9.85 53.79
N ASP H 84 9.57 8.79 53.70
CA ASP H 84 10.15 7.44 53.66
C ASP H 84 11.14 7.27 52.50
N ARG H 85 10.73 7.77 51.33
CA ARG H 85 11.56 7.73 50.16
C ARG H 85 12.91 8.39 50.45
N GLN H 86 12.87 9.61 51.00
CA GLN H 86 14.10 10.34 51.35
C GLN H 86 14.98 9.53 52.28
N LEU H 87 14.36 8.79 53.20
CA LEU H 87 15.15 7.93 54.07
C LEU H 87 15.89 6.92 53.22
N GLY H 88 15.17 6.33 52.28
CA GLY H 88 15.75 5.31 51.42
C GLY H 88 16.91 5.82 50.59
N LEU H 89 16.72 7.01 50.02
CA LEU H 89 17.76 7.62 49.22
C LEU H 89 18.98 7.93 50.08
N GLN H 90 18.74 8.42 51.30
CA GLN H 90 19.86 8.71 52.18
C GLN H 90 20.64 7.44 52.54
N ALA H 91 19.93 6.36 52.85
CA ALA H 91 20.59 5.07 53.13
C ALA H 91 21.43 4.64 51.94
N PHE H 92 20.82 4.79 50.76
CA PHE H 92 21.49 4.51 49.49
C PHE H 92 22.80 5.25 49.39
N LEU H 93 22.77 6.54 49.72
CA LEU H 93 23.99 7.35 49.74
C LEU H 93 25.03 6.81 50.71
N GLN H 94 24.60 6.47 51.92
CA GLN H 94 25.58 5.95 52.87
C GLN H 94 26.29 4.69 52.35
N ASN H 95 25.52 3.72 51.85
CA ASN H 95 26.14 2.53 51.27
C ASN H 95 27.04 2.92 50.11
N LEU H 96 26.66 4.01 49.45
CA LEU H 96 27.32 4.38 48.23
C LEU H 96 28.73 4.85 48.53
N VAL H 97 28.92 5.65 49.57
CA VAL H 97 30.28 6.08 49.89
C VAL H 97 31.02 5.16 50.89
N ALA H 98 30.29 4.24 51.53
CA ALA H 98 30.95 3.39 52.49
C ALA H 98 31.83 2.37 51.78
N HIS H 99 31.51 2.09 50.53
CA HIS H 99 32.24 1.06 49.83
C HIS H 99 33.32 1.61 48.91
N LYS H 100 34.59 1.48 49.34
CA LYS H 100 35.71 1.82 48.48
C LYS H 100 35.50 1.04 47.18
N ASP H 101 35.82 1.66 46.05
CA ASP H 101 35.55 1.13 44.71
C ASP H 101 34.10 1.34 44.26
N ILE H 102 33.14 1.57 45.17
CA ILE H 102 31.86 2.09 44.69
C ILE H 102 31.97 3.60 44.67
N ALA H 103 32.54 4.14 45.73
CA ALA H 103 32.77 5.55 45.75
C ALA H 103 33.99 5.66 44.86
N ASN H 104 34.20 6.85 44.31
CA ASN H 104 35.39 7.11 43.51
C ASN H 104 35.50 6.14 42.32
N CYS H 105 34.35 5.65 41.87
CA CYS H 105 34.22 4.96 40.59
C CYS H 105 33.62 6.03 39.67
N LEU H 106 33.49 5.76 38.38
CA LEU H 106 33.15 6.85 37.49
C LEU H 106 31.73 7.38 37.69
N ALA H 107 30.75 6.49 37.61
CA ALA H 107 29.34 6.90 37.69
C ALA H 107 29.01 7.62 39.00
N VAL H 108 29.59 7.16 40.10
CA VAL H 108 29.36 7.78 41.39
C VAL H 108 29.96 9.18 41.43
N ARG H 109 31.17 9.34 40.91
CA ARG H 109 31.79 10.66 40.94
C ARG H 109 31.01 11.62 40.05
N GLU H 110 30.48 11.09 38.95
CA GLU H 110 29.72 11.86 38.00
C GLU H 110 28.43 12.30 38.64
N PHE H 111 27.91 11.43 39.49
CA PHE H 111 26.61 11.63 40.13
C PHE H 111 26.72 12.73 41.17
N LEU H 112 27.76 12.67 41.99
CA LEU H 112 27.94 13.68 43.04
C LEU H 112 28.82 14.88 42.65
N CYS H 113 29.27 14.93 41.39
CA CYS H 113 30.20 15.95 40.91
C CYS H 113 31.44 16.12 41.81
N LEU H 114 32.15 15.02 42.03
CA LEU H 114 33.35 15.04 42.87
C LEU H 114 34.52 15.67 42.15
N ASP H 115 34.59 15.42 40.84
CA ASP H 115 35.74 15.88 40.08
C ASP H 115 35.61 17.35 39.74
N ASP H 116 34.40 17.81 39.46
CA ASP H 116 34.19 19.23 39.19
C ASP H 116 32.94 19.72 39.88
N PRO H 117 33.09 20.07 41.16
CA PRO H 117 31.99 20.53 42.01
C PRO H 117 31.45 21.86 41.52
N PRO H 118 30.11 22.01 41.48
CA PRO H 118 29.50 23.28 41.09
C PRO H 118 29.72 24.24 42.24
N GLY H 119 29.66 25.54 42.01
CA GLY H 119 29.98 26.45 43.08
C GLY H 119 28.76 26.76 43.91
N PRO H 120 28.80 27.91 44.59
CA PRO H 120 27.70 28.31 45.47
C PRO H 120 26.45 28.43 44.63
N PHE H 121 26.61 29.09 43.49
CA PHE H 121 25.54 29.39 42.57
C PHE H 121 25.28 28.41 41.44
N ASP H 122 26.21 27.49 41.18
CA ASP H 122 26.11 26.68 39.96
C ASP H 122 25.13 25.54 40.00
N SER H 123 24.74 25.15 41.21
CA SER H 123 23.97 23.93 41.42
C SER H 123 22.75 23.80 40.52
N LEU H 124 21.99 24.88 40.32
CA LEU H 124 20.76 24.79 39.54
C LEU H 124 21.10 24.35 38.13
N GLU H 125 22.11 25.01 37.58
CA GLU H 125 22.57 24.72 36.24
C GLU H 125 23.03 23.26 36.20
N GLU H 126 23.90 22.87 37.15
CA GLU H 126 24.28 21.46 37.29
C GLU H 126 23.06 20.58 37.12
N SER H 127 22.13 20.75 38.07
CA SER H 127 20.88 20.03 38.12
C SER H 127 20.33 19.93 36.71
N ARG H 128 20.03 21.10 36.13
CA ARG H 128 19.40 21.19 34.81
C ARG H 128 20.11 20.39 33.73
N ALA H 129 21.44 20.35 33.74
CA ALA H 129 22.12 19.62 32.68
C ALA H 129 22.39 18.17 32.99
N PHE H 130 22.25 17.78 34.26
CA PHE H 130 22.49 16.38 34.63
C PHE H 130 21.32 15.43 34.47
N CYS H 131 20.11 15.89 34.84
CA CYS H 131 18.96 14.99 34.89
C CYS H 131 18.28 14.78 33.55
N GLU H 132 17.70 13.59 33.41
CA GLU H 132 16.83 13.34 32.29
C GLU H 132 15.45 13.91 32.61
N THR H 133 14.99 14.84 31.77
CA THR H 133 13.63 15.32 31.85
C THR H 133 12.77 14.22 31.26
N LEU H 134 11.46 14.35 31.30
CA LEU H 134 10.64 13.25 30.84
C LEU H 134 10.68 13.07 29.32
N GLU H 135 10.77 14.16 28.58
CA GLU H 135 10.81 14.11 27.13
C GLU H 135 12.02 13.33 26.62
N GLU H 136 13.19 13.67 27.16
CA GLU H 136 14.44 13.02 26.82
C GLU H 136 14.39 11.53 27.18
N THR H 137 13.77 11.23 28.33
CA THR H 137 13.62 9.86 28.79
C THR H 137 12.79 9.06 27.81
N ASN H 138 11.63 9.59 27.42
CA ASN H 138 10.74 8.92 26.45
C ASN H 138 11.40 8.69 25.10
N TYR H 139 12.10 9.69 24.60
CA TYR H 139 12.89 9.54 23.40
C TYR H 139 13.83 8.37 23.53
N ARG H 140 14.63 8.39 24.59
CA ARG H 140 15.59 7.35 24.86
C ARG H 140 14.91 5.99 24.86
N LEU H 141 13.75 5.91 25.52
CA LEU H 141 12.97 4.69 25.64
C LEU H 141 12.47 4.11 24.32
N GLN H 142 11.98 4.96 23.42
CA GLN H 142 11.52 4.49 22.13
C GLN H 142 12.70 4.00 21.29
N LYS H 143 13.79 4.77 21.37
CA LYS H 143 15.04 4.41 20.71
C LYS H 143 15.43 3.01 21.17
N GLU H 144 15.38 2.81 22.47
CA GLU H 144 15.66 1.54 23.10
C GLU H 144 14.77 0.42 22.59
N LEU H 145 13.47 0.70 22.47
CA LEU H 145 12.54 -0.32 22.00
C LEU H 145 12.95 -0.78 20.61
N LEU H 146 13.33 0.19 19.78
CA LEU H 146 13.83 -0.11 18.44
C LEU H 146 15.07 -1.00 18.49
N GLU H 147 16.11 -0.56 19.20
CA GLU H 147 17.36 -1.32 19.28
C GLU H 147 17.11 -2.77 19.72
N LYS H 148 16.34 -2.91 20.80
CA LYS H 148 15.99 -4.22 21.34
C LYS H 148 15.19 -5.11 20.37
N GLN H 149 14.24 -4.53 19.65
CA GLN H 149 13.50 -5.30 18.64
C GLN H 149 14.41 -5.76 17.50
N LYS H 150 15.36 -4.92 17.12
CA LYS H 150 16.35 -5.29 16.10
C LYS H 150 17.13 -6.53 16.54
N GLU H 151 17.71 -6.47 17.74
CA GLU H 151 18.42 -7.63 18.27
C GLU H 151 17.52 -8.87 18.29
N GLU H 153 15.06 -9.60 16.38
CA GLU H 153 14.93 -10.08 15.01
C GLU H 153 16.16 -10.92 14.65
N SER H 154 17.35 -10.45 15.06
CA SER H 154 18.57 -11.24 14.84
C SER H 154 18.41 -12.62 15.50
N LEU H 155 17.78 -12.62 16.67
CA LEU H 155 17.48 -13.87 17.35
C LEU H 155 16.55 -14.75 16.53
N LYS H 156 15.57 -14.14 15.85
CA LYS H 156 14.69 -14.93 14.98
C LYS H 156 15.43 -15.57 13.79
N LYS H 157 16.36 -14.83 13.18
CA LYS H 157 17.22 -15.42 12.15
C LYS H 157 17.96 -16.63 12.70
N LEU H 158 18.59 -16.46 13.86
CA LEU H 158 19.31 -17.58 14.48
C LEU H 158 18.41 -18.78 14.82
N LEU H 159 17.17 -18.52 15.22
CA LEU H 159 16.18 -19.57 15.45
C LEU H 159 15.90 -20.33 14.15
N SER H 160 15.79 -19.58 13.06
CA SER H 160 15.62 -20.18 11.73
C SER H 160 16.79 -21.13 11.41
N GLU H 161 18.01 -20.68 11.69
CA GLU H 161 19.22 -21.50 11.45
C GLU H 161 19.28 -22.80 12.27
N LYS H 162 19.02 -22.68 13.57
CA LYS H 162 19.03 -23.84 14.46
C LYS H 162 17.92 -24.79 14.03
N GLN H 163 16.85 -24.21 13.51
CA GLN H 163 15.75 -25.00 12.96
C GLN H 163 16.15 -25.72 11.68
N LEU H 164 17.04 -25.13 10.88
CA LEU H 164 17.59 -25.85 9.73
C LEU H 164 18.30 -27.10 10.22
N HIS H 165 19.09 -26.96 11.28
CA HIS H 165 19.75 -28.17 11.82
C HIS H 165 18.75 -29.22 12.32
N ILE H 166 17.79 -28.84 13.17
CA ILE H 166 16.81 -29.82 13.67
C ILE H 166 15.97 -30.46 12.55
N ASP H 167 15.56 -29.68 11.57
CA ASP H 167 14.79 -30.21 10.45
C ASP H 167 15.57 -31.17 9.54
N THR H 168 16.74 -30.74 9.07
CA THR H 168 17.55 -31.56 8.16
C THR H 168 17.99 -32.85 8.86
N LEU H 169 18.43 -32.71 10.10
CA LEU H 169 18.86 -33.84 10.93
C LEU H 169 17.69 -34.78 11.27
N GLU H 170 16.52 -34.22 11.59
CA GLU H 170 15.36 -35.06 11.86
C GLU H 170 14.97 -35.88 10.62
N ASN H 171 15.11 -35.29 9.44
CA ASN H 171 14.84 -36.02 8.21
C ASN H 171 15.88 -37.13 7.93
N ARG H 172 17.16 -36.85 8.16
CA ARG H 172 18.23 -37.85 8.02
C ARG H 172 18.42 -38.94 9.09
N ILE H 173 18.19 -38.61 10.35
CA ILE H 173 18.49 -39.48 11.49
C ILE H 173 17.68 -40.77 11.56
N ARG H 174 16.44 -40.74 11.09
CA ARG H 174 15.61 -41.93 11.05
C ARG H 174 16.19 -42.94 10.05
N THR H 175 16.73 -42.42 8.95
CA THR H 175 17.34 -43.22 7.90
C THR H 175 18.74 -43.76 8.27
N LEU H 176 19.39 -43.16 9.26
CA LEU H 176 20.77 -43.48 9.63
C LEU H 176 20.92 -44.66 10.59
N SER H 177 19.85 -45.40 10.80
CA SER H 177 19.88 -46.53 11.74
C SER H 177 20.61 -47.75 11.16
N LEU H 178 20.33 -48.11 9.90
CA LEU H 178 21.06 -49.21 9.27
C LEU H 178 22.43 -48.75 8.78
N GLU H 179 23.48 -49.36 9.31
CA GLU H 179 24.85 -48.99 8.96
C GLU H 179 25.85 -50.03 9.48
#